data_3FZ9
# 
_entry.id   3FZ9 
# 
_audit_conform.dict_name       mmcif_pdbx.dic 
_audit_conform.dict_version    5.378 
_audit_conform.dict_location   http://mmcif.pdb.org/dictionaries/ascii/mmcif_pdbx.dic 
# 
loop_
_database_2.database_id 
_database_2.database_code 
_database_2.pdbx_database_accession 
_database_2.pdbx_DOI 
PDB   3FZ9         pdb_00003fz9 10.2210/pdb3fz9/pdb 
RCSB  RCSB051223   ?            ?                   
WWPDB D_1000051223 ?            ?                   
# 
_pdbx_database_related.db_name        PDB 
_pdbx_database_related.db_id          3fza 
_pdbx_database_related.details        . 
_pdbx_database_related.content_type   unspecified 
# 
_pdbx_database_status.status_code                     REL 
_pdbx_database_status.entry_id                        3FZ9 
_pdbx_database_status.recvd_initial_deposition_date   2009-01-24 
_pdbx_database_status.deposit_site                    RCSB 
_pdbx_database_status.process_site                    RCSB 
_pdbx_database_status.status_code_sf                  REL 
_pdbx_database_status.status_code_mr                  ? 
_pdbx_database_status.SG_entry                        . 
_pdbx_database_status.pdb_format_compatible           Y 
_pdbx_database_status.status_code_cs                  ? 
_pdbx_database_status.status_code_nmr_data            ? 
_pdbx_database_status.methods_development_category    ? 
# 
loop_
_audit_author.name 
_audit_author.pdbx_ordinal 
'Didierjean, C.' 1 
'Corbier, C.'    2 
'Koh, C.S.'      3 
'Rouhier, N.'    4 
'Jacquot, J.P.'  5 
# 
_citation.id                        primary 
_citation.title                     
'Structure-function relationship of the chloroplastic glutaredoxin S12 with an atypical WCSYS active site.' 
_citation.journal_abbrev            J.Biol.Chem. 
_citation.journal_volume            284 
_citation.page_first                9299 
_citation.page_last                 9310 
_citation.year                      2009 
_citation.journal_id_ASTM           JBCHA3 
_citation.country                   US 
_citation.journal_id_ISSN           0021-9258 
_citation.journal_id_CSD            0071 
_citation.book_publisher            ? 
_citation.pdbx_database_id_PubMed   19158074 
_citation.pdbx_database_id_DOI      10.1074/jbc.M807998200 
# 
loop_
_citation_author.citation_id 
_citation_author.name 
_citation_author.ordinal 
_citation_author.identifier_ORCID 
primary 'Couturier, J.'    1  ? 
primary 'Koh, C.S.'        2  ? 
primary 'Zaffagnini, M.'   3  ? 
primary 'Winger, A.M.'     4  ? 
primary 'Gualberto, J.M.'  5  ? 
primary 'Corbier, C.'      6  ? 
primary 'Decottignies, P.' 7  ? 
primary 'Jacquot, J.P.'    8  ? 
primary 'Lemaire, S.D.'    9  ? 
primary 'Didierjean, C.'   10 ? 
primary 'Rouhier, N.'      11 ? 
# 
_cell.entry_id           3FZ9 
_cell.length_a           39.032 
_cell.length_b           47.265 
_cell.length_c           55.620 
_cell.angle_alpha        90.00 
_cell.angle_beta         90.00 
_cell.angle_gamma        90.00 
_cell.Z_PDB              4 
_cell.pdbx_unique_axis   ? 
_cell.length_a_esd       ? 
_cell.length_b_esd       ? 
_cell.length_c_esd       ? 
_cell.angle_alpha_esd    ? 
_cell.angle_beta_esd     ? 
_cell.angle_gamma_esd    ? 
# 
_symmetry.entry_id                         3FZ9 
_symmetry.space_group_name_H-M             'P 21 21 21' 
_symmetry.pdbx_full_space_group_name_H-M   ? 
_symmetry.cell_setting                     ? 
_symmetry.Int_Tables_number                19 
_symmetry.space_group_name_Hall            ? 
# 
loop_
_entity.id 
_entity.type 
_entity.src_method 
_entity.pdbx_description 
_entity.formula_weight 
_entity.pdbx_number_of_molecules 
_entity.pdbx_ec 
_entity.pdbx_mutation 
_entity.pdbx_fragment 
_entity.details 
1 polymer     man Glutaredoxin 12245.981 1   ? ? ? ? 
2 non-polymer syn GLUTATHIONE  307.323   1   ? ? ? ? 
3 water       nat water        18.015    186 ? ? ? ? 
# 
_entity_poly.entity_id                      1 
_entity_poly.type                           'polypeptide(L)' 
_entity_poly.nstd_linkage                   no 
_entity_poly.nstd_monomer                   no 
_entity_poly.pdbx_seq_one_letter_code       
;ASFGSRLEDAVKKTVAENPVVVYSKTWCSYSSEVKSLFKRLNVDPLVVELDELGAQGPQIQKVLERLTGQHTVPNVFIGG
KHIGGCTDTVKLYRKGELEPLLSEANAKKSQG
;
_entity_poly.pdbx_seq_one_letter_code_can   
;ASFGSRLEDAVKKTVAENPVVVYSKTWCSYSSEVKSLFKRLNVDPLVVELDELGAQGPQIQKVLERLTGQHTVPNVFIGG
KHIGGCTDTVKLYRKGELEPLLSEANAKKSQG
;
_entity_poly.pdbx_strand_id                 A 
_entity_poly.pdbx_target_identifier         ? 
# 
loop_
_entity_poly_seq.entity_id 
_entity_poly_seq.num 
_entity_poly_seq.mon_id 
_entity_poly_seq.hetero 
1 1   ALA n 
1 2   SER n 
1 3   PHE n 
1 4   GLY n 
1 5   SER n 
1 6   ARG n 
1 7   LEU n 
1 8   GLU n 
1 9   ASP n 
1 10  ALA n 
1 11  VAL n 
1 12  LYS n 
1 13  LYS n 
1 14  THR n 
1 15  VAL n 
1 16  ALA n 
1 17  GLU n 
1 18  ASN n 
1 19  PRO n 
1 20  VAL n 
1 21  VAL n 
1 22  VAL n 
1 23  TYR n 
1 24  SER n 
1 25  LYS n 
1 26  THR n 
1 27  TRP n 
1 28  CYS n 
1 29  SER n 
1 30  TYR n 
1 31  SER n 
1 32  SER n 
1 33  GLU n 
1 34  VAL n 
1 35  LYS n 
1 36  SER n 
1 37  LEU n 
1 38  PHE n 
1 39  LYS n 
1 40  ARG n 
1 41  LEU n 
1 42  ASN n 
1 43  VAL n 
1 44  ASP n 
1 45  PRO n 
1 46  LEU n 
1 47  VAL n 
1 48  VAL n 
1 49  GLU n 
1 50  LEU n 
1 51  ASP n 
1 52  GLU n 
1 53  LEU n 
1 54  GLY n 
1 55  ALA n 
1 56  GLN n 
1 57  GLY n 
1 58  PRO n 
1 59  GLN n 
1 60  ILE n 
1 61  GLN n 
1 62  LYS n 
1 63  VAL n 
1 64  LEU n 
1 65  GLU n 
1 66  ARG n 
1 67  LEU n 
1 68  THR n 
1 69  GLY n 
1 70  GLN n 
1 71  HIS n 
1 72  THR n 
1 73  VAL n 
1 74  PRO n 
1 75  ASN n 
1 76  VAL n 
1 77  PHE n 
1 78  ILE n 
1 79  GLY n 
1 80  GLY n 
1 81  LYS n 
1 82  HIS n 
1 83  ILE n 
1 84  GLY n 
1 85  GLY n 
1 86  CYS n 
1 87  THR n 
1 88  ASP n 
1 89  THR n 
1 90  VAL n 
1 91  LYS n 
1 92  LEU n 
1 93  TYR n 
1 94  ARG n 
1 95  LYS n 
1 96  GLY n 
1 97  GLU n 
1 98  LEU n 
1 99  GLU n 
1 100 PRO n 
1 101 LEU n 
1 102 LEU n 
1 103 SER n 
1 104 GLU n 
1 105 ALA n 
1 106 ASN n 
1 107 ALA n 
1 108 LYS n 
1 109 LYS n 
1 110 SER n 
1 111 GLN n 
1 112 GLY n 
# 
_entity_src_gen.entity_id                          1 
_entity_src_gen.pdbx_src_id                        1 
_entity_src_gen.pdbx_alt_source_flag               sample 
_entity_src_gen.pdbx_seq_type                      ? 
_entity_src_gen.pdbx_beg_seq_num                   ? 
_entity_src_gen.pdbx_end_seq_num                   ? 
_entity_src_gen.gene_src_common_name               ? 
_entity_src_gen.gene_src_genus                     ? 
_entity_src_gen.pdbx_gene_src_gene                 GrxS12 
_entity_src_gen.gene_src_species                   ? 
_entity_src_gen.gene_src_strain                    ? 
_entity_src_gen.gene_src_tissue                    ? 
_entity_src_gen.gene_src_tissue_fraction           ? 
_entity_src_gen.gene_src_details                   ? 
_entity_src_gen.pdbx_gene_src_fragment             ? 
_entity_src_gen.pdbx_gene_src_scientific_name      'Populus tremula x Populus tremuloides' 
_entity_src_gen.pdbx_gene_src_ncbi_taxonomy_id     47664 
_entity_src_gen.pdbx_gene_src_variant              ? 
_entity_src_gen.pdbx_gene_src_cell_line            ? 
_entity_src_gen.pdbx_gene_src_atcc                 ? 
_entity_src_gen.pdbx_gene_src_organ                leaf 
_entity_src_gen.pdbx_gene_src_organelle            ? 
_entity_src_gen.pdbx_gene_src_cell                 ? 
_entity_src_gen.pdbx_gene_src_cellular_location    ? 
_entity_src_gen.host_org_common_name               ? 
_entity_src_gen.pdbx_host_org_scientific_name      'Escherichia coli' 
_entity_src_gen.pdbx_host_org_ncbi_taxonomy_id     562 
_entity_src_gen.host_org_genus                     ? 
_entity_src_gen.pdbx_host_org_gene                 ? 
_entity_src_gen.pdbx_host_org_organ                ? 
_entity_src_gen.host_org_species                   ? 
_entity_src_gen.pdbx_host_org_tissue               ? 
_entity_src_gen.pdbx_host_org_tissue_fraction      ? 
_entity_src_gen.pdbx_host_org_strain               'BL21(DE3)' 
_entity_src_gen.pdbx_host_org_variant              ? 
_entity_src_gen.pdbx_host_org_cell_line            ? 
_entity_src_gen.pdbx_host_org_atcc                 ? 
_entity_src_gen.pdbx_host_org_culture_collection   ? 
_entity_src_gen.pdbx_host_org_cell                 ? 
_entity_src_gen.pdbx_host_org_organelle            ? 
_entity_src_gen.pdbx_host_org_cellular_location    ? 
_entity_src_gen.pdbx_host_org_vector_type          plasmid 
_entity_src_gen.pdbx_host_org_vector               ? 
_entity_src_gen.host_org_details                   ? 
_entity_src_gen.expression_system_id               ? 
_entity_src_gen.plasmid_name                       pSBET 
_entity_src_gen.plasmid_details                    ? 
_entity_src_gen.pdbx_description                   ? 
# 
_struct_ref.id                         1 
_struct_ref.db_name                    PDB 
_struct_ref.db_code                    3FZ9 
_struct_ref.pdbx_db_accession          3FZ9 
_struct_ref.entity_id                  1 
_struct_ref.pdbx_align_begin           2 
_struct_ref.pdbx_seq_one_letter_code   
;ASFGSRLEDAVKKTVAENPVVVYSKTWCSYSSEVKSLFKRLNVDPLVVELDELGAQGPQIQKVLERLTGQHTVPNVFIGG
KHIGGCTDTVKLYRKGELEPLLSEANAKKSQG
;
_struct_ref.pdbx_db_isoform            ? 
# 
_struct_ref_seq.align_id                      1 
_struct_ref_seq.ref_id                        1 
_struct_ref_seq.pdbx_PDB_id_code              3FZ9 
_struct_ref_seq.pdbx_strand_id                A 
_struct_ref_seq.seq_align_beg                 1 
_struct_ref_seq.pdbx_seq_align_beg_ins_code   ? 
_struct_ref_seq.seq_align_end                 112 
_struct_ref_seq.pdbx_seq_align_end_ins_code   ? 
_struct_ref_seq.pdbx_db_accession             3FZ9 
_struct_ref_seq.db_align_beg                  2 
_struct_ref_seq.pdbx_db_align_beg_ins_code    ? 
_struct_ref_seq.db_align_end                  113 
_struct_ref_seq.pdbx_db_align_end_ins_code    ? 
_struct_ref_seq.pdbx_auth_seq_align_beg       2 
_struct_ref_seq.pdbx_auth_seq_align_end       113 
# 
loop_
_chem_comp.id 
_chem_comp.type 
_chem_comp.mon_nstd_flag 
_chem_comp.name 
_chem_comp.pdbx_synonyms 
_chem_comp.formula 
_chem_comp.formula_weight 
ALA 'L-peptide linking' y ALANINE         ? 'C3 H7 N O2'      89.093  
ARG 'L-peptide linking' y ARGININE        ? 'C6 H15 N4 O2 1'  175.209 
ASN 'L-peptide linking' y ASPARAGINE      ? 'C4 H8 N2 O3'     132.118 
ASP 'L-peptide linking' y 'ASPARTIC ACID' ? 'C4 H7 N O4'      133.103 
CYS 'L-peptide linking' y CYSTEINE        ? 'C3 H7 N O2 S'    121.158 
GLN 'L-peptide linking' y GLUTAMINE       ? 'C5 H10 N2 O3'    146.144 
GLU 'L-peptide linking' y 'GLUTAMIC ACID' ? 'C5 H9 N O4'      147.129 
GLY 'peptide linking'   y GLYCINE         ? 'C2 H5 N O2'      75.067  
GSH non-polymer         . GLUTATHIONE     ? 'C10 H17 N3 O6 S' 307.323 
HIS 'L-peptide linking' y HISTIDINE       ? 'C6 H10 N3 O2 1'  156.162 
HOH non-polymer         . WATER           ? 'H2 O'            18.015  
ILE 'L-peptide linking' y ISOLEUCINE      ? 'C6 H13 N O2'     131.173 
LEU 'L-peptide linking' y LEUCINE         ? 'C6 H13 N O2'     131.173 
LYS 'L-peptide linking' y LYSINE          ? 'C6 H15 N2 O2 1'  147.195 
PHE 'L-peptide linking' y PHENYLALANINE   ? 'C9 H11 N O2'     165.189 
PRO 'L-peptide linking' y PROLINE         ? 'C5 H9 N O2'      115.130 
SER 'L-peptide linking' y SERINE          ? 'C3 H7 N O3'      105.093 
THR 'L-peptide linking' y THREONINE       ? 'C4 H9 N O3'      119.119 
TRP 'L-peptide linking' y TRYPTOPHAN      ? 'C11 H12 N2 O2'   204.225 
TYR 'L-peptide linking' y TYROSINE        ? 'C9 H11 N O3'     181.189 
VAL 'L-peptide linking' y VALINE          ? 'C5 H11 N O2'     117.146 
# 
_exptl.entry_id          3FZ9 
_exptl.method            'X-RAY DIFFRACTION' 
_exptl.crystals_number   1 
# 
_exptl_crystal.id                    1 
_exptl_crystal.density_meas          ? 
_exptl_crystal.density_Matthews      2.09 
_exptl_crystal.density_percent_sol   41.29 
_exptl_crystal.description           ? 
_exptl_crystal.F_000                 ? 
_exptl_crystal.preparation           ? 
# 
_exptl_crystal_grow.crystal_id      1 
_exptl_crystal_grow.method          'microbatch under oil' 
_exptl_crystal_grow.temp            293.15 
_exptl_crystal_grow.temp_details    ? 
_exptl_crystal_grow.pH              7.5 
_exptl_crystal_grow.pdbx_pH_range   ? 
_exptl_crystal_grow.pdbx_details    '0.1 M Na HEPES (pH 7.5) and 20 % PEG 8000, microbatch under oil, temperature 293.15K' 
# 
_diffrn.id                     1 
_diffrn.ambient_temp           100 
_diffrn.ambient_temp_details   ? 
_diffrn.crystal_id             1 
# 
_diffrn_detector.diffrn_id              1 
_diffrn_detector.detector               CCD 
_diffrn_detector.type                   'MAR CCD 165 mm' 
_diffrn_detector.pdbx_collection_date   2007-08-22 
_diffrn_detector.details                ? 
# 
_diffrn_radiation.diffrn_id                        1 
_diffrn_radiation.wavelength_id                    1 
_diffrn_radiation.pdbx_monochromatic_or_laue_m_l   M 
_diffrn_radiation.monochromator                    'Ge(111) triangular bent, compressing 7 deg. Fankuchen cut' 
_diffrn_radiation.pdbx_diffrn_protocol             'SINGLE WAVELENGTH' 
_diffrn_radiation.pdbx_scattering_type             x-ray 
# 
_diffrn_radiation_wavelength.id           1 
_diffrn_radiation_wavelength.wavelength   0.8150 
_diffrn_radiation_wavelength.wt           1.0 
# 
_diffrn_source.diffrn_id                   1 
_diffrn_source.source                      SYNCHROTRON 
_diffrn_source.type                        'EMBL/DESY, HAMBURG BEAMLINE X11' 
_diffrn_source.pdbx_synchrotron_site       'EMBL/DESY, HAMBURG' 
_diffrn_source.pdbx_synchrotron_beamline   X11 
_diffrn_source.pdbx_wavelength             ? 
_diffrn_source.pdbx_wavelength_list        0.8150 
# 
_reflns.entry_id                     3FZ9 
_reflns.observed_criterion_sigma_I   0 
_reflns.observed_criterion_sigma_F   0 
_reflns.d_resolution_low             50 
_reflns.d_resolution_high            1.70 
_reflns.number_obs                   11857 
_reflns.number_all                   ? 
_reflns.percent_possible_obs         99.7 
_reflns.pdbx_Rmerge_I_obs            0.045 
_reflns.pdbx_Rsym_value              ? 
_reflns.pdbx_netI_over_sigmaI        13.4 
_reflns.B_iso_Wilson_estimate        ? 
_reflns.pdbx_redundancy              4.5 
_reflns.R_free_details               ? 
_reflns.limit_h_max                  ? 
_reflns.limit_h_min                  ? 
_reflns.limit_k_max                  ? 
_reflns.limit_k_min                  ? 
_reflns.limit_l_max                  ? 
_reflns.limit_l_min                  ? 
_reflns.observed_criterion_F_max     ? 
_reflns.observed_criterion_F_min     ? 
_reflns.pdbx_chi_squared             ? 
_reflns.pdbx_scaling_rejects         ? 
_reflns.pdbx_diffrn_id               1 
_reflns.pdbx_ordinal                 1 
# 
_reflns_shell.d_res_high             1.70 
_reflns_shell.d_res_low              1.73 
_reflns_shell.percent_possible_all   95 
_reflns_shell.Rmerge_I_obs           0.24 
_reflns_shell.pdbx_Rsym_value        ? 
_reflns_shell.meanI_over_sigI_obs    2.3 
_reflns_shell.pdbx_redundancy        4.2 
_reflns_shell.percent_possible_obs   ? 
_reflns_shell.number_unique_all      ? 
_reflns_shell.number_measured_all    ? 
_reflns_shell.number_measured_obs    ? 
_reflns_shell.number_unique_obs      ? 
_reflns_shell.pdbx_chi_squared       ? 
_reflns_shell.pdbx_diffrn_id         ? 
_reflns_shell.pdbx_ordinal           1 
# 
_refine.pdbx_refine_id                           'X-RAY DIFFRACTION' 
_refine.entry_id                                 3FZ9 
_refine.ls_number_reflns_obs                     11233 
_refine.ls_number_reflns_all                     11234 
_refine.pdbx_ls_sigma_I                          ? 
_refine.pdbx_ls_sigma_F                          . 
_refine.pdbx_data_cutoff_high_absF               ? 
_refine.pdbx_data_cutoff_low_absF                ? 
_refine.pdbx_data_cutoff_high_rms_absF           ? 
_refine.ls_d_res_low                             31.94 
_refine.ls_d_res_high                            1.70 
_refine.ls_percent_reflns_obs                    99.26 
_refine.ls_R_factor_obs                          0.19424 
_refine.ls_R_factor_all                          ? 
_refine.ls_R_factor_R_work                       0.19201 
_refine.ls_R_factor_R_free                       0.23761 
_refine.ls_R_factor_R_free_error                 ? 
_refine.ls_R_factor_R_free_error_details         ? 
_refine.ls_percent_reflns_R_free                 4.8 
_refine.ls_number_reflns_R_free                  564 
_refine.ls_number_parameters                     ? 
_refine.ls_number_restraints                     ? 
_refine.occupancy_min                            ? 
_refine.occupancy_max                            ? 
_refine.correlation_coeff_Fo_to_Fc               0.953 
_refine.correlation_coeff_Fo_to_Fc_free          0.923 
_refine.B_iso_mean                               20.446 
_refine.aniso_B[1][1]                            -0.02 
_refine.aniso_B[2][2]                            0.03 
_refine.aniso_B[3][3]                            0.00 
_refine.aniso_B[1][2]                            0.00 
_refine.aniso_B[1][3]                            0.00 
_refine.aniso_B[2][3]                            0.00 
_refine.solvent_model_details                    MASK 
_refine.solvent_model_param_ksol                 ? 
_refine.solvent_model_param_bsol                 ? 
_refine.pdbx_solvent_vdw_probe_radii             1.20 
_refine.pdbx_solvent_ion_probe_radii             0.80 
_refine.pdbx_solvent_shrinkage_radii             0.80 
_refine.pdbx_ls_cross_valid_method               THROUGHOUT 
_refine.details                                  'HYDROGENS HAVE BEEN ADDED IN THE RIDING POSITIONS' 
_refine.pdbx_starting_model                      'PDB ENTRY 2FLS' 
_refine.pdbx_method_to_determine_struct          'MOLECULAR REPLACEMENT' 
_refine.pdbx_isotropic_thermal_model             ? 
_refine.pdbx_stereochemistry_target_values       'MAXIMUM LIKELIHOOD' 
_refine.pdbx_stereochem_target_val_spec_case     ? 
_refine.pdbx_R_Free_selection_details            RANDOM 
_refine.pdbx_overall_ESU_R                       0.126 
_refine.pdbx_overall_ESU_R_Free                  0.124 
_refine.overall_SU_ML                            0.083 
_refine.pdbx_overall_phase_error                 ? 
_refine.overall_SU_B                             2.446 
_refine.ls_redundancy_reflns_obs                 ? 
_refine.B_iso_min                                ? 
_refine.B_iso_max                                ? 
_refine.overall_SU_R_Cruickshank_DPI             ? 
_refine.overall_SU_R_free                        ? 
_refine.ls_wR_factor_R_free                      ? 
_refine.ls_wR_factor_R_work                      ? 
_refine.overall_FOM_free_R_set                   ? 
_refine.overall_FOM_work_R_set                   ? 
_refine.pdbx_diffrn_id                           1 
_refine.pdbx_TLS_residual_ADP_flag               ? 
_refine.pdbx_overall_SU_R_free_Cruickshank_DPI   ? 
_refine.pdbx_overall_SU_R_Blow_DPI               ? 
_refine.pdbx_overall_SU_R_free_Blow_DPI          ? 
# 
_refine_hist.pdbx_refine_id                   'X-RAY DIFFRACTION' 
_refine_hist.cycle_id                         LAST 
_refine_hist.pdbx_number_atoms_protein        819 
_refine_hist.pdbx_number_atoms_nucleic_acid   0 
_refine_hist.pdbx_number_atoms_ligand         20 
_refine_hist.number_atoms_solvent             186 
_refine_hist.number_atoms_total               1025 
_refine_hist.d_res_high                       1.70 
_refine_hist.d_res_low                        31.94 
# 
loop_
_refine_ls_restr.type 
_refine_ls_restr.dev_ideal 
_refine_ls_restr.dev_ideal_target 
_refine_ls_restr.weight 
_refine_ls_restr.number 
_refine_ls_restr.pdbx_refine_id 
_refine_ls_restr.pdbx_restraint_function 
r_bond_refined_d             0.012  0.022  ? 851  'X-RAY DIFFRACTION' ? 
r_bond_other_d               ?      ?      ? ?    'X-RAY DIFFRACTION' ? 
r_angle_refined_deg          1.397  2.009  ? 1148 'X-RAY DIFFRACTION' ? 
r_angle_other_deg            ?      ?      ? ?    'X-RAY DIFFRACTION' ? 
r_dihedral_angle_1_deg       5.520  5.000  ? 105  'X-RAY DIFFRACTION' ? 
r_dihedral_angle_2_deg       35.794 25.152 ? 33   'X-RAY DIFFRACTION' ? 
r_dihedral_angle_3_deg       14.217 15.000 ? 156  'X-RAY DIFFRACTION' ? 
r_dihedral_angle_4_deg       12.609 15.000 ? 4    'X-RAY DIFFRACTION' ? 
r_chiral_restr               0.085  0.200  ? 133  'X-RAY DIFFRACTION' ? 
r_gen_planes_refined         0.005  0.020  ? 620  'X-RAY DIFFRACTION' ? 
r_gen_planes_other           ?      ?      ? ?    'X-RAY DIFFRACTION' ? 
r_nbd_refined                0.218  0.200  ? 421  'X-RAY DIFFRACTION' ? 
r_nbd_other                  ?      ?      ? ?    'X-RAY DIFFRACTION' ? 
r_nbtor_refined              0.303  0.200  ? 580  'X-RAY DIFFRACTION' ? 
r_nbtor_other                ?      ?      ? ?    'X-RAY DIFFRACTION' ? 
r_xyhbond_nbd_refined        0.142  0.200  ? 130  'X-RAY DIFFRACTION' ? 
r_xyhbond_nbd_other          ?      ?      ? ?    'X-RAY DIFFRACTION' ? 
r_metal_ion_refined          ?      ?      ? ?    'X-RAY DIFFRACTION' ? 
r_metal_ion_other            ?      ?      ? ?    'X-RAY DIFFRACTION' ? 
r_symmetry_vdw_refined       0.162  0.200  ? 27   'X-RAY DIFFRACTION' ? 
r_symmetry_vdw_other         ?      ?      ? ?    'X-RAY DIFFRACTION' ? 
r_symmetry_hbond_refined     0.147  0.200  ? 14   'X-RAY DIFFRACTION' ? 
r_symmetry_hbond_other       ?      ?      ? ?    'X-RAY DIFFRACTION' ? 
r_symmetry_metal_ion_refined ?      ?      ? ?    'X-RAY DIFFRACTION' ? 
r_symmetry_metal_ion_other   ?      ?      ? ?    'X-RAY DIFFRACTION' ? 
r_mcbond_it                  0.857  1.500  ? 539  'X-RAY DIFFRACTION' ? 
r_mcbond_other               ?      ?      ? ?    'X-RAY DIFFRACTION' ? 
r_mcangle_it                 1.379  2.000  ? 850  'X-RAY DIFFRACTION' ? 
r_scbond_it                  2.479  3.000  ? 347  'X-RAY DIFFRACTION' ? 
r_scangle_it                 3.844  4.500  ? 298  'X-RAY DIFFRACTION' ? 
r_rigid_bond_restr           ?      ?      ? ?    'X-RAY DIFFRACTION' ? 
r_sphericity_free            ?      ?      ? ?    'X-RAY DIFFRACTION' ? 
r_sphericity_bonded          ?      ?      ? ?    'X-RAY DIFFRACTION' ? 
# 
_refine_ls_shell.pdbx_refine_id                   'X-RAY DIFFRACTION' 
_refine_ls_shell.pdbx_total_number_of_bins_used   20 
_refine_ls_shell.d_res_high                       1.696 
_refine_ls_shell.d_res_low                        1.740 
_refine_ls_shell.number_reflns_R_work             744 
_refine_ls_shell.R_factor_R_work                  0.238 
_refine_ls_shell.percent_reflns_obs               91.90 
_refine_ls_shell.R_factor_R_free                  0.250 
_refine_ls_shell.R_factor_R_free_error            ? 
_refine_ls_shell.percent_reflns_R_free            ? 
_refine_ls_shell.number_reflns_R_free             27 
_refine_ls_shell.number_reflns_all                ? 
_refine_ls_shell.R_factor_all                     ? 
_refine_ls_shell.redundancy_reflns_obs            ? 
_refine_ls_shell.number_reflns_obs                ? 
# 
_struct.entry_id                  3FZ9 
_struct.title                     'Crystal structure of poplar glutaredoxin S12 in complex with glutathione' 
_struct.pdbx_model_details        ? 
_struct.pdbx_CASP_flag            ? 
_struct.pdbx_model_type_details   ? 
# 
_struct_keywords.entry_id        3FZ9 
_struct_keywords.pdbx_keywords   OXIDOREDUCTASE 
_struct_keywords.text            'Glutaredoxin, OXIDOREDUCTASE' 
# 
loop_
_struct_asym.id 
_struct_asym.pdbx_blank_PDB_chainid_flag 
_struct_asym.pdbx_modified 
_struct_asym.entity_id 
_struct_asym.details 
A N N 1 ? 
B N N 2 ? 
C N N 3 ? 
# 
_struct_biol.id        1 
_struct_biol.details   ? 
# 
loop_
_struct_conf.conf_type_id 
_struct_conf.id 
_struct_conf.pdbx_PDB_helix_id 
_struct_conf.beg_label_comp_id 
_struct_conf.beg_label_asym_id 
_struct_conf.beg_label_seq_id 
_struct_conf.pdbx_beg_PDB_ins_code 
_struct_conf.end_label_comp_id 
_struct_conf.end_label_asym_id 
_struct_conf.end_label_seq_id 
_struct_conf.pdbx_end_PDB_ins_code 
_struct_conf.beg_auth_comp_id 
_struct_conf.beg_auth_asym_id 
_struct_conf.beg_auth_seq_id 
_struct_conf.end_auth_comp_id 
_struct_conf.end_auth_asym_id 
_struct_conf.end_auth_seq_id 
_struct_conf.pdbx_PDB_helix_class 
_struct_conf.details 
_struct_conf.pdbx_PDB_helix_length 
HELX_P HELX_P1 1 GLY A 4  ? ASN A 18  ? GLY A 5  ASN A 19  1 ? 15 
HELX_P HELX_P2 2 CYS A 28 ? LEU A 41  ? CYS A 29 LEU A 42  1 ? 14 
HELX_P HELX_P3 3 ASP A 51 ? GLY A 54  ? ASP A 52 GLY A 55  5 ? 4  
HELX_P HELX_P4 4 ALA A 55 ? GLY A 69  ? ALA A 56 GLY A 70  1 ? 15 
HELX_P HELX_P5 5 GLY A 85 ? LYS A 95  ? GLY A 86 LYS A 96  1 ? 11 
HELX_P HELX_P6 6 GLU A 97 ? ALA A 105 ? GLU A 98 ALA A 106 1 ? 9  
# 
_struct_conf_type.id          HELX_P 
_struct_conf_type.criteria    ? 
_struct_conf_type.reference   ? 
# 
_struct_conn.id                            covale1 
_struct_conn.conn_type_id                  covale 
_struct_conn.pdbx_leaving_atom_flag        one 
_struct_conn.pdbx_PDB_id                   ? 
_struct_conn.ptnr1_label_asym_id           B 
_struct_conn.ptnr1_label_comp_id           GSH 
_struct_conn.ptnr1_label_seq_id            . 
_struct_conn.ptnr1_label_atom_id           SG2 
_struct_conn.pdbx_ptnr1_label_alt_id       ? 
_struct_conn.pdbx_ptnr1_PDB_ins_code       ? 
_struct_conn.pdbx_ptnr1_standard_comp_id   ? 
_struct_conn.ptnr1_symmetry                1_555 
_struct_conn.ptnr2_label_asym_id           A 
_struct_conn.ptnr2_label_comp_id           CYS 
_struct_conn.ptnr2_label_seq_id            28 
_struct_conn.ptnr2_label_atom_id           SG 
_struct_conn.pdbx_ptnr2_label_alt_id       ? 
_struct_conn.pdbx_ptnr2_PDB_ins_code       ? 
_struct_conn.ptnr1_auth_asym_id            A 
_struct_conn.ptnr1_auth_comp_id            GSH 
_struct_conn.ptnr1_auth_seq_id             1 
_struct_conn.ptnr2_auth_asym_id            A 
_struct_conn.ptnr2_auth_comp_id            CYS 
_struct_conn.ptnr2_auth_seq_id             29 
_struct_conn.ptnr2_symmetry                1_555 
_struct_conn.pdbx_ptnr3_label_atom_id      ? 
_struct_conn.pdbx_ptnr3_label_seq_id       ? 
_struct_conn.pdbx_ptnr3_label_comp_id      ? 
_struct_conn.pdbx_ptnr3_label_asym_id      ? 
_struct_conn.pdbx_ptnr3_label_alt_id       ? 
_struct_conn.pdbx_ptnr3_PDB_ins_code       ? 
_struct_conn.details                       ? 
_struct_conn.pdbx_dist_value               2.277 
_struct_conn.pdbx_value_order              ? 
_struct_conn.pdbx_role                     ? 
# 
_struct_conn_type.id          covale 
_struct_conn_type.criteria    ? 
_struct_conn_type.reference   ? 
# 
_struct_mon_prot_cis.pdbx_id                1 
_struct_mon_prot_cis.label_comp_id          VAL 
_struct_mon_prot_cis.label_seq_id           73 
_struct_mon_prot_cis.label_asym_id          A 
_struct_mon_prot_cis.label_alt_id           . 
_struct_mon_prot_cis.pdbx_PDB_ins_code      ? 
_struct_mon_prot_cis.auth_comp_id           VAL 
_struct_mon_prot_cis.auth_seq_id            74 
_struct_mon_prot_cis.auth_asym_id           A 
_struct_mon_prot_cis.pdbx_label_comp_id_2   PRO 
_struct_mon_prot_cis.pdbx_label_seq_id_2    74 
_struct_mon_prot_cis.pdbx_label_asym_id_2   A 
_struct_mon_prot_cis.pdbx_PDB_ins_code_2    ? 
_struct_mon_prot_cis.pdbx_auth_comp_id_2    PRO 
_struct_mon_prot_cis.pdbx_auth_seq_id_2     75 
_struct_mon_prot_cis.pdbx_auth_asym_id_2    A 
_struct_mon_prot_cis.pdbx_PDB_model_num     1 
_struct_mon_prot_cis.pdbx_omega_angle       2.77 
# 
_struct_sheet.id               A 
_struct_sheet.type             ? 
_struct_sheet.number_strands   4 
_struct_sheet.details          ? 
# 
loop_
_struct_sheet_order.sheet_id 
_struct_sheet_order.range_id_1 
_struct_sheet_order.range_id_2 
_struct_sheet_order.offset 
_struct_sheet_order.sense 
A 1 2 ? parallel      
A 2 3 ? anti-parallel 
A 3 4 ? anti-parallel 
# 
loop_
_struct_sheet_range.sheet_id 
_struct_sheet_range.id 
_struct_sheet_range.beg_label_comp_id 
_struct_sheet_range.beg_label_asym_id 
_struct_sheet_range.beg_label_seq_id 
_struct_sheet_range.pdbx_beg_PDB_ins_code 
_struct_sheet_range.end_label_comp_id 
_struct_sheet_range.end_label_asym_id 
_struct_sheet_range.end_label_seq_id 
_struct_sheet_range.pdbx_end_PDB_ins_code 
_struct_sheet_range.beg_auth_comp_id 
_struct_sheet_range.beg_auth_asym_id 
_struct_sheet_range.beg_auth_seq_id 
_struct_sheet_range.end_auth_comp_id 
_struct_sheet_range.end_auth_asym_id 
_struct_sheet_range.end_auth_seq_id 
A 1 LEU A 46 ? GLU A 49 ? LEU A 47 GLU A 50 
A 2 VAL A 20 ? SER A 24 ? VAL A 21 SER A 25 
A 3 ASN A 75 ? ILE A 78 ? ASN A 76 ILE A 79 
A 4 LYS A 81 ? GLY A 84 ? LYS A 82 GLY A 85 
# 
loop_
_pdbx_struct_sheet_hbond.sheet_id 
_pdbx_struct_sheet_hbond.range_id_1 
_pdbx_struct_sheet_hbond.range_id_2 
_pdbx_struct_sheet_hbond.range_1_label_atom_id 
_pdbx_struct_sheet_hbond.range_1_label_comp_id 
_pdbx_struct_sheet_hbond.range_1_label_asym_id 
_pdbx_struct_sheet_hbond.range_1_label_seq_id 
_pdbx_struct_sheet_hbond.range_1_PDB_ins_code 
_pdbx_struct_sheet_hbond.range_1_auth_atom_id 
_pdbx_struct_sheet_hbond.range_1_auth_comp_id 
_pdbx_struct_sheet_hbond.range_1_auth_asym_id 
_pdbx_struct_sheet_hbond.range_1_auth_seq_id 
_pdbx_struct_sheet_hbond.range_2_label_atom_id 
_pdbx_struct_sheet_hbond.range_2_label_comp_id 
_pdbx_struct_sheet_hbond.range_2_label_asym_id 
_pdbx_struct_sheet_hbond.range_2_label_seq_id 
_pdbx_struct_sheet_hbond.range_2_PDB_ins_code 
_pdbx_struct_sheet_hbond.range_2_auth_atom_id 
_pdbx_struct_sheet_hbond.range_2_auth_comp_id 
_pdbx_struct_sheet_hbond.range_2_auth_asym_id 
_pdbx_struct_sheet_hbond.range_2_auth_seq_id 
A 1 2 O VAL A 48 ? O VAL A 49 N SER A 24 ? N SER A 25 
A 2 3 N VAL A 21 ? N VAL A 22 O PHE A 77 ? O PHE A 78 
A 3 4 N VAL A 76 ? N VAL A 77 O GLY A 84 ? O GLY A 85 
# 
_struct_site.id                   AC1 
_struct_site.pdbx_evidence_code   Software 
_struct_site.pdbx_auth_asym_id    A 
_struct_site.pdbx_auth_comp_id    GSH 
_struct_site.pdbx_auth_seq_id     1 
_struct_site.pdbx_auth_ins_code   ? 
_struct_site.pdbx_num_residues    20 
_struct_site.details              'BINDING SITE FOR RESIDUE GSH A 1' 
# 
loop_
_struct_site_gen.id 
_struct_site_gen.site_id 
_struct_site_gen.pdbx_num_res 
_struct_site_gen.label_comp_id 
_struct_site_gen.label_asym_id 
_struct_site_gen.label_seq_id 
_struct_site_gen.pdbx_auth_ins_code 
_struct_site_gen.auth_comp_id 
_struct_site_gen.auth_asym_id 
_struct_site_gen.auth_seq_id 
_struct_site_gen.label_atom_id 
_struct_site_gen.label_alt_id 
_struct_site_gen.symmetry 
_struct_site_gen.details 
1  AC1 20 TRP A 27 ? TRP A 28  . ? 1_555 ? 
2  AC1 20 CYS A 28 ? CYS A 29  . ? 1_555 ? 
3  AC1 20 TYR A 30 ? TYR A 31  . ? 1_555 ? 
4  AC1 20 ARG A 66 ? ARG A 67  . ? 4_455 ? 
5  AC1 20 LEU A 67 ? LEU A 68  . ? 4_455 ? 
6  AC1 20 HIS A 71 ? HIS A 72  . ? 1_555 ? 
7  AC1 20 THR A 72 ? THR A 73  . ? 1_555 ? 
8  AC1 20 VAL A 73 ? VAL A 74  . ? 1_555 ? 
9  AC1 20 PRO A 74 ? PRO A 75  . ? 1_555 ? 
10 AC1 20 HIS A 82 ? HIS A 83  . ? 4_455 ? 
11 AC1 20 GLY A 85 ? GLY A 86  . ? 1_555 ? 
12 AC1 20 CYS A 86 ? CYS A 87  . ? 1_555 ? 
13 AC1 20 THR A 87 ? THR A 88  . ? 1_555 ? 
14 AC1 20 HOH C .  ? HOH A 175 . ? 1_555 ? 
15 AC1 20 HOH C .  ? HOH A 197 . ? 1_555 ? 
16 AC1 20 HOH C .  ? HOH A 198 . ? 1_555 ? 
17 AC1 20 HOH C .  ? HOH A 199 . ? 1_555 ? 
18 AC1 20 HOH C .  ? HOH A 230 . ? 1_555 ? 
19 AC1 20 HOH C .  ? HOH A 277 . ? 1_555 ? 
20 AC1 20 HOH C .  ? HOH A 278 . ? 1_555 ? 
# 
_atom_sites.entry_id                    3FZ9 
_atom_sites.fract_transf_matrix[1][1]   0.00007471 
_atom_sites.fract_transf_matrix[1][2]   0.01731395 
_atom_sites.fract_transf_matrix[1][3]   -0.01888401 
_atom_sites.fract_transf_matrix[2][1]   -0.02115232 
_atom_sites.fract_transf_matrix[2][2]   0.00036659 
_atom_sites.fract_transf_matrix[2][3]   0.00025243 
_atom_sites.fract_transf_matrix[3][1]   0.00037459 
_atom_sites.fract_transf_matrix[3][2]   0.01324842 
_atom_sites.fract_transf_matrix[3][3]   0.01214840 
_atom_sites.fract_transf_vector[1]      0.215949 
_atom_sites.fract_transf_vector[2]      0.078447 
_atom_sites.fract_transf_vector[3]      0.082895 
# 
loop_
_atom_type.symbol 
C 
N 
O 
S 
# 
loop_
_atom_site.group_PDB 
_atom_site.id 
_atom_site.type_symbol 
_atom_site.label_atom_id 
_atom_site.label_alt_id 
_atom_site.label_comp_id 
_atom_site.label_asym_id 
_atom_site.label_entity_id 
_atom_site.label_seq_id 
_atom_site.pdbx_PDB_ins_code 
_atom_site.Cartn_x 
_atom_site.Cartn_y 
_atom_site.Cartn_z 
_atom_site.occupancy 
_atom_site.B_iso_or_equiv 
_atom_site.pdbx_formal_charge 
_atom_site.auth_seq_id 
_atom_site.auth_comp_id 
_atom_site.auth_asym_id 
_atom_site.auth_atom_id 
_atom_site.pdbx_PDB_model_num 
ATOM   1    N N   . GLY A 1 4   ? -17.511 9.059   6.856   1.00 32.40 ? 5   GLY A N   1 
ATOM   2    C CA  . GLY A 1 4   ? -17.277 8.035   5.796   1.00 31.65 ? 5   GLY A CA  1 
ATOM   3    C C   . GLY A 1 4   ? -16.681 8.630   4.522   1.00 31.67 ? 5   GLY A C   1 
ATOM   4    O O   . GLY A 1 4   ? -15.727 8.077   3.940   1.00 31.04 ? 5   GLY A O   1 
ATOM   5    N N   . SER A 1 5   ? -17.245 9.756   4.085   1.00 31.15 ? 6   SER A N   1 
ATOM   6    C CA  . SER A 1 5   ? -16.690 10.475  2.941   1.00 29.80 ? 6   SER A CA  1 
ATOM   7    C C   . SER A 1 5   ? -15.382 11.180  3.316   1.00 28.75 ? 6   SER A C   1 
ATOM   8    O O   . SER A 1 5   ? -14.497 11.292  2.480   1.00 27.90 ? 6   SER A O   1 
ATOM   9    C CB  . SER A 1 5   ? -17.711 11.434  2.303   1.00 30.82 ? 6   SER A CB  1 
ATOM   10   O OG  . SER A 1 5   ? -17.789 12.683  2.985   1.00 31.74 ? 6   SER A OG  1 
ATOM   11   N N   . ARG A 1 6   ? -15.271 11.652  4.565   1.00 27.39 ? 7   ARG A N   1 
ATOM   12   C CA  . ARG A 1 6   ? -14.019 12.233  5.065   1.00 26.55 ? 7   ARG A CA  1 
ATOM   13   C C   . ARG A 1 6   ? -12.937 11.168  5.177   1.00 24.59 ? 7   ARG A C   1 
ATOM   14   O O   . ARG A 1 6   ? -11.767 11.459  4.962   1.00 24.44 ? 7   ARG A O   1 
ATOM   15   C CB  . ARG A 1 6   ? -14.189 12.878  6.444   1.00 27.02 ? 7   ARG A CB  1 
ATOM   16   C CG  . ARG A 1 6   ? -15.036 14.132  6.505   1.00 30.97 ? 7   ARG A CG  1 
ATOM   17   C CD  . ARG A 1 6   ? -15.430 14.389  7.958   1.00 35.89 ? 7   ARG A CD  1 
ATOM   18   N NE  . ARG A 1 6   ? -16.883 14.402  8.142   1.00 41.15 ? 7   ARG A NE  1 
ATOM   19   C CZ  . ARG A 1 6   ? -17.622 15.499  8.323   1.00 43.35 ? 7   ARG A CZ  1 
ATOM   20   N NH1 . ARG A 1 6   ? -17.055 16.700  8.354   1.00 44.71 ? 7   ARG A NH1 1 
ATOM   21   N NH2 . ARG A 1 6   ? -18.939 15.392  8.480   1.00 43.41 ? 7   ARG A NH2 1 
ATOM   22   N N   . LEU A 1 7   ? -13.314 9.945   5.542   1.00 23.25 ? 8   LEU A N   1 
ATOM   23   C CA  . LEU A 1 7   ? -12.311 8.884   5.660   1.00 21.71 ? 8   LEU A CA  1 
ATOM   24   C C   . LEU A 1 7   ? -11.776 8.497   4.285   1.00 20.66 ? 8   LEU A C   1 
ATOM   25   O O   . LEU A 1 7   ? -10.570 8.318   4.110   1.00 19.98 ? 8   LEU A O   1 
ATOM   26   C CB  . LEU A 1 7   ? -12.849 7.667   6.424   1.00 21.79 ? 8   LEU A CB  1 
ATOM   27   C CG  . LEU A 1 7   ? -11.804 6.606   6.746   1.00 22.17 ? 8   LEU A CG  1 
ATOM   28   C CD1 . LEU A 1 7   ? -10.640 7.174   7.586   1.00 23.10 ? 8   LEU A CD1 1 
ATOM   29   C CD2 . LEU A 1 7   ? -12.453 5.425   7.446   1.00 22.32 ? 8   LEU A CD2 1 
ATOM   30   N N   . GLU A 1 8   ? -12.679 8.395   3.314   1.00 19.69 ? 9   GLU A N   1 
ATOM   31   C CA  . GLU A 1 8   ? -12.301 8.166   1.921   1.00 19.51 ? 9   GLU A CA  1 
ATOM   32   C C   . GLU A 1 8   ? -11.371 9.278   1.414   1.00 19.27 ? 9   GLU A C   1 
ATOM   33   O O   . GLU A 1 8   ? -10.369 9.008   0.738   1.00 19.22 ? 9   GLU A O   1 
ATOM   34   C CB  . GLU A 1 8   ? -13.549 8.073   1.035   1.00 19.14 ? 9   GLU A CB  1 
ATOM   35   C CG  . GLU A 1 8   ? -13.206 7.796   -0.427  1.00 20.05 ? 9   GLU A CG  1 
ATOM   36   C CD  . GLU A 1 8   ? -14.394 7.328   -1.269  1.00 21.38 ? 9   GLU A CD  1 
ATOM   37   O OE1 . GLU A 1 8   ? -15.459 7.001   -0.704  1.00 21.98 ? 9   GLU A OE1 1 
ATOM   38   O OE2 . GLU A 1 8   ? -14.241 7.268   -2.508  1.00 23.42 ? 9   GLU A OE2 1 
ATOM   39   N N   . ASP A 1 9   ? -11.715 10.520  1.749   1.00 18.34 ? 10  ASP A N   1 
ATOM   40   C CA  . ASP A 1 9   ? -10.918 11.666  1.339   1.00 18.84 ? 10  ASP A CA  1 
ATOM   41   C C   . ASP A 1 9   ? -9.514  11.576  1.943   1.00 17.10 ? 10  ASP A C   1 
ATOM   42   O O   . ASP A 1 9   ? -8.525  11.869  1.265   1.00 16.98 ? 10  ASP A O   1 
ATOM   43   C CB  . ASP A 1 9   ? -11.602 12.967  1.755   1.00 19.62 ? 10  ASP A CB  1 
ATOM   44   C CG  . ASP A 1 9   ? -10.857 14.196  1.250   1.00 25.68 ? 10  ASP A CG  1 
ATOM   45   O OD1 . ASP A 1 9   ? -10.213 14.887  2.070   1.00 29.53 ? 10  ASP A OD1 1 
ATOM   46   O OD2 . ASP A 1 9   ? -10.894 14.460  0.028   1.00 30.20 ? 10  ASP A OD2 1 
ATOM   47   N N   . ALA A 1 10  ? -9.448  11.136  3.202   1.00 16.03 ? 11  ALA A N   1 
ATOM   48   C CA  . ALA A 1 10  ? -8.177  11.036  3.940   1.00 15.61 ? 11  ALA A CA  1 
ATOM   49   C C   . ALA A 1 10  ? -7.294  9.955   3.356   1.00 15.46 ? 11  ALA A C   1 
ATOM   50   O O   . ALA A 1 10  ? -6.087  10.154  3.186   1.00 15.43 ? 11  ALA A O   1 
ATOM   51   C CB  . ALA A 1 10  ? -8.422  10.793  5.413   1.00 16.06 ? 11  ALA A CB  1 
ATOM   52   N N   . VAL A 1 11  ? -7.898  8.814   3.019   1.00 15.08 ? 12  VAL A N   1 
ATOM   53   C CA  . VAL A 1 11  ? -7.173  7.757   2.307   1.00 14.74 ? 12  VAL A CA  1 
ATOM   54   C C   . VAL A 1 11  ? -6.616  8.266   0.980   1.00 14.35 ? 12  VAL A C   1 
ATOM   55   O O   . VAL A 1 11  ? -5.451  8.067   0.664   1.00 14.13 ? 12  VAL A O   1 
ATOM   56   C CB  . VAL A 1 11  ? -8.055  6.505   2.100   1.00 14.32 ? 12  VAL A CB  1 
ATOM   57   C CG1 . VAL A 1 11  ? -7.390  5.519   1.146   1.00 15.03 ? 12  VAL A CG1 1 
ATOM   58   C CG2 . VAL A 1 11  ? -8.342  5.858   3.444   1.00 14.79 ? 12  VAL A CG2 1 
ATOM   59   N N   . LYS A 1 12  ? -7.459  8.931   0.199   1.00 14.61 ? 13  LYS A N   1 
ATOM   60   C CA  . LYS A 1 12  ? -7.030  9.500   -1.077  1.00 14.41 ? 13  LYS A CA  1 
ATOM   61   C C   . LYS A 1 12  ? -5.839  10.469  -0.928  1.00 14.67 ? 13  LYS A C   1 
ATOM   62   O O   . LYS A 1 12  ? -4.858  10.418  -1.704  1.00 14.82 ? 13  LYS A O   1 
ATOM   63   C CB  . LYS A 1 12  ? -8.225  10.181  -1.747  1.00 14.86 ? 13  LYS A CB  1 
ATOM   64   C CG  . LYS A 1 12  ? -9.279  9.181   -2.258  1.00 17.23 ? 13  LYS A CG  1 
ATOM   65   C CD  . LYS A 1 12  ? -8.707  8.226   -3.359  1.00 21.11 ? 13  LYS A CD  1 
ATOM   66   C CE  . LYS A 1 12  ? -8.306  8.983   -4.637  1.00 24.69 ? 13  LYS A CE  1 
ATOM   67   N NZ  . LYS A 1 12  ? -7.811  8.083   -5.747  1.00 21.58 ? 13  LYS A NZ  1 
ATOM   68   N N   . LYS A 1 13  ? -5.918  11.342  0.067   1.00 14.46 ? 14  LYS A N   1 
ATOM   69   C CA  . LYS A 1 13  ? -4.793  12.243  0.368   1.00 15.68 ? 14  LYS A CA  1 
ATOM   70   C C   . LYS A 1 13  ? -3.543  11.478  0.770   1.00 14.91 ? 14  LYS A C   1 
ATOM   71   O O   . LYS A 1 13  ? -2.431  11.815  0.358   1.00 15.09 ? 14  LYS A O   1 
ATOM   72   C CB  . LYS A 1 13  ? -5.168  13.219  1.493   1.00 15.63 ? 14  LYS A CB  1 
ATOM   73   C CG  . LYS A 1 13  ? -6.107  14.338  1.051   1.00 18.80 ? 14  LYS A CG  1 
ATOM   74   C CD  . LYS A 1 13  ? -6.682  15.081  2.255   1.00 23.41 ? 14  LYS A CD  1 
ATOM   75   C CE  . LYS A 1 13  ? -7.537  16.272  1.832   1.00 28.05 ? 14  LYS A CE  1 
ATOM   76   N NZ  . LYS A 1 13  ? -8.149  16.924  3.049   1.00 31.05 ? 14  LYS A NZ  1 
ATOM   77   N N   . THR A 1 14  ? -3.714  10.454  1.597   1.00 13.41 ? 15  THR A N   1 
ATOM   78   C CA  . THR A 1 14  ? -2.574  9.646   2.028   1.00 13.08 ? 15  THR A CA  1 
ATOM   79   C C   . THR A 1 14  ? -1.806  9.074   0.829   1.00 12.52 ? 15  THR A C   1 
ATOM   80   O O   . THR A 1 14  ? -0.580  9.165   0.768   1.00 13.27 ? 15  THR A O   1 
ATOM   81   C CB  . THR A 1 14  ? -3.009  8.524   2.972   1.00 12.39 ? 15  THR A CB  1 
ATOM   82   O OG1 . THR A 1 14  ? -3.691  9.082   4.114   1.00 12.31 ? 15  THR A OG1 1 
ATOM   83   C CG2 . THR A 1 14  ? -1.814  7.735   3.464   1.00 12.41 ? 15  THR A CG2 1 
ATOM   84   N N   . VAL A 1 15  ? -2.527  8.508   -0.127  1.00 12.81 ? 16  VAL A N   1 
ATOM   85   C CA  . VAL A 1 15  ? -1.874  7.862   -1.259  1.00 13.60 ? 16  VAL A CA  1 
ATOM   86   C C   . VAL A 1 15  ? -1.285  8.894   -2.225  1.00 14.14 ? 16  VAL A C   1 
ATOM   87   O O   . VAL A 1 15  ? -0.312  8.633   -2.929  1.00 13.86 ? 16  VAL A O   1 
ATOM   88   C CB  . VAL A 1 15  ? -2.749  6.792   -1.935  1.00 13.89 ? 16  VAL A CB  1 
ATOM   89   C CG1 . VAL A 1 15  ? -3.338  5.851   -0.901  1.00 13.20 ? 16  VAL A CG1 1 
ATOM   90   C CG2 . VAL A 1 15  ? -3.846  7.410   -2.794  1.00 14.10 ? 16  VAL A CG2 1 
ATOM   91   N N   . ALA A 1 16  ? -1.863  10.086  -2.232  1.00 14.92 ? 17  ALA A N   1 
ATOM   92   C CA  . ALA A 1 16  ? -1.270  11.173  -3.015  1.00 16.07 ? 17  ALA A CA  1 
ATOM   93   C C   . ALA A 1 16  ? -0.008  11.810  -2.384  1.00 17.52 ? 17  ALA A C   1 
ATOM   94   O O   . ALA A 1 16  ? 0.898   12.266  -3.115  1.00 17.90 ? 17  ALA A O   1 
ATOM   95   C CB  . ALA A 1 16  ? -2.322  12.208  -3.341  1.00 16.54 ? 17  ALA A CB  1 
ATOM   96   N N   . GLU A 1 17  ? 0.064   11.824  -1.052  1.00 16.67 ? 18  GLU A N   1 
ATOM   97   C CA  . GLU A 1 17  ? 1.165   12.483  -0.305  1.00 17.31 ? 18  GLU A CA  1 
ATOM   98   C C   . GLU A 1 17  ? 2.426   11.647  -0.206  1.00 17.28 ? 18  GLU A C   1 
ATOM   99   O O   . GLU A 1 17  ? 3.493   12.157  0.123   1.00 17.87 ? 18  GLU A O   1 
ATOM   100  C CB  . GLU A 1 17  ? 0.720   12.821  1.114   1.00 17.36 ? 18  GLU A CB  1 
ATOM   101  C CG  . GLU A 1 17  ? -0.378  13.837  1.181   1.00 19.68 ? 18  GLU A CG  1 
ATOM   102  C CD  . GLU A 1 17  ? -1.005  13.921  2.552   1.00 20.13 ? 18  GLU A CD  1 
ATOM   103  O OE1 . GLU A 1 17  ? -0.816  12.985  3.374   1.00 18.90 ? 18  GLU A OE1 1 
ATOM   104  O OE2 . GLU A 1 17  ? -1.719  14.917  2.797   1.00 22.63 ? 18  GLU A OE2 1 
ATOM   105  N N   . ASN A 1 18  ? 2.294   10.353  -0.472  1.00 14.92 ? 19  ASN A N   1 
ATOM   106  C CA  . ASN A 1 18  ? 3.378   9.423   -0.276  1.00 14.71 ? 19  ASN A CA  1 
ATOM   107  C C   . ASN A 1 18  ? 3.645   8.621   -1.534  1.00 14.25 ? 19  ASN A C   1 
ATOM   108  O O   . ASN A 1 18  ? 2.709   8.093   -2.129  1.00 14.80 ? 19  ASN A O   1 
ATOM   109  C CB  . ASN A 1 18  ? 3.029   8.493   0.894   1.00 14.20 ? 19  ASN A CB  1 
ATOM   110  C CG  . ASN A 1 18  ? 2.986   9.245   2.209   1.00 13.93 ? 19  ASN A CG  1 
ATOM   111  O OD1 . ASN A 1 18  ? 4.025   9.505   2.798   1.00 15.81 ? 19  ASN A OD1 1 
ATOM   112  N ND2 . ASN A 1 18  ? 1.792   9.648   2.637   1.00 12.67 ? 19  ASN A ND2 1 
ATOM   113  N N   . PRO A 1 19  ? 4.918   8.548   -1.948  1.00 13.96 ? 20  PRO A N   1 
ATOM   114  C CA  . PRO A 1 19  ? 5.254   7.756   -3.122  1.00 13.81 ? 20  PRO A CA  1 
ATOM   115  C C   . PRO A 1 19  ? 4.755   6.312   -3.033  1.00 12.22 ? 20  PRO A C   1 
ATOM   116  O O   . PRO A 1 19  ? 4.223   5.792   -4.010  1.00 11.67 ? 20  PRO A O   1 
ATOM   117  C CB  . PRO A 1 19  ? 6.784   7.852   -3.182  1.00 13.15 ? 20  PRO A CB  1 
ATOM   118  C CG  . PRO A 1 19  ? 7.087   9.221   -2.533  1.00 15.53 ? 20  PRO A CG  1 
ATOM   119  C CD  . PRO A 1 19  ? 6.096   9.247   -1.385  1.00 15.19 ? 20  PRO A CD  1 
ATOM   120  N N   . VAL A 1 20  ? 4.891   5.689   -1.864  1.00 11.71 ? 21  VAL A N   1 
ATOM   121  C CA  . VAL A 1 20  ? 4.465   4.299   -1.697  1.00 11.83 ? 21  VAL A CA  1 
ATOM   122  C C   . VAL A 1 20  ? 3.709   4.181   -0.380  1.00 11.46 ? 21  VAL A C   1 
ATOM   123  O O   . VAL A 1 20  ? 4.197   4.654   0.657   1.00 10.80 ? 21  VAL A O   1 
ATOM   124  C CB  . VAL A 1 20  ? 5.657   3.336   -1.695  1.00 12.36 ? 21  VAL A CB  1 
ATOM   125  C CG1 . VAL A 1 20  ? 5.195   1.884   -1.428  1.00 13.05 ? 21  VAL A CG1 1 
ATOM   126  C CG2 . VAL A 1 20  ? 6.431   3.403   -3.017  1.00 12.65 ? 21  VAL A CG2 1 
ATOM   127  N N   . VAL A 1 21  ? 2.514   3.598   -0.434  1.00 10.14 ? 22  VAL A N   1 
ATOM   128  C CA  . VAL A 1 21  ? 1.714   3.365   0.777   1.00 9.98  ? 22  VAL A CA  1 
ATOM   129  C C   . VAL A 1 21  ? 1.368   1.876   0.865   1.00 10.48 ? 22  VAL A C   1 
ATOM   130  O O   . VAL A 1 21  ? 0.954   1.272   -0.128  1.00 10.58 ? 22  VAL A O   1 
ATOM   131  C CB  . VAL A 1 21  ? 0.417   4.224   0.824   1.00 9.13  ? 22  VAL A CB  1 
ATOM   132  C CG1 . VAL A 1 21  ? -0.342  3.948   2.105   1.00 11.27 ? 22  VAL A CG1 1 
ATOM   133  C CG2 . VAL A 1 21  ? 0.761   5.709   0.711   1.00 10.79 ? 22  VAL A CG2 1 
ATOM   134  N N   . VAL A 1 22  ? 1.585   1.287   2.036   1.00 9.47  ? 23  VAL A N   1 
ATOM   135  C CA  . VAL A 1 22  ? 1.201   -0.095  2.286   1.00 9.62  ? 23  VAL A CA  1 
ATOM   136  C C   . VAL A 1 22  ? 0.228   -0.129  3.470   1.00 10.60 ? 23  VAL A C   1 
ATOM   137  O O   . VAL A 1 22  ? 0.627   0.155   4.618   1.00 10.67 ? 23  VAL A O   1 
ATOM   138  C CB  . VAL A 1 22  ? 2.441   -0.995  2.579   1.00 9.64  ? 23  VAL A CB  1 
ATOM   139  C CG1 . VAL A 1 22  ? 2.007   -2.484  2.813   1.00 10.82 ? 23  VAL A CG1 1 
ATOM   140  C CG2 . VAL A 1 22  ? 3.462   -0.883  1.415   1.00 10.32 ? 23  VAL A CG2 1 
ATOM   141  N N   . TYR A 1 23  ? -1.046  -0.418  3.181   1.00 9.69  ? 24  TYR A N   1 
ATOM   142  C CA  . TYR A 1 23  ? -2.011  -0.710  4.244   1.00 10.14 ? 24  TYR A CA  1 
ATOM   143  C C   . TYR A 1 23  ? -1.783  -2.161  4.644   1.00 10.62 ? 24  TYR A C   1 
ATOM   144  O O   . TYR A 1 23  ? -1.833  -3.070  3.814   1.00 10.03 ? 24  TYR A O   1 
ATOM   145  C CB  . TYR A 1 23  ? -3.449  -0.457  3.780   1.00 10.09 ? 24  TYR A CB  1 
ATOM   146  C CG  . TYR A 1 23  ? -3.718  1.012   3.571   1.00 11.18 ? 24  TYR A CG  1 
ATOM   147  C CD1 . TYR A 1 23  ? -4.102  1.820   4.637   1.00 11.29 ? 24  TYR A CD1 1 
ATOM   148  C CD2 . TYR A 1 23  ? -3.552  1.594   2.304   1.00 11.66 ? 24  TYR A CD2 1 
ATOM   149  C CE1 . TYR A 1 23  ? -4.332  3.189   4.452   1.00 11.96 ? 24  TYR A CE1 1 
ATOM   150  C CE2 . TYR A 1 23  ? -3.787  2.943   2.100   1.00 12.89 ? 24  TYR A CE2 1 
ATOM   151  C CZ  . TYR A 1 23  ? -4.177  3.735   3.185   1.00 12.78 ? 24  TYR A CZ  1 
ATOM   152  O OH  . TYR A 1 23  ? -4.384  5.075   2.998   1.00 15.24 ? 24  TYR A OH  1 
ATOM   153  N N   . SER A 1 24  ? -1.489  -2.346  5.928   1.00 10.70 ? 25  SER A N   1 
ATOM   154  C CA  . SER A 1 24  ? -0.894  -3.562  6.421   1.00 11.46 ? 25  SER A CA  1 
ATOM   155  C C   . SER A 1 24  ? -1.645  -4.081  7.648   1.00 11.35 ? 25  SER A C   1 
ATOM   156  O O   . SER A 1 24  ? -2.504  -3.389  8.228   1.00 10.88 ? 25  SER A O   1 
ATOM   157  C CB  . SER A 1 24  ? 0.571   -3.219  6.811   1.00 11.53 ? 25  SER A CB  1 
ATOM   158  O OG  . SER A 1 24  ? 1.313   -4.302  7.336   1.00 12.45 ? 25  SER A OG  1 
ATOM   159  N N   . LYS A 1 25  ? -1.305  -5.305  8.029   1.00 12.05 ? 26  LYS A N   1 
ATOM   160  C CA  . LYS A 1 25  ? -1.521  -5.763  9.393   1.00 13.15 ? 26  LYS A CA  1 
ATOM   161  C C   . LYS A 1 25  ? -0.225  -6.409  9.857   1.00 13.31 ? 26  LYS A C   1 
ATOM   162  O O   . LYS A 1 25  ? 0.487   -7.091  9.080   1.00 12.86 ? 26  LYS A O   1 
ATOM   163  C CB  . LYS A 1 25  ? -2.728  -6.713  9.485   1.00 12.61 ? 26  LYS A CB  1 
ATOM   164  C CG  . LYS A 1 25  ? -4.059  -6.003  9.246   1.00 12.64 ? 26  LYS A CG  1 
ATOM   165  C CD  . LYS A 1 25  ? -5.251  -6.976  9.292   1.00 14.67 ? 26  LYS A CD  1 
ATOM   166  C CE  . LYS A 1 25  ? -6.540  -6.207  9.146   1.00 16.64 ? 26  LYS A CE  1 
ATOM   167  N NZ  . LYS A 1 25  ? -7.730  -7.116  9.242   1.00 18.57 ? 26  LYS A NZ  1 
ATOM   168  N N   . THR A 1 26  ? 0.111   -6.137  11.117  1.00 15.20 ? 27  THR A N   1 
ATOM   169  C CA  . THR A 1 26  ? 1.401   -6.533  11.661  1.00 16.55 ? 27  THR A CA  1 
ATOM   170  C C   . THR A 1 26  ? 1.618   -8.029  11.581  1.00 16.10 ? 27  THR A C   1 
ATOM   171  O O   . THR A 1 26  ? 2.741   -8.479  11.369  1.00 17.10 ? 27  THR A O   1 
ATOM   172  C CB  . THR A 1 26  ? 1.614   -6.079  13.114  1.00 16.50 ? 27  THR A CB  1 
ATOM   173  O OG1 . THR A 1 26  ? 0.665   -6.719  13.980  1.00 18.70 ? 27  THR A OG1 1 
ATOM   174  C CG2 . THR A 1 26  ? 1.521   -4.536  13.260  1.00 17.62 ? 27  THR A CG2 1 
ATOM   175  N N   . TRP A 1 27  ? 0.543   -8.793  11.751  1.00 16.17 ? 28  TRP A N   1 
ATOM   176  C CA  . TRP A 1 27  ? 0.640   -10.251 11.780  1.00 15.66 ? 28  TRP A CA  1 
ATOM   177  C C   . TRP A 1 27  ? 0.650   -10.924 10.399  1.00 15.58 ? 28  TRP A C   1 
ATOM   178  O O   . TRP A 1 27  ? 0.891   -12.119 10.282  1.00 16.81 ? 28  TRP A O   1 
ATOM   179  C CB  . TRP A 1 27  ? -0.498  -10.833 12.628  1.00 16.47 ? 28  TRP A CB  1 
ATOM   180  C CG  . TRP A 1 27  ? -1.856  -10.368 12.236  1.00 15.29 ? 28  TRP A CG  1 
ATOM   181  C CD1 . TRP A 1 27  ? -2.570  -9.360  12.810  1.00 15.83 ? 28  TRP A CD1 1 
ATOM   182  C CD2 . TRP A 1 27  ? -2.658  -10.880 11.171  1.00 15.57 ? 28  TRP A CD2 1 
ATOM   183  N NE1 . TRP A 1 27  ? -3.785  -9.220  12.179  1.00 14.94 ? 28  TRP A NE1 1 
ATOM   184  C CE2 . TRP A 1 27  ? -3.870  -10.152 11.175  1.00 15.68 ? 28  TRP A CE2 1 
ATOM   185  C CE3 . TRP A 1 27  ? -2.478  -11.900 10.224  1.00 15.51 ? 28  TRP A CE3 1 
ATOM   186  C CZ2 . TRP A 1 27  ? -4.894  -10.400 10.261  1.00 16.69 ? 28  TRP A CZ2 1 
ATOM   187  C CZ3 . TRP A 1 27  ? -3.501  -12.151 9.305   1.00 15.24 ? 28  TRP A CZ3 1 
ATOM   188  C CH2 . TRP A 1 27  ? -4.692  -11.396 9.329   1.00 16.35 ? 28  TRP A CH2 1 
ATOM   189  N N   . CYS A 1 28  ? 0.361   -10.160 9.353   1.00 14.99 ? 29  CYS A N   1 
ATOM   190  C CA  . CYS A 1 28  ? 0.140   -10.738 8.033   1.00 14.70 ? 29  CYS A CA  1 
ATOM   191  C C   . CYS A 1 28  ? 1.424   -11.005 7.275   1.00 14.67 ? 29  CYS A C   1 
ATOM   192  O O   . CYS A 1 28  ? 2.149   -10.072 6.949   1.00 14.76 ? 29  CYS A O   1 
ATOM   193  C CB  . CYS A 1 28  ? -0.769  -9.806  7.216   1.00 15.23 ? 29  CYS A CB  1 
ATOM   194  S SG  . CYS A 1 28  ? -0.957  -10.319 5.483   1.00 14.26 ? 29  CYS A SG  1 
ATOM   195  N N   . SER A 1 29  ? 1.688   -12.274 6.973   1.00 13.21 ? 30  SER A N   1 
ATOM   196  C CA  . SER A 1 29  ? 2.948   -12.669 6.314   1.00 13.54 ? 30  SER A CA  1 
ATOM   197  C C   . SER A 1 29  ? 3.166   -11.993 4.954   1.00 12.97 ? 30  SER A C   1 
ATOM   198  O O   . SER A 1 29  ? 4.269   -11.548 4.631   1.00 12.88 ? 30  SER A O   1 
ATOM   199  C CB  . SER A 1 29  ? 3.020   -14.191 6.190   1.00 14.64 ? 30  SER A CB  1 
ATOM   200  O OG  . SER A 1 29  ? 1.931   -14.668 5.439   1.00 15.69 ? 30  SER A OG  1 
ATOM   201  N N   . TYR A 1 30  ? 2.098   -11.919 4.163   1.00 12.77 ? 31  TYR A N   1 
ATOM   202  C CA  . TYR A 1 30  ? 2.138   -11.256 2.861   1.00 13.51 ? 31  TYR A CA  1 
ATOM   203  C C   . TYR A 1 30  ? 2.505   -9.786  2.952   1.00 12.96 ? 31  TYR A C   1 
ATOM   204  O O   . TYR A 1 30  ? 3.160   -9.228  2.042   1.00 12.56 ? 31  TYR A O   1 
ATOM   205  C CB  . TYR A 1 30  ? 0.799   -11.412 2.160   1.00 13.66 ? 31  TYR A CB  1 
ATOM   206  C CG  . TYR A 1 30  ? 0.543   -12.809 1.741   1.00 17.24 ? 31  TYR A CG  1 
ATOM   207  C CD1 . TYR A 1 30  ? 1.207   -13.337 0.650   1.00 19.56 ? 31  TYR A CD1 1 
ATOM   208  C CD2 . TYR A 1 30  ? -0.390  -13.608 2.410   1.00 19.87 ? 31  TYR A CD2 1 
ATOM   209  C CE1 . TYR A 1 30  ? 0.971   -14.612 0.218   1.00 20.44 ? 31  TYR A CE1 1 
ATOM   210  C CE2 . TYR A 1 30  ? -0.643  -14.919 1.974   1.00 19.47 ? 31  TYR A CE2 1 
ATOM   211  C CZ  . TYR A 1 30  ? 0.063   -15.409 0.886   1.00 20.11 ? 31  TYR A CZ  1 
ATOM   212  O OH  . TYR A 1 30  ? -0.123  -16.693 0.399   1.00 21.40 ? 31  TYR A OH  1 
ATOM   213  N N   . SER A 1 31  ? 2.096   -9.153  4.047   1.00 13.02 ? 32  SER A N   1 
ATOM   214  C CA  . SER A 1 31  ? 2.416   -7.754  4.254   1.00 13.63 ? 32  SER A CA  1 
ATOM   215  C C   . SER A 1 31  ? 3.885   -7.622  4.642   1.00 13.87 ? 32  SER A C   1 
ATOM   216  O O   . SER A 1 31  ? 4.600   -6.787  4.092   1.00 12.94 ? 32  SER A O   1 
ATOM   217  C CB  . SER A 1 31  ? 1.499   -7.119  5.288   1.00 14.62 ? 32  SER A CB  1 
ATOM   218  O OG  . SER A 1 31  ? 1.773   -5.729  5.359   1.00 17.94 ? 32  SER A OG  1 
ATOM   219  N N   . SER A 1 32  ? 4.337   -8.474  5.561   1.00 13.18 ? 33  SER A N   1 
ATOM   220  C CA  . SER A 1 32  ? 5.746   -8.499  5.935   1.00 13.97 ? 33  SER A CA  1 
ATOM   221  C C   . SER A 1 32  ? 6.617   -8.759  4.688   1.00 14.61 ? 33  SER A C   1 
ATOM   222  O O   . SER A 1 32  ? 7.686   -8.144  4.513   1.00 14.28 ? 33  SER A O   1 
ATOM   223  C CB  . SER A 1 32  ? 5.959   -9.577  7.012   1.00 13.74 ? 33  SER A CB  1 
ATOM   224  O OG  . SER A 1 32  ? 5.278   -9.211  8.202   1.00 14.48 ? 33  SER A OG  1 
ATOM   225  N N   . GLU A 1 33  ? 6.144   -9.629  3.799   1.00 14.12 ? 34  GLU A N   1 
ATOM   226  C CA  . GLU A 1 33  ? 6.874   -9.938  2.570   1.00 15.44 ? 34  GLU A CA  1 
ATOM   227  C C   . GLU A 1 33  ? 6.990   -8.733  1.609   1.00 14.31 ? 34  GLU A C   1 
ATOM   228  O O   . GLU A 1 33  ? 8.068   -8.437  1.082   1.00 14.16 ? 34  GLU A O   1 
ATOM   229  C CB  . GLU A 1 33  ? 6.299   -11.200 1.898   1.00 15.03 ? 34  GLU A CB  1 
ATOM   230  C CG  . GLU A 1 33  ? 6.543   -12.463 2.744   1.00 18.32 ? 34  GLU A CG  1 
ATOM   231  C CD  . GLU A 1 33  ? 5.842   -13.757 2.271   1.00 20.75 ? 34  GLU A CD  1 
ATOM   232  O OE1 . GLU A 1 33  ? 5.179   -13.780 1.201   1.00 24.87 ? 34  GLU A OE1 1 
ATOM   233  O OE2 . GLU A 1 33  ? 5.963   -14.778 3.023   1.00 27.54 ? 34  GLU A OE2 1 
ATOM   234  N N   . VAL A 1 34  ? 5.895   -7.999  1.405   1.00 13.34 ? 35  VAL A N   1 
ATOM   235  C CA  . VAL A 1 34  ? 5.970   -6.859  0.494   1.00 13.12 ? 35  VAL A CA  1 
ATOM   236  C C   . VAL A 1 34  ? 6.813   -5.715  1.096   1.00 12.96 ? 35  VAL A C   1 
ATOM   237  O O   . VAL A 1 34  ? 7.539   -5.024  0.375   1.00 13.43 ? 35  VAL A O   1 
ATOM   238  C CB  . VAL A 1 34  ? 4.548   -6.393  0.024   1.00 11.98 ? 35  VAL A CB  1 
ATOM   239  C CG1 . VAL A 1 34  ? 3.926   -5.479  1.049   1.00 12.54 ? 35  VAL A CG1 1 
ATOM   240  C CG2 . VAL A 1 34  ? 4.650   -5.708  -1.306  1.00 12.46 ? 35  VAL A CG2 1 
ATOM   241  N N   . LYS A 1 35  ? 6.750   -5.565  2.419   1.00 12.91 ? 36  LYS A N   1 
ATOM   242  C CA  . LYS A 1 35  ? 7.624   -4.621  3.143   1.00 13.81 ? 36  LYS A CA  1 
ATOM   243  C C   . LYS A 1 35  ? 9.105   -4.958  2.922   1.00 14.70 ? 36  LYS A C   1 
ATOM   244  O O   . LYS A 1 35  ? 9.918   -4.062  2.706   1.00 14.70 ? 36  LYS A O   1 
ATOM   245  C CB  . LYS A 1 35  ? 7.328   -4.675  4.622   1.00 14.45 ? 36  LYS A CB  1 
ATOM   246  C CG  . LYS A 1 35  ? 6.043   -4.026  5.019   1.00 16.45 ? 36  LYS A CG  1 
ATOM   247  C CD  . LYS A 1 35  ? 5.782   -4.418  6.461   1.00 20.04 ? 36  LYS A CD  1 
ATOM   248  C CE  . LYS A 1 35  ? 4.586   -3.768  7.025   1.00 19.93 ? 36  LYS A CE  1 
ATOM   249  N NZ  . LYS A 1 35  ? 4.343   -4.330  8.396   1.00 17.22 ? 36  LYS A NZ  1 
ATOM   250  N N   . SER A 1 36  ? 9.431   -6.252  2.965   1.00 15.10 ? 37  SER A N   1 
ATOM   251  C CA  . SER A 1 36  ? 10.805  -6.733  2.705   1.00 16.66 ? 37  SER A CA  1 
ATOM   252  C C   . SER A 1 36  ? 11.270  -6.393  1.293   1.00 16.90 ? 37  SER A C   1 
ATOM   253  O O   . SER A 1 36  ? 12.427  -5.955  1.083   1.00 16.98 ? 37  SER A O   1 
ATOM   254  C CB  . SER A 1 36  ? 10.908  -8.236  2.935   1.00 16.80 ? 37  SER A CB  1 
ATOM   255  O OG  . SER A 1 36  ? 10.785  -8.534  4.310   1.00 20.44 ? 37  SER A OG  1 
ATOM   256  N N   . LEU A 1 37  ? 10.387  -6.602  0.320   1.00 16.17 ? 38  LEU A N   1 
ATOM   257  C CA  . LEU A 1 37  ? 10.687  -6.245  -1.049  1.00 15.43 ? 38  LEU A CA  1 
ATOM   258  C C   . LEU A 1 37  ? 10.996  -4.761  -1.173  1.00 15.21 ? 38  LEU A C   1 
ATOM   259  O O   . LEU A 1 37  ? 11.985  -4.388  -1.793  1.00 14.70 ? 38  LEU A O   1 
ATOM   260  C CB  . LEU A 1 37  ? 9.533   -6.612  -1.983  1.00 15.64 ? 38  LEU A CB  1 
ATOM   261  C CG  . LEU A 1 37  ? 9.719   -6.211  -3.452  1.00 15.97 ? 38  LEU A CG  1 
ATOM   262  C CD1 . LEU A 1 37  ? 10.944  -6.858  -4.125  1.00 17.39 ? 38  LEU A CD1 1 
ATOM   263  C CD2 . LEU A 1 37  ? 8.457   -6.506  -4.245  1.00 16.43 ? 38  LEU A CD2 1 
ATOM   264  N N   . PHE A 1 38  ? 10.142  -3.907  -0.612  1.00 14.16 ? 39  PHE A N   1 
ATOM   265  C CA  . PHE A 1 38  ? 10.435  -2.496  -0.686  1.00 14.58 ? 39  PHE A CA  1 
ATOM   266  C C   . PHE A 1 38  ? 11.753  -2.146  -0.007  1.00 15.57 ? 39  PHE A C   1 
ATOM   267  O O   . PHE A 1 38  ? 12.497  -1.322  -0.532  1.00 15.24 ? 39  PHE A O   1 
ATOM   268  C CB  . PHE A 1 38  ? 9.285   -1.661  -0.148  1.00 13.77 ? 39  PHE A CB  1 
ATOM   269  C CG  . PHE A 1 38  ? 8.091   -1.648  -1.059  1.00 12.52 ? 39  PHE A CG  1 
ATOM   270  C CD1 . PHE A 1 38  ? 8.212   -1.227  -2.388  1.00 12.47 ? 39  PHE A CD1 1 
ATOM   271  C CD2 . PHE A 1 38  ? 6.848   -2.045  -0.598  1.00 10.91 ? 39  PHE A CD2 1 
ATOM   272  C CE1 . PHE A 1 38  ? 7.100   -1.207  -3.244  1.00 15.54 ? 39  PHE A CE1 1 
ATOM   273  C CE2 . PHE A 1 38  ? 5.722   -2.033  -1.468  1.00 12.72 ? 39  PHE A CE2 1 
ATOM   274  C CZ  . PHE A 1 38  ? 5.855   -1.621  -2.778  1.00 12.19 ? 39  PHE A CZ  1 
ATOM   275  N N   . LYS A 1 39  ? 12.045  -2.790  1.125   1.00 16.74 ? 40  LYS A N   1 
ATOM   276  C CA  . LYS A 1 39  ? 13.322  -2.569  1.839   1.00 18.15 ? 40  LYS A CA  1 
ATOM   277  C C   . LYS A 1 39  ? 14.499  -2.887  0.932   1.00 19.20 ? 40  LYS A C   1 
ATOM   278  O O   . LYS A 1 39  ? 15.458  -2.098  0.838   1.00 19.98 ? 40  LYS A O   1 
ATOM   279  C CB  . LYS A 1 39  ? 13.393  -3.404  3.137   1.00 16.86 ? 40  LYS A CB  1 
ATOM   280  C CG  . LYS A 1 39  ? 14.720  -3.253  3.900   1.00 18.80 ? 40  LYS A CG  1 
ATOM   281  C CD  . LYS A 1 39  ? 14.791  -4.143  5.129   1.00 19.10 ? 40  LYS A CD  1 
ATOM   282  C CE  . LYS A 1 39  ? 16.108  -3.922  5.883   1.00 22.22 ? 40  LYS A CE  1 
ATOM   283  N NZ  . LYS A 1 39  ? 16.297  -4.933  6.947   1.00 22.04 ? 40  LYS A NZ  1 
ATOM   284  N N   . ARG A 1 40  ? 14.412  -4.020  0.242   1.00 20.58 ? 41  ARG A N   1 
ATOM   285  C CA  . ARG A 1 40  ? 15.448  -4.476  -0.702  1.00 22.79 ? 41  ARG A CA  1 
ATOM   286  C C   . ARG A 1 40  ? 15.666  -3.501  -1.870  1.00 22.40 ? 41  ARG A C   1 
ATOM   287  O O   . ARG A 1 40  ? 16.801  -3.294  -2.323  1.00 23.12 ? 41  ARG A O   1 
ATOM   288  C CB  . ARG A 1 40  ? 15.087  -5.877  -1.238  1.00 23.62 ? 41  ARG A CB  1 
ATOM   289  C CG  . ARG A 1 40  ? 15.442  -7.024  -0.288  1.00 27.14 ? 41  ARG A CG  1 
ATOM   290  C CD  . ARG A 1 40  ? 15.435  -8.386  -1.008  1.00 26.59 ? 41  ARG A CD  1 
ATOM   291  N NE  . ARG A 1 40  ? 14.091  -8.784  -1.454  1.00 32.52 ? 41  ARG A NE  1 
ATOM   292  C CZ  . ARG A 1 40  ? 13.132  -9.253  -0.658  1.00 33.73 ? 41  ARG A CZ  1 
ATOM   293  N NH1 . ARG A 1 40  ? 11.960  -9.588  -1.177  1.00 35.06 ? 41  ARG A NH1 1 
ATOM   294  N NH2 . ARG A 1 40  ? 13.337  -9.396  0.651   1.00 34.85 ? 41  ARG A NH2 1 
ATOM   295  N N   . LEU A 1 41  ? 14.572  -2.907  -2.340  1.00 20.93 ? 42  LEU A N   1 
ATOM   296  C CA  . LEU A 1 41  ? 14.576  -1.898  -3.399  1.00 21.28 ? 42  LEU A CA  1 
ATOM   297  C C   . LEU A 1 41  ? 14.851  -0.479  -2.910  1.00 21.76 ? 42  LEU A C   1 
ATOM   298  O O   . LEU A 1 41  ? 14.702  0.492   -3.674  1.00 21.53 ? 42  LEU A O   1 
ATOM   299  C CB  . LEU A 1 41  ? 13.232  -1.925  -4.142  1.00 21.14 ? 42  LEU A CB  1 
ATOM   300  C CG  . LEU A 1 41  ? 12.912  -3.236  -4.863  1.00 20.29 ? 42  LEU A CG  1 
ATOM   301  C CD1 . LEU A 1 41  ? 11.512  -3.190  -5.458  1.00 21.54 ? 42  LEU A CD1 1 
ATOM   302  C CD2 . LEU A 1 41  ? 13.959  -3.563  -5.952  1.00 20.06 ? 42  LEU A CD2 1 
ATOM   303  N N   . ASN A 1 42  ? 15.217  -0.372  -1.631  1.00 22.15 ? 43  ASN A N   1 
ATOM   304  C CA  . ASN A 1 42  ? 15.655  0.870   -1.015  1.00 23.20 ? 43  ASN A CA  1 
ATOM   305  C C   . ASN A 1 42  ? 14.572  1.933   -1.076  1.00 23.12 ? 43  ASN A C   1 
ATOM   306  O O   . ASN A 1 42  ? 14.831  3.090   -1.407  1.00 22.49 ? 43  ASN A O   1 
ATOM   307  C CB  . ASN A 1 42  ? 16.936  1.370   -1.693  1.00 24.12 ? 43  ASN A CB  1 
ATOM   308  C CG  . ASN A 1 42  ? 18.033  1.584   -0.723  1.00 27.38 ? 43  ASN A CG  1 
ATOM   309  O OD1 . ASN A 1 42  ? 19.099  0.975   -0.848  1.00 34.29 ? 43  ASN A OD1 1 
ATOM   310  N ND2 . ASN A 1 42  ? 17.790  2.432   0.280   1.00 29.74 ? 43  ASN A ND2 1 
ATOM   311  N N   . VAL A 1 43  ? 13.353  1.491   -0.773  1.00 22.12 ? 44  VAL A N   1 
ATOM   312  C CA  . VAL A 1 43  ? 12.190  2.342   -0.640  1.00 22.28 ? 44  VAL A CA  1 
ATOM   313  C C   . VAL A 1 43  ? 11.738  2.248   0.814   1.00 21.99 ? 44  VAL A C   1 
ATOM   314  O O   . VAL A 1 43  ? 11.772  1.175   1.415   1.00 21.74 ? 44  VAL A O   1 
ATOM   315  C CB  . VAL A 1 43  ? 11.041  1.853   -1.546  1.00 21.99 ? 44  VAL A CB  1 
ATOM   316  C CG1 . VAL A 1 43  ? 9.752   2.661   -1.290  1.00 22.56 ? 44  VAL A CG1 1 
ATOM   317  C CG2 . VAL A 1 43  ? 11.436  1.936   -3.008  1.00 22.64 ? 44  VAL A CG2 1 
ATOM   318  N N   . ASP A 1 44  ? 11.303  3.380   1.359   1.00 22.53 ? 45  ASP A N   1 
ATOM   319  C CA  . ASP A 1 44  ? 10.736  3.429   2.699   1.00 21.99 ? 45  ASP A CA  1 
ATOM   320  C C   . ASP A 1 44  ? 9.256   3.861   2.595   1.00 20.39 ? 45  ASP A C   1 
ATOM   321  O O   . ASP A 1 44  ? 8.940   5.050   2.606   1.00 20.56 ? 45  ASP A O   1 
ATOM   322  C CB  . ASP A 1 44  ? 11.595  4.349   3.585   1.00 23.30 ? 45  ASP A CB  1 
ATOM   323  C CG  . ASP A 1 44  ? 10.965  4.656   4.934   1.00 26.92 ? 45  ASP A CG  1 
ATOM   324  O OD1 . ASP A 1 44  ? 10.746  3.722   5.753   1.00 30.00 ? 45  ASP A OD1 1 
ATOM   325  O OD2 . ASP A 1 44  ? 10.722  5.862   5.173   1.00 32.39 ? 45  ASP A OD2 1 
ATOM   326  N N   . PRO A 1 45  ? 8.336   2.883   2.455   1.00 18.25 ? 46  PRO A N   1 
ATOM   327  C CA  . PRO A 1 45  ? 6.913   3.231   2.245   1.00 16.47 ? 46  PRO A CA  1 
ATOM   328  C C   . PRO A 1 45  ? 6.270   3.775   3.512   1.00 15.56 ? 46  PRO A C   1 
ATOM   329  O O   . PRO A 1 45  ? 6.760   3.501   4.596   1.00 14.24 ? 46  PRO A O   1 
ATOM   330  C CB  . PRO A 1 45  ? 6.273   1.876   1.927   1.00 16.50 ? 46  PRO A CB  1 
ATOM   331  C CG  . PRO A 1 45  ? 7.163   0.870   2.660   1.00 17.14 ? 46  PRO A CG  1 
ATOM   332  C CD  . PRO A 1 45  ? 8.560   1.424   2.487   1.00 18.36 ? 46  PRO A CD  1 
ATOM   333  N N   . LEU A 1 46  ? 5.174   4.517   3.372   1.00 13.66 ? 47  LEU A N   1 
ATOM   334  C CA  . LEU A 1 46  ? 4.331   4.819   4.507   1.00 13.67 ? 47  LEU A CA  1 
ATOM   335  C C   . LEU A 1 46  ? 3.512   3.564   4.783   1.00 13.08 ? 47  LEU A C   1 
ATOM   336  O O   . LEU A 1 46  ? 2.776   3.114   3.904   1.00 13.07 ? 47  LEU A O   1 
ATOM   337  C CB  . LEU A 1 46  ? 3.368   5.942   4.164   1.00 13.75 ? 47  LEU A CB  1 
ATOM   338  C CG  . LEU A 1 46  ? 2.503   6.349   5.360   1.00 15.31 ? 47  LEU A CG  1 
ATOM   339  C CD1 . LEU A 1 46  ? 3.339   7.222   6.319   1.00 17.51 ? 47  LEU A CD1 1 
ATOM   340  C CD2 . LEU A 1 46  ? 1.291   7.098   4.901   1.00 18.25 ? 47  LEU A CD2 1 
ATOM   341  N N   . VAL A 1 47  ? 3.641   3.027   5.988   1.00 12.38 ? 48  VAL A N   1 
ATOM   342  C CA  . VAL A 1 47  ? 2.947   1.791   6.366   1.00 12.98 ? 48  VAL A CA  1 
ATOM   343  C C   . VAL A 1 47  ? 1.868   2.153   7.373   1.00 12.49 ? 48  VAL A C   1 
ATOM   344  O O   . VAL A 1 47  ? 2.151   2.775   8.413   1.00 12.53 ? 48  VAL A O   1 
ATOM   345  C CB  . VAL A 1 47  ? 3.895   0.743   7.008   1.00 12.80 ? 48  VAL A CB  1 
ATOM   346  C CG1 . VAL A 1 47  ? 3.111   -0.459  7.547   1.00 14.25 ? 48  VAL A CG1 1 
ATOM   347  C CG2 . VAL A 1 47  ? 4.976   0.279   6.035   1.00 14.09 ? 48  VAL A CG2 1 
ATOM   348  N N   . VAL A 1 48  ? 0.634   1.798   7.049   1.00 12.11 ? 49  VAL A N   1 
ATOM   349  C CA  . VAL A 1 48  ? -0.479  2.032   7.962   1.00 11.46 ? 49  VAL A CA  1 
ATOM   350  C C   . VAL A 1 48  ? -0.911  0.649   8.494   1.00 12.49 ? 49  VAL A C   1 
ATOM   351  O O   . VAL A 1 48  ? -1.391  -0.194  7.735   1.00 11.56 ? 49  VAL A O   1 
ATOM   352  C CB  . VAL A 1 48  ? -1.649  2.764   7.247   1.00 11.49 ? 49  VAL A CB  1 
ATOM   353  C CG1 . VAL A 1 48  ? -2.848  2.933   8.198   1.00 12.21 ? 49  VAL A CG1 1 
ATOM   354  C CG2 . VAL A 1 48  ? -1.197  4.119   6.669   1.00 11.84 ? 49  VAL A CG2 1 
ATOM   355  N N   . GLU A 1 49  ? -0.730  0.411   9.796   1.00 12.50 ? 50  GLU A N   1 
ATOM   356  C CA  . GLU A 1 49  ? -1.048  -0.902  10.367  1.00 13.20 ? 50  GLU A CA  1 
ATOM   357  C C   . GLU A 1 49  ? -2.485  -0.894  10.868  1.00 13.38 ? 50  GLU A C   1 
ATOM   358  O O   . GLU A 1 49  ? -2.770  -0.342  11.934  1.00 14.36 ? 50  GLU A O   1 
ATOM   359  C CB  . GLU A 1 49  ? -0.100  -1.303  11.501  1.00 14.01 ? 50  GLU A CB  1 
ATOM   360  C CG  . GLU A 1 49  ? 1.374   -1.394  11.111  1.00 15.58 ? 50  GLU A CG  1 
ATOM   361  C CD  . GLU A 1 49  ? 1.714   -2.584  10.233  1.00 15.09 ? 50  GLU A CD  1 
ATOM   362  O OE1 . GLU A 1 49  ? 0.812   -3.367  9.857   1.00 15.43 ? 50  GLU A OE1 1 
ATOM   363  O OE2 . GLU A 1 49  ? 2.918   -2.736  9.926   1.00 16.24 ? 50  GLU A OE2 1 
ATOM   364  N N   . LEU A 1 50  ? -3.386  -1.460  10.074  1.00 13.44 ? 51  LEU A N   1 
ATOM   365  C CA  . LEU A 1 50  ? -4.805  -1.435  10.382  1.00 14.60 ? 51  LEU A CA  1 
ATOM   366  C C   . LEU A 1 50  ? -5.109  -2.106  11.725  1.00 16.04 ? 51  LEU A C   1 
ATOM   367  O O   . LEU A 1 50  ? -6.041  -1.685  12.432  1.00 17.22 ? 51  LEU A O   1 
ATOM   368  C CB  . LEU A 1 50  ? -5.608  -2.116  9.273   1.00 14.97 ? 51  LEU A CB  1 
ATOM   369  C CG  . LEU A 1 50  ? -5.571  -1.477  7.873   1.00 14.18 ? 51  LEU A CG  1 
ATOM   370  C CD1 . LEU A 1 50  ? -6.516  -2.259  6.942   1.00 15.15 ? 51  LEU A CD1 1 
ATOM   371  C CD2 . LEU A 1 50  ? -5.991  -0.023  7.931   1.00 18.88 ? 51  LEU A CD2 1 
ATOM   372  N N   . ASP A 1 51  ? -4.334  -3.127  12.076  1.00 17.08 ? 52  ASP A N   1 
ATOM   373  C CA  . ASP A 1 51  ? -4.531  -3.791  13.389  1.00 18.53 ? 52  ASP A CA  1 
ATOM   374  C C   . ASP A 1 51  ? -4.060  -2.967  14.609  1.00 19.33 ? 52  ASP A C   1 
ATOM   375  O O   . ASP A 1 51  ? -4.322  -3.347  15.756  1.00 20.58 ? 52  ASP A O   1 
ATOM   376  C CB  . ASP A 1 51  ? -3.958  -5.212  13.412  1.00 18.81 ? 52  ASP A CB  1 
ATOM   377  C CG  . ASP A 1 51  ? -2.442  -5.267  13.148  1.00 18.91 ? 52  ASP A CG  1 
ATOM   378  O OD1 . ASP A 1 51  ? -1.925  -4.502  12.305  1.00 18.24 ? 52  ASP A OD1 1 
ATOM   379  O OD2 . ASP A 1 51  ? -1.767  -6.117  13.773  1.00 19.66 ? 52  ASP A OD2 1 
ATOM   380  N N   . GLU A 1 52  ? -3.391  -1.845  14.349  1.00 19.80 ? 53  GLU A N   1 
ATOM   381  C CA  . GLU A 1 52  ? -2.886  -0.955  15.410  1.00 21.35 ? 53  GLU A CA  1 
ATOM   382  C C   . GLU A 1 52  ? -3.776  0.275   15.542  1.00 21.27 ? 53  GLU A C   1 
ATOM   383  O O   . GLU A 1 52  ? -3.493  1.176   16.337  1.00 22.85 ? 53  GLU A O   1 
ATOM   384  C CB  . GLU A 1 52  ? -1.434  -0.539  15.125  1.00 20.68 ? 53  GLU A CB  1 
ATOM   385  C CG  . GLU A 1 52  ? -0.434  -1.691  15.295  1.00 21.55 ? 53  GLU A CG  1 
ATOM   386  C CD  . GLU A 1 52  ? 1.006   -1.273  15.152  1.00 22.40 ? 53  GLU A CD  1 
ATOM   387  O OE1 . GLU A 1 52  ? 1.273   -0.153  14.679  1.00 23.70 ? 53  GLU A OE1 1 
ATOM   388  O OE2 . GLU A 1 52  ? 1.887   -2.090  15.511  1.00 25.74 ? 53  GLU A OE2 1 
ATOM   389  N N   . LEU A 1 53  ? -4.858  0.310   14.763  1.00 20.69 ? 54  LEU A N   1 
ATOM   390  C CA  . LEU A 1 53  ? -5.734  1.479   14.693  1.00 21.06 ? 54  LEU A CA  1 
ATOM   391  C C   . LEU A 1 53  ? -7.064  1.298   15.425  1.00 20.51 ? 54  LEU A C   1 
ATOM   392  O O   . LEU A 1 53  ? -7.949  2.147   15.323  1.00 21.07 ? 54  LEU A O   1 
ATOM   393  C CB  . LEU A 1 53  ? -5.984  1.875   13.226  1.00 20.96 ? 54  LEU A CB  1 
ATOM   394  C CG  . LEU A 1 53  ? -4.758  2.410   12.478  1.00 22.58 ? 54  LEU A CG  1 
ATOM   395  C CD1 . LEU A 1 53  ? -5.114  2.880   11.089  1.00 25.16 ? 54  LEU A CD1 1 
ATOM   396  C CD2 . LEU A 1 53  ? -4.126  3.549   13.278  1.00 23.03 ? 54  LEU A CD2 1 
ATOM   397  N N   . GLY A 1 54  ? -7.203  0.190   16.149  1.00 20.82 ? 55  GLY A N   1 
ATOM   398  C CA  . GLY A 1 54  ? -8.456  -0.127  16.849  1.00 21.33 ? 55  GLY A CA  1 
ATOM   399  C C   . GLY A 1 54  ? -9.666  -0.083  15.938  1.00 21.59 ? 55  GLY A C   1 
ATOM   400  O O   . GLY A 1 54  ? -9.672  -0.695  14.865  1.00 21.16 ? 55  GLY A O   1 
ATOM   401  N N   . ALA A 1 55  ? -10.687 0.650   16.380  1.00 21.91 ? 56  ALA A N   1 
ATOM   402  C CA  . ALA A 1 55  ? -11.962 0.787   15.667  1.00 21.42 ? 56  ALA A CA  1 
ATOM   403  C C   . ALA A 1 55  ? -11.826 1.341   14.242  1.00 21.23 ? 56  ALA A C   1 
ATOM   404  O O   . ALA A 1 55  ? -12.667 1.068   13.372  1.00 20.85 ? 56  ALA A O   1 
ATOM   405  C CB  . ALA A 1 55  ? -12.927 1.671   16.484  1.00 21.99 ? 56  ALA A CB  1 
ATOM   406  N N   . GLN A 1 56  ? -10.785 2.137   14.009  1.00 20.72 ? 57  GLN A N   1 
ATOM   407  C CA  . GLN A 1 56  ? -10.631 2.770   12.706  1.00 20.37 ? 57  GLN A CA  1 
ATOM   408  C C   . GLN A 1 56  ? -10.164 1.787   11.635  1.00 19.01 ? 57  GLN A C   1 
ATOM   409  O O   . GLN A 1 56  ? -10.370 2.021   10.442  1.00 18.87 ? 57  GLN A O   1 
ATOM   410  C CB  . GLN A 1 56  ? -9.687  3.978   12.768  1.00 21.11 ? 57  GLN A CB  1 
ATOM   411  C CG  . GLN A 1 56  ? -9.677  4.700   11.428  1.00 25.85 ? 57  GLN A CG  1 
ATOM   412  C CD  . GLN A 1 56  ? -8.961  6.026   11.417  1.00 30.68 ? 57  GLN A CD  1 
ATOM   413  O OE1 . GLN A 1 56  ? -9.533  7.036   10.996  1.00 33.97 ? 57  GLN A OE1 1 
ATOM   414  N NE2 . GLN A 1 56  ? -7.694  6.034   11.835  1.00 30.73 ? 57  GLN A NE2 1 
ATOM   415  N N   . GLY A 1 57  ? -9.511  0.714   12.068  1.00 17.91 ? 58  GLY A N   1 
ATOM   416  C CA  . GLY A 1 57  ? -9.003  -0.321  11.167  1.00 17.94 ? 58  GLY A CA  1 
ATOM   417  C C   . GLY A 1 57  ? -10.049 -0.852  10.193  1.00 17.30 ? 58  GLY A C   1 
ATOM   418  O O   . GLY A 1 57  ? -9.908  -0.701  8.970   1.00 16.69 ? 58  GLY A O   1 
ATOM   419  N N   . PRO A 1 58  ? -11.094 -1.517  10.715  1.00 17.73 ? 59  PRO A N   1 
ATOM   420  C CA  . PRO A 1 58  ? -12.221 -1.962  9.872   1.00 17.14 ? 59  PRO A CA  1 
ATOM   421  C C   . PRO A 1 58  ? -12.871 -0.860  9.031   1.00 16.98 ? 59  PRO A C   1 
ATOM   422  O O   . PRO A 1 58  ? -13.323 -1.128  7.908   1.00 16.88 ? 59  PRO A O   1 
ATOM   423  C CB  . PRO A 1 58  ? -13.207 -2.536  10.898  1.00 17.81 ? 59  PRO A CB  1 
ATOM   424  C CG  . PRO A 1 58  ? -12.295 -3.060  11.987  1.00 17.08 ? 59  PRO A CG  1 
ATOM   425  C CD  . PRO A 1 58  ? -11.236 -1.993  12.103  1.00 17.95 ? 59  PRO A CD  1 
ATOM   426  N N   . GLN A 1 59  ? -12.880 0.371   9.540   1.00 16.76 ? 60  GLN A N   1 
ATOM   427  C CA  . GLN A 1 59  ? -13.438 1.504   8.809   1.00 17.26 ? 60  GLN A CA  1 
ATOM   428  C C   . GLN A 1 59  ? -12.596 1.857   7.578   1.00 16.29 ? 60  GLN A C   1 
ATOM   429  O O   . GLN A 1 59  ? -13.134 2.073   6.477   1.00 15.07 ? 60  GLN A O   1 
ATOM   430  C CB  . GLN A 1 59  ? -13.591 2.704   9.747   1.00 18.24 ? 60  GLN A CB  1 
ATOM   431  C CG  . GLN A 1 59  ? -14.612 2.395   10.856  1.00 21.63 ? 60  GLN A CG  1 
ATOM   432  C CD  . GLN A 1 59  ? -14.808 3.524   11.827  1.00 28.02 ? 60  GLN A CD  1 
ATOM   433  O OE1 . GLN A 1 59  ? -15.929 3.762   12.286  1.00 33.02 ? 60  GLN A OE1 1 
ATOM   434  N NE2 . GLN A 1 59  ? -13.724 4.211   12.180  1.00 29.27 ? 60  GLN A NE2 1 
ATOM   435  N N   . ILE A 1 60  ? -11.280 1.907   7.758   1.00 15.68 ? 61  ILE A N   1 
ATOM   436  C CA  . ILE A 1 60  ? -10.390 2.136   6.615   1.00 15.04 ? 61  ILE A CA  1 
ATOM   437  C C   . ILE A 1 60  ? -10.497 0.991   5.594   1.00 14.30 ? 61  ILE A C   1 
ATOM   438  O O   . ILE A 1 60  ? -10.517 1.219   4.375   1.00 13.05 ? 61  ILE A O   1 
ATOM   439  C CB  . ILE A 1 60  ? -8.929  2.338   7.070   1.00 15.27 ? 61  ILE A CB  1 
ATOM   440  C CG1 . ILE A 1 60  ? -8.820  3.680   7.807   1.00 16.49 ? 61  ILE A CG1 1 
ATOM   441  C CG2 . ILE A 1 60  ? -7.975  2.297   5.868   1.00 16.77 ? 61  ILE A CG2 1 
ATOM   442  C CD1 . ILE A 1 60  ? -7.689  3.793   8.782   1.00 18.97 ? 61  ILE A CD1 1 
ATOM   443  N N   . GLN A 1 61  ? -10.572 -0.240  6.085   1.00 13.49 ? 62  GLN A N   1 
ATOM   444  C CA  . GLN A 1 61  ? -10.705 -1.371  5.167   1.00 13.94 ? 62  GLN A CA  1 
ATOM   445  C C   . GLN A 1 61  ? -11.964 -1.295  4.308   1.00 13.67 ? 62  GLN A C   1 
ATOM   446  O O   . GLN A 1 61  ? -11.945 -1.680  3.128   1.00 12.86 ? 62  GLN A O   1 
ATOM   447  C CB  . GLN A 1 61  ? -10.652 -2.697  5.913   1.00 13.96 ? 62  GLN A CB  1 
ATOM   448  C CG  . GLN A 1 61  ? -10.731 -3.915  4.997   1.00 15.69 ? 62  GLN A CG  1 
ATOM   449  C CD  . GLN A 1 61  ? -9.741  -3.850  3.817   1.00 18.43 ? 62  GLN A CD  1 
ATOM   450  O OE1 . GLN A 1 61  ? -10.113 -4.015  2.640   1.00 20.86 ? 62  GLN A OE1 1 
ATOM   451  N NE2 . GLN A 1 61  ? -8.494  -3.584  4.126   1.00 16.53 ? 62  GLN A NE2 1 
ATOM   452  N N   . LYS A 1 62  ? -13.061 -0.833  4.903   1.00 14.23 ? 63  LYS A N   1 
ATOM   453  C CA  . LYS A 1 62  ? -14.299 -0.630  4.147   1.00 14.57 ? 63  LYS A CA  1 
ATOM   454  C C   . LYS A 1 62  ? -14.048 0.336   2.985   1.00 14.25 ? 63  LYS A C   1 
ATOM   455  O O   . LYS A 1 62  ? -14.474 0.091   1.839   1.00 14.37 ? 63  LYS A O   1 
ATOM   456  C CB  . LYS A 1 62  ? -15.371 -0.070  5.063   1.00 15.15 ? 63  LYS A CB  1 
ATOM   457  C CG  . LYS A 1 62  ? -15.922 -1.126  5.995   1.00 20.96 ? 63  LYS A CG  1 
ATOM   458  C CD  . LYS A 1 62  ? -17.099 -0.572  6.794   1.00 26.08 ? 63  LYS A CD  1 
ATOM   459  C CE  . LYS A 1 62  ? -17.624 -1.607  7.778   1.00 28.43 ? 63  LYS A CE  1 
ATOM   460  N NZ  . LYS A 1 62  ? -18.519 -0.936  8.777   1.00 30.40 ? 63  LYS A NZ  1 
ATOM   461  N N   . VAL A 1 63  ? -13.335 1.423   3.294   1.00 13.17 ? 64  VAL A N   1 
ATOM   462  C CA  . VAL A 1 63  ? -12.984 2.415   2.300   1.00 13.63 ? 64  VAL A CA  1 
ATOM   463  C C   . VAL A 1 63  ? -12.067 1.799   1.251   1.00 12.93 ? 64  VAL A C   1 
ATOM   464  O O   . VAL A 1 63  ? -12.267 2.010   0.065   1.00 12.39 ? 64  VAL A O   1 
ATOM   465  C CB  . VAL A 1 63  ? -12.336 3.653   2.967   1.00 13.61 ? 64  VAL A CB  1 
ATOM   466  C CG1 . VAL A 1 63  ? -11.599 4.527   1.938   1.00 15.69 ? 64  VAL A CG1 1 
ATOM   467  C CG2 . VAL A 1 63  ? -13.426 4.456   3.680   1.00 17.36 ? 64  VAL A CG2 1 
ATOM   468  N N   . LEU A 1 64  ? -11.062 1.037   1.681   1.00 13.13 ? 65  LEU A N   1 
ATOM   469  C CA  . LEU A 1 64  ? -10.147 0.382   0.730   1.00 12.22 ? 65  LEU A CA  1 
ATOM   470  C C   . LEU A 1 64  ? -10.869 -0.545  -0.241  1.00 12.62 ? 65  LEU A C   1 
ATOM   471  O O   . LEU A 1 64  ? -10.582 -0.538  -1.446  1.00 12.24 ? 65  LEU A O   1 
ATOM   472  C CB  . LEU A 1 64  ? -9.032  -0.368  1.477   1.00 12.47 ? 65  LEU A CB  1 
ATOM   473  C CG  . LEU A 1 64  ? -8.085  0.582   2.207   1.00 12.59 ? 65  LEU A CG  1 
ATOM   474  C CD1 . LEU A 1 64  ? -7.213  -0.253  3.146   1.00 12.37 ? 65  LEU A CD1 1 
ATOM   475  C CD2 . LEU A 1 64  ? -7.249  1.415   1.210   1.00 13.06 ? 65  LEU A CD2 1 
ATOM   476  N N   . GLU A 1 65  ? -11.823 -1.317  0.273   1.00 11.92 ? 66  GLU A N   1 
ATOM   477  C CA  . GLU A 1 65  ? -12.580 -2.206  -0.571  1.00 12.45 ? 66  GLU A CA  1 
ATOM   478  C C   . GLU A 1 65  ? -13.363 -1.423  -1.620  1.00 12.13 ? 66  GLU A C   1 
ATOM   479  O O   . GLU A 1 65  ? -13.402 -1.833  -2.770  1.00 11.63 ? 66  GLU A O   1 
ATOM   480  C CB  . GLU A 1 65  ? -13.505 -3.146  0.215   1.00 12.43 ? 66  GLU A CB  1 
ATOM   481  C CG  . GLU A 1 65  ? -14.147 -4.141  -0.730  1.00 17.16 ? 66  GLU A CG  1 
ATOM   482  C CD  . GLU A 1 65  ? -15.071 -5.146  -0.066  1.00 19.94 ? 66  GLU A CD  1 
ATOM   483  O OE1 . GLU A 1 65  ? -14.947 -5.376  1.139   1.00 18.75 ? 66  GLU A OE1 1 
ATOM   484  O OE2 . GLU A 1 65  ? -15.912 -5.706  -0.793  1.00 26.07 ? 66  GLU A OE2 1 
ATOM   485  N N   . ARG A 1 66  ? -13.975 -0.313  -1.212  1.00 11.48 ? 67  ARG A N   1 
ATOM   486  C CA  . ARG A 1 66  ? -14.678 0.565   -2.167  1.00 12.51 ? 67  ARG A CA  1 
ATOM   487  C C   . ARG A 1 66  ? -13.752 1.162   -3.241  1.00 12.48 ? 67  ARG A C   1 
ATOM   488  O O   . ARG A 1 66  ? -14.100 1.181   -4.418  1.00 13.78 ? 67  ARG A O   1 
ATOM   489  C CB  . ARG A 1 66  ? -15.399 1.675   -1.426  1.00 12.70 ? 67  ARG A CB  1 
ATOM   490  C CG  . ARG A 1 66  ? -16.117 2.623   -2.372  1.00 14.43 ? 67  ARG A CG  1 
ATOM   491  C CD  . ARG A 1 66  ? -17.185 3.466   -1.678  1.00 19.46 ? 67  ARG A CD  1 
ATOM   492  N NE  . ARG A 1 66  ? -16.648 4.456   -0.759  1.00 23.69 ? 67  ARG A NE  1 
ATOM   493  C CZ  . ARG A 1 66  ? -16.606 4.321   0.568   1.00 25.95 ? 67  ARG A CZ  1 
ATOM   494  N NH1 . ARG A 1 66  ? -17.061 3.220   1.155   1.00 26.97 ? 67  ARG A NH1 1 
ATOM   495  N NH2 . ARG A 1 66  ? -16.105 5.299   1.319   1.00 26.13 ? 67  ARG A NH2 1 
ATOM   496  N N   . LEU A 1 67  ? -12.569 1.631   -2.835  1.00 12.70 ? 68  LEU A N   1 
ATOM   497  C CA  . LEU A 1 67  ? -11.678 2.336   -3.767  1.00 11.78 ? 68  LEU A CA  1 
ATOM   498  C C   . LEU A 1 67  ? -10.918 1.368   -4.656  1.00 12.31 ? 68  LEU A C   1 
ATOM   499  O O   . LEU A 1 67  ? -10.579 1.703   -5.796  1.00 12.07 ? 68  LEU A O   1 
ATOM   500  C CB  . LEU A 1 67  ? -10.652 3.181   -2.999  1.00 11.76 ? 68  LEU A CB  1 
ATOM   501  C CG  . LEU A 1 67  ? -11.125 4.349   -2.136  1.00 13.13 ? 68  LEU A CG  1 
ATOM   502  C CD1 . LEU A 1 67  ? -9.880  5.000   -1.469  1.00 14.44 ? 68  LEU A CD1 1 
ATOM   503  C CD2 . LEU A 1 67  ? -11.821 5.360   -3.001  1.00 16.57 ? 68  LEU A CD2 1 
ATOM   504  N N   . THR A 1 68  ? -10.629 0.171   -4.133  1.00 11.63 ? 69  THR A N   1 
ATOM   505  C CA  . THR A 1 68  ? -9.703  -0.758  -4.822  1.00 11.09 ? 69  THR A CA  1 
ATOM   506  C C   . THR A 1 68  ? -10.260 -2.125  -5.271  1.00 11.29 ? 69  THR A C   1 
ATOM   507  O O   . THR A 1 68  ? -9.630  -2.821  -6.088  1.00 10.69 ? 69  THR A O   1 
ATOM   508  C CB  . THR A 1 68  ? -8.452  -1.063  -3.955  1.00 10.78 ? 69  THR A CB  1 
ATOM   509  O OG1 . THR A 1 68  ? -8.828  -1.900  -2.856  1.00 11.28 ? 69  THR A OG1 1 
ATOM   510  C CG2 . THR A 1 68  ? -7.778  0.222   -3.424  1.00 11.15 ? 69  THR A CG2 1 
ATOM   511  N N   . GLY A 1 69  ? -11.395 -2.538  -4.706  1.00 10.04 ? 70  GLY A N   1 
ATOM   512  C CA  . GLY A 1 69  ? -12.004 -3.846  -5.036  1.00 11.70 ? 70  GLY A CA  1 
ATOM   513  C C   . GLY A 1 69  ? -11.416 -4.999  -4.236  1.00 12.45 ? 70  GLY A C   1 
ATOM   514  O O   . GLY A 1 69  ? -11.836 -6.167  -4.399  1.00 13.63 ? 70  GLY A O   1 
ATOM   515  N N   . GLN A 1 70  ? -10.428 -4.661  -3.405  1.00 11.49 ? 71  GLN A N   1 
ATOM   516  C CA  . GLN A 1 70  ? -9.634  -5.607  -2.626  1.00 12.26 ? 71  GLN A CA  1 
ATOM   517  C C   . GLN A 1 70  ? -10.012 -5.590  -1.154  1.00 12.41 ? 71  GLN A C   1 
ATOM   518  O O   . GLN A 1 70  ? -10.109 -4.515  -0.541  1.00 13.18 ? 71  GLN A O   1 
ATOM   519  C CB  . GLN A 1 70  ? -8.169  -5.186  -2.760  1.00 12.17 ? 71  GLN A CB  1 
ATOM   520  C CG  . GLN A 1 70  ? -7.173  -6.125  -2.172  1.00 12.74 ? 71  GLN A CG  1 
ATOM   521  C CD  . GLN A 1 70  ? -5.769  -5.663  -2.443  1.00 12.64 ? 71  GLN A CD  1 
ATOM   522  O OE1 . GLN A 1 70  ? -5.402  -5.327  -3.592  1.00 11.63 ? 71  GLN A OE1 1 
ATOM   523  N NE2 . GLN A 1 70  ? -4.970  -5.620  -1.390  1.00 10.79 ? 71  GLN A NE2 1 
ATOM   524  N N   . HIS A 1 71  ? -10.125 -6.780  -0.575  1.00 12.00 ? 72  HIS A N   1 
ATOM   525  C CA  . HIS A 1 71  ? -10.439 -6.881  0.841   1.00 13.08 ? 72  HIS A CA  1 
ATOM   526  C C   . HIS A 1 71  ? -9.296  -7.452  1.628   1.00 12.71 ? 72  HIS A C   1 
ATOM   527  O O   . HIS A 1 71  ? -9.436  -7.612  2.846   1.00 13.79 ? 72  HIS A O   1 
ATOM   528  C CB  . HIS A 1 71  ? -11.668 -7.752  1.055   1.00 14.01 ? 72  HIS A CB  1 
ATOM   529  C CG  . HIS A 1 71  ? -11.461 -9.174  0.665   1.00 15.76 ? 72  HIS A CG  1 
ATOM   530  N ND1 . HIS A 1 71  ? -11.729 -9.642  -0.601  1.00 20.98 ? 72  HIS A ND1 1 
ATOM   531  C CD2 . HIS A 1 71  ? -11.027 -10.242 1.379   1.00 18.57 ? 72  HIS A CD2 1 
ATOM   532  C CE1 . HIS A 1 71  ? -11.458 -10.933 -0.655  1.00 20.27 ? 72  HIS A CE1 1 
ATOM   533  N NE2 . HIS A 1 71  ? -11.039 -11.321 0.536   1.00 17.38 ? 72  HIS A NE2 1 
ATOM   534  N N   . THR A 1 72  ? -8.180  -7.781  0.959   1.00 11.98 ? 73  THR A N   1 
ATOM   535  C CA  . THR A 1 72  ? -7.011  -8.291  1.695   1.00 10.94 ? 73  THR A CA  1 
ATOM   536  C C   . THR A 1 72  ? -5.938  -7.233  1.967   1.00 10.34 ? 73  THR A C   1 
ATOM   537  O O   . THR A 1 72  ? -5.898  -6.221  1.312   1.00 10.44 ? 73  THR A O   1 
ATOM   538  C CB  . THR A 1 72  ? -6.311  -9.424  0.940   1.00 9.97  ? 73  THR A CB  1 
ATOM   539  O OG1 . THR A 1 72  ? -5.969  -8.996  -0.385  1.00 10.66 ? 73  THR A OG1 1 
ATOM   540  C CG2 . THR A 1 72  ? -7.207  -10.633 0.844   1.00 11.19 ? 73  THR A CG2 1 
ATOM   541  N N   . VAL A 1 73  ? -5.099  -7.514  2.963   1.00 10.02 ? 74  VAL A N   1 
ATOM   542  C CA  . VAL A 1 73  ? -3.830  -6.813  3.168   1.00 10.55 ? 74  VAL A CA  1 
ATOM   543  C C   . VAL A 1 73  ? -2.632  -7.702  2.768   1.00 10.06 ? 74  VAL A C   1 
ATOM   544  O O   . VAL A 1 73  ? -2.674  -8.939  2.894   1.00 10.89 ? 74  VAL A O   1 
ATOM   545  C CB  . VAL A 1 73  ? -3.662  -6.297  4.617   1.00 10.83 ? 74  VAL A CB  1 
ATOM   546  C CG1 . VAL A 1 73  ? -4.675  -5.180  4.913   1.00 11.26 ? 74  VAL A CG1 1 
ATOM   547  C CG2 . VAL A 1 73  ? -3.752  -7.452  5.634   1.00 10.40 ? 74  VAL A CG2 1 
ATOM   548  N N   . PRO A 1 74  ? -1.536  -7.091  2.286   1.00 10.31 ? 75  PRO A N   1 
ATOM   549  C CA  . PRO A 1 74  ? -1.312  -5.657  2.141   1.00 9.97  ? 75  PRO A CA  1 
ATOM   550  C C   . PRO A 1 74  ? -2.065  -5.052  0.965   1.00 9.51  ? 75  PRO A C   1 
ATOM   551  O O   . PRO A 1 74  ? -2.343  -5.754  -0.038  1.00 8.92  ? 75  PRO A O   1 
ATOM   552  C CB  . PRO A 1 74  ? 0.194   -5.566  1.887   1.00 10.71 ? 75  PRO A CB  1 
ATOM   553  C CG  . PRO A 1 74  ? 0.522   -6.873  1.159   1.00 10.88 ? 75  PRO A CG  1 
ATOM   554  C CD  . PRO A 1 74  ? -0.374  -7.890  1.843   1.00 9.41  ? 75  PRO A CD  1 
ATOM   555  N N   . ASN A 1 75  ? -2.417  -3.777  1.108   1.00 8.71  ? 76  ASN A N   1 
ATOM   556  C CA  . ASN A 1 75  ? -3.041  -3.044  0.013   1.00 9.22  ? 76  ASN A CA  1 
ATOM   557  C C   . ASN A 1 75  ? -2.052  -1.972  -0.370  1.00 9.08  ? 76  ASN A C   1 
ATOM   558  O O   . ASN A 1 75  ? -1.817  -1.025  0.393   1.00 10.22 ? 76  ASN A O   1 
ATOM   559  C CB  . ASN A 1 75  ? -4.418  -2.488  0.405   1.00 9.35  ? 76  ASN A CB  1 
ATOM   560  C CG  . ASN A 1 75  ? -5.316  -2.281  -0.821  1.00 10.54 ? 76  ASN A CG  1 
ATOM   561  O OD1 . ASN A 1 75  ? -4.809  -2.022  -1.902  1.00 12.64 ? 76  ASN A OD1 1 
ATOM   562  N ND2 . ASN A 1 75  ? -6.640  -2.444  -0.656  1.00 10.04 ? 76  ASN A ND2 1 
ATOM   563  N N   . VAL A 1 76  ? -1.409  -2.183  -1.516  1.00 9.12  ? 77  VAL A N   1 
ATOM   564  C CA  . VAL A 1 76  ? -0.252  -1.359  -1.931  1.00 9.27  ? 77  VAL A CA  1 
ATOM   565  C C   . VAL A 1 76  ? -0.645  -0.264  -2.928  1.00 8.94  ? 77  VAL A C   1 
ATOM   566  O O   . VAL A 1 76  ? -1.344  -0.537  -3.898  1.00 9.50  ? 77  VAL A O   1 
ATOM   567  C CB  . VAL A 1 76  ? 0.841   -2.277  -2.564  1.00 9.47  ? 77  VAL A CB  1 
ATOM   568  C CG1 . VAL A 1 76  ? 2.088   -1.492  -3.023  1.00 9.95  ? 77  VAL A CG1 1 
ATOM   569  C CG2 . VAL A 1 76  ? 1.241   -3.352  -1.586  1.00 10.32 ? 77  VAL A CG2 1 
ATOM   570  N N   . PHE A 1 77  ? -0.139  0.957   -2.717  1.00 9.31  ? 78  PHE A N   1 
ATOM   571  C CA  . PHE A 1 77  ? -0.322  2.064   -3.679  1.00 9.20  ? 78  PHE A CA  1 
ATOM   572  C C   . PHE A 1 77  ? 1.061   2.612   -4.021  1.00 10.03 ? 78  PHE A C   1 
ATOM   573  O O   . PHE A 1 77  ? 1.898   2.783   -3.135  1.00 10.06 ? 78  PHE A O   1 
ATOM   574  C CB  . PHE A 1 77  ? -1.113  3.223   -3.085  1.00 9.93  ? 78  PHE A CB  1 
ATOM   575  C CG  . PHE A 1 77  ? -2.567  2.920   -2.867  1.00 9.27  ? 78  PHE A CG  1 
ATOM   576  C CD1 . PHE A 1 77  ? -3.526  3.449   -3.716  1.00 11.85 ? 78  PHE A CD1 1 
ATOM   577  C CD2 . PHE A 1 77  ? -2.958  2.114   -1.798  1.00 9.60  ? 78  PHE A CD2 1 
ATOM   578  C CE1 . PHE A 1 77  ? -4.886  3.191   -3.497  1.00 9.93  ? 78  PHE A CE1 1 
ATOM   579  C CE2 . PHE A 1 77  ? -4.316  1.848   -1.565  1.00 10.48 ? 78  PHE A CE2 1 
ATOM   580  C CZ  . PHE A 1 77  ? -5.271  2.395   -2.418  1.00 12.05 ? 78  PHE A CZ  1 
ATOM   581  N N   . ILE A 1 78  ? 1.278   2.907   -5.300  1.00 10.30 ? 79  ILE A N   1 
ATOM   582  C CA  . ILE A 1 78  ? 2.510   3.576   -5.725  1.00 11.36 ? 79  ILE A CA  1 
ATOM   583  C C   . ILE A 1 78  ? 2.155   4.722   -6.648  1.00 11.81 ? 79  ILE A C   1 
ATOM   584  O O   . ILE A 1 78  ? 1.371   4.561   -7.579  1.00 11.77 ? 79  ILE A O   1 
ATOM   585  C CB  . ILE A 1 78  ? 3.472   2.618   -6.484  1.00 11.07 ? 79  ILE A CB  1 
ATOM   586  C CG1 . ILE A 1 78  ? 3.877   1.427   -5.573  1.00 11.05 ? 79  ILE A CG1 1 
ATOM   587  C CG2 . ILE A 1 78  ? 4.691   3.407   -7.029  1.00 13.05 ? 79  ILE A CG2 1 
ATOM   588  C CD1 . ILE A 1 78  ? 4.723   0.325   -6.269  1.00 11.30 ? 79  ILE A CD1 1 
ATOM   589  N N   . GLY A 1 79  ? 2.745   5.888   -6.386  1.00 12.07 ? 80  GLY A N   1 
ATOM   590  C CA  . GLY A 1 79  ? 2.482   7.071   -7.197  1.00 12.74 ? 80  GLY A CA  1 
ATOM   591  C C   . GLY A 1 79  ? 1.021   7.462   -7.206  1.00 13.12 ? 80  GLY A C   1 
ATOM   592  O O   . GLY A 1 79  ? 0.531   8.040   -8.196  1.00 14.31 ? 80  GLY A O   1 
ATOM   593  N N   . GLY A 1 80  ? 0.324   7.143   -6.116  1.00 11.87 ? 81  GLY A N   1 
ATOM   594  C CA  . GLY A 1 80  ? -1.079  7.505   -5.975  1.00 12.73 ? 81  GLY A CA  1 
ATOM   595  C C   . GLY A 1 80  ? -2.051  6.524   -6.589  1.00 12.67 ? 81  GLY A C   1 
ATOM   596  O O   . GLY A 1 80  ? -3.268  6.716   -6.481  1.00 13.97 ? 81  GLY A O   1 
ATOM   597  N N   . LYS A 1 81  ? -1.524  5.439   -7.157  1.00 12.10 ? 82  LYS A N   1 
ATOM   598  C CA  . LYS A 1 81  ? -2.317  4.433   -7.892  1.00 13.32 ? 82  LYS A CA  1 
ATOM   599  C C   . LYS A 1 81  ? -2.333  3.073   -7.203  1.00 12.01 ? 82  LYS A C   1 
ATOM   600  O O   . LYS A 1 81  ? -1.294  2.601   -6.746  1.00 11.14 ? 82  LYS A O   1 
ATOM   601  C CB  . LYS A 1 81  ? -1.768  4.284   -9.315  1.00 13.24 ? 82  LYS A CB  1 
ATOM   602  C CG  . LYS A 1 81  ? -1.629  5.652   -10.030 1.00 15.61 ? 82  LYS A CG  1 
ATOM   603  C CD  . LYS A 1 81  ? -1.238  5.538   -11.528 1.00 17.26 ? 82  LYS A CD  1 
ATOM   604  C CE  . LYS A 1 81  ? 0.219   5.199   -11.778 1.00 20.97 ? 82  LYS A CE  1 
ATOM   605  N NZ  . LYS A 1 81  ? 0.599   5.169   -13.251 1.00 22.56 ? 82  LYS A NZ  1 
ATOM   606  N N   . HIS A 1 82  ? -3.516  2.451   -7.110  1.00 11.20 ? 83  HIS A N   1 
ATOM   607  C CA  . HIS A 1 82  ? -3.603  1.099   -6.562  1.00 11.64 ? 83  HIS A CA  1 
ATOM   608  C C   . HIS A 1 82  ? -2.776  0.088   -7.374  1.00 11.68 ? 83  HIS A C   1 
ATOM   609  O O   . HIS A 1 82  ? -2.921  0.009   -8.601  1.00 12.15 ? 83  HIS A O   1 
ATOM   610  C CB  . HIS A 1 82  ? -5.068  0.632   -6.508  1.00 11.78 ? 83  HIS A CB  1 
ATOM   611  C CG  . HIS A 1 82  ? -5.229  -0.731  -5.910  1.00 11.33 ? 83  HIS A CG  1 
ATOM   612  N ND1 . HIS A 1 82  ? -5.694  -1.803  -6.635  1.00 10.61 ? 83  HIS A ND1 1 
ATOM   613  C CD2 . HIS A 1 82  ? -4.913  -1.209  -4.682  1.00 10.10 ? 83  HIS A CD2 1 
ATOM   614  C CE1 . HIS A 1 82  ? -5.714  -2.877  -5.857  1.00 10.33 ? 83  HIS A CE1 1 
ATOM   615  N NE2 . HIS A 1 82  ? -5.243  -2.539  -4.670  1.00 10.61 ? 83  HIS A NE2 1 
ATOM   616  N N   . ILE A 1 83  ? -1.946  -0.683  -6.670  1.00 11.28 ? 84  ILE A N   1 
ATOM   617  C CA  . ILE A 1 83  ? -1.140  -1.762  -7.250  1.00 11.71 ? 84  ILE A CA  1 
ATOM   618  C C   . ILE A 1 83  ? -1.756  -3.149  -7.009  1.00 11.99 ? 84  ILE A C   1 
ATOM   619  O O   . ILE A 1 83  ? -1.812  -3.968  -7.926  1.00 13.49 ? 84  ILE A O   1 
ATOM   620  C CB  . ILE A 1 83  ? 0.339   -1.708  -6.728  1.00 12.45 ? 84  ILE A CB  1 
ATOM   621  C CG1 . ILE A 1 83  ? 1.026   -0.409  -7.155  1.00 13.41 ? 84  ILE A CG1 1 
ATOM   622  C CG2 . ILE A 1 83  ? 1.152   -2.889  -7.196  1.00 12.88 ? 84  ILE A CG2 1 
ATOM   623  C CD1 . ILE A 1 83  ? 0.916   -0.089  -8.652  1.00 14.32 ? 84  ILE A CD1 1 
ATOM   624  N N   . GLY A 1 84  ? -2.221  -3.390  -5.779  1.00 11.32 ? 85  GLY A N   1 
ATOM   625  C CA  . GLY A 1 84  ? -2.783  -4.694  -5.372  1.00 10.91 ? 85  GLY A CA  1 
ATOM   626  C C   . GLY A 1 84  ? -2.129  -5.198  -4.110  1.00 10.73 ? 85  GLY A C   1 
ATOM   627  O O   . GLY A 1 84  ? -1.848  -4.419  -3.188  1.00 11.31 ? 85  GLY A O   1 
ATOM   628  N N   . GLY A 1 85  ? -1.869  -6.503  -4.037  1.00 10.67 ? 86  GLY A N   1 
ATOM   629  C CA  . GLY A 1 85  ? -1.252  -7.054  -2.819  1.00 10.76 ? 86  GLY A CA  1 
ATOM   630  C C   . GLY A 1 85  ? 0.186   -7.446  -3.069  1.00 10.96 ? 86  GLY A C   1 
ATOM   631  O O   . GLY A 1 85  ? 0.823   -6.952  -4.000  1.00 10.52 ? 86  GLY A O   1 
ATOM   632  N N   . CYS A 1 86  ? 0.683   -8.341  -2.229  1.00 12.41 ? 87  CYS A N   1 
ATOM   633  C CA  . CYS A 1 86  ? 2.082   -8.758  -2.284  1.00 12.66 ? 87  CYS A CA  1 
ATOM   634  C C   . CYS A 1 86  ? 2.360   -9.433  -3.610  1.00 13.05 ? 87  CYS A C   1 
ATOM   635  O O   . CYS A 1 86  ? 3.327   -9.082  -4.315  1.00 11.89 ? 87  CYS A O   1 
ATOM   636  C CB  . CYS A 1 86  ? 2.380   -9.743  -1.160  1.00 13.32 ? 87  CYS A CB  1 
ATOM   637  S SG  . CYS A 1 86  ? 4.150   -10.116 -1.131  1.00 16.52 ? 87  CYS A SG  1 
ATOM   638  N N   . THR A 1 87  ? 1.512   -10.405 -3.954  1.00 12.48 ? 88  THR A N   1 
ATOM   639  C CA  . THR A 1 87  ? 1.740   -11.184 -5.173  1.00 14.13 ? 88  THR A CA  1 
ATOM   640  C C   . THR A 1 87  ? 1.681   -10.295 -6.399  1.00 13.54 ? 88  THR A C   1 
ATOM   641  O O   . THR A 1 87  ? 2.498   -10.440 -7.300  1.00 13.65 ? 88  THR A O   1 
ATOM   642  C CB  . THR A 1 87  ? 0.767   -12.386 -5.301  1.00 14.42 ? 88  THR A CB  1 
ATOM   643  O OG1 . THR A 1 87  ? -0.554  -11.951 -5.011  1.00 17.70 ? 88  THR A OG1 1 
ATOM   644  C CG2 . THR A 1 87  ? 1.133   -13.452 -4.290  1.00 13.48 ? 88  THR A CG2 1 
ATOM   645  N N   . ASP A 1 88  ? 0.728   -9.362  -6.428  1.00 13.27 ? 89  ASP A N   1 
ATOM   646  C CA  . ASP A 1 88  ? 0.612   -8.394  -7.532  1.00 12.78 ? 89  ASP A CA  1 
ATOM   647  C C   . ASP A 1 88  ? 1.855   -7.516  -7.678  1.00 12.66 ? 89  ASP A C   1 
ATOM   648  O O   . ASP A 1 88  ? 2.317   -7.253  -8.805  1.00 12.97 ? 89  ASP A O   1 
ATOM   649  C CB  . ASP A 1 88  ? -0.576  -7.456  -7.298  1.00 12.69 ? 89  ASP A CB  1 
ATOM   650  C CG  . ASP A 1 88  ? -1.906  -8.166  -7.333  1.00 16.16 ? 89  ASP A CG  1 
ATOM   651  O OD1 . ASP A 1 88  ? -2.098  -9.046  -8.208  1.00 17.02 ? 89  ASP A OD1 1 
ATOM   652  O OD2 . ASP A 1 88  ? -2.778  -7.813  -6.498  1.00 18.47 ? 89  ASP A OD2 1 
ATOM   653  N N   . THR A 1 89  ? 2.365   -7.047  -6.546  1.00 11.83 ? 90  THR A N   1 
ATOM   654  C CA  . THR A 1 89  ? 3.556   -6.182  -6.533  1.00 11.80 ? 90  THR A CA  1 
ATOM   655  C C   . THR A 1 89  ? 4.749   -6.971  -7.070  1.00 12.56 ? 90  THR A C   1 
ATOM   656  O O   . THR A 1 89  ? 5.499   -6.488  -7.936  1.00 12.44 ? 90  THR A O   1 
ATOM   657  C CB  . THR A 1 89  ? 3.819   -5.626  -5.109  1.00 11.64 ? 90  THR A CB  1 
ATOM   658  O OG1 . THR A 1 89  ? 2.683   -4.847  -4.688  1.00 11.88 ? 90  THR A OG1 1 
ATOM   659  C CG2 . THR A 1 89  ? 5.062   -4.728  -5.090  1.00 11.24 ? 90  THR A CG2 1 
ATOM   660  N N   . VAL A 1 90  ? 4.878   -8.201  -6.588  1.00 12.13 ? 91  VAL A N   1 
ATOM   661  C CA  . VAL A 1 90  ? 5.957   -9.099  -7.018  1.00 13.89 ? 91  VAL A CA  1 
ATOM   662  C C   . VAL A 1 90  ? 5.843   -9.399  -8.529  1.00 14.39 ? 91  VAL A C   1 
ATOM   663  O O   . VAL A 1 90  ? 6.840   -9.361  -9.249  1.00 14.20 ? 91  VAL A O   1 
ATOM   664  C CB  . VAL A 1 90  ? 6.038   -10.346 -6.110  1.00 14.40 ? 91  VAL A CB  1 
ATOM   665  C CG1 . VAL A 1 90  ? 7.055   -11.353 -6.649  1.00 15.03 ? 91  VAL A CG1 1 
ATOM   666  C CG2 . VAL A 1 90  ? 6.409   -9.934  -4.675  1.00 14.57 ? 91  VAL A CG2 1 
ATOM   667  N N   . LYS A 1 91  ? 4.628   -9.619  -9.032  1.00 15.29 ? 92  LYS A N   1 
ATOM   668  C CA  . LYS A 1 91  ? 4.454   -9.721  -10.499 1.00 16.21 ? 92  LYS A CA  1 
ATOM   669  C C   . LYS A 1 91  ? 5.049   -8.512  -11.277 1.00 16.99 ? 92  LYS A C   1 
ATOM   670  O O   . LYS A 1 91  ? 5.841   -8.699  -12.228 1.00 15.75 ? 92  LYS A O   1 
ATOM   671  C CB  . LYS A 1 91  ? 2.999   -9.977  -10.882 1.00 16.86 ? 92  LYS A CB  1 
ATOM   672  C CG  . LYS A 1 91  ? 2.476   -11.341 -10.482 1.00 17.69 ? 92  LYS A CG  1 
ATOM   673  C CD  . LYS A 1 91  ? 1.181   -11.738 -11.222 1.00 18.70 ? 92  LYS A CD  1 
ATOM   674  C CE  . LYS A 1 91  ? 0.288   -10.549 -11.546 1.00 21.86 ? 92  LYS A CE  1 
ATOM   675  N NZ  . LYS A 1 91  ? -1.174  -10.875 -11.795 1.00 24.97 ? 92  LYS A NZ  1 
ATOM   676  N N   . LEU A 1 92  ? 4.690   -7.286  -10.870 1.00 15.85 ? 93  LEU A N   1 
ATOM   677  C CA  . LEU A 1 92  ? 5.235   -6.074  -11.505 1.00 17.14 ? 93  LEU A CA  1 
ATOM   678  C C   . LEU A 1 92  ? 6.763   -6.052  -11.449 1.00 17.17 ? 93  LEU A C   1 
ATOM   679  O O   . LEU A 1 92  ? 7.417   -5.607  -12.409 1.00 17.25 ? 93  LEU A O   1 
ATOM   680  C CB  . LEU A 1 92  ? 4.671   -4.799  -10.862 1.00 16.67 ? 93  LEU A CB  1 
ATOM   681  C CG  . LEU A 1 92  ? 3.180   -4.561  -11.119 1.00 18.48 ? 93  LEU A CG  1 
ATOM   682  C CD1 . LEU A 1 92  ? 2.714   -3.212  -10.507 1.00 19.00 ? 93  LEU A CD1 1 
ATOM   683  C CD2 . LEU A 1 92  ? 2.825   -4.669  -12.617 1.00 18.04 ? 93  LEU A CD2 1 
ATOM   684  N N   . TYR A 1 93  ? 7.315   -6.562  -10.350 1.00 17.33 ? 94  TYR A N   1 
ATOM   685  C CA  . TYR A 1 93  ? 8.764   -6.625  -10.152 1.00 18.53 ? 94  TYR A CA  1 
ATOM   686  C C   . TYR A 1 93  ? 9.416   -7.570  -11.163 1.00 18.95 ? 94  TYR A C   1 
ATOM   687  O O   . TYR A 1 93  ? 10.357  -7.179  -11.856 1.00 18.66 ? 94  TYR A O   1 
ATOM   688  C CB  . TYR A 1 93  ? 9.097   -7.071  -8.733  1.00 19.01 ? 94  TYR A CB  1 
ATOM   689  C CG  . TYR A 1 93  ? 10.589  -7.099  -8.438  1.00 20.14 ? 94  TYR A CG  1 
ATOM   690  C CD1 . TYR A 1 93  ? 11.402  -6.025  -8.776  1.00 20.48 ? 94  TYR A CD1 1 
ATOM   691  C CD2 . TYR A 1 93  ? 11.169  -8.191  -7.798  1.00 20.29 ? 94  TYR A CD2 1 
ATOM   692  C CE1 . TYR A 1 93  ? 12.768  -6.043  -8.496  1.00 23.26 ? 94  TYR A CE1 1 
ATOM   693  C CE2 . TYR A 1 93  ? 12.535  -8.220  -7.520  1.00 23.22 ? 94  TYR A CE2 1 
ATOM   694  C CZ  . TYR A 1 93  ? 13.317  -7.138  -7.865  1.00 22.41 ? 94  TYR A CZ  1 
ATOM   695  O OH  . TYR A 1 93  ? 14.665  -7.156  -7.582  1.00 26.03 ? 94  TYR A OH  1 
ATOM   696  N N   . ARG A 1 94  ? 8.881   -8.789  -11.243 1.00 19.11 ? 95  ARG A N   1 
ATOM   697  C CA  . ARG A 1 94  ? 9.399   -9.816  -12.162 1.00 19.84 ? 95  ARG A CA  1 
ATOM   698  C C   . ARG A 1 94  ? 9.303   -9.394  -13.623 1.00 19.89 ? 95  ARG A C   1 
ATOM   699  O O   . ARG A 1 94  ? 10.141  -9.786  -14.447 1.00 21.38 ? 95  ARG A O   1 
ATOM   700  C CB  . ARG A 1 94  ? 8.693   -11.175 -11.957 1.00 19.45 ? 95  ARG A CB  1 
ATOM   701  C CG  . ARG A 1 94  ? 8.835   -11.841 -10.583 1.00 18.97 ? 95  ARG A CG  1 
ATOM   702  C CD  . ARG A 1 94  ? 10.248  -11.789 -10.006 1.00 18.79 ? 95  ARG A CD  1 
ATOM   703  N NE  . ARG A 1 94  ? 10.336  -12.486 -8.721  1.00 20.28 ? 95  ARG A NE  1 
ATOM   704  C CZ  . ARG A 1 94  ? 11.391  -12.433 -7.922  1.00 22.16 ? 95  ARG A CZ  1 
ATOM   705  N NH1 . ARG A 1 94  ? 12.455  -11.730 -8.290  1.00 22.13 ? 95  ARG A NH1 1 
ATOM   706  N NH2 . ARG A 1 94  ? 11.376  -13.066 -6.764  1.00 23.03 ? 95  ARG A NH2 1 
ATOM   707  N N   . LYS A 1 95  ? 8.275   -8.612  -13.948 1.00 20.67 ? 96  LYS A N   1 
ATOM   708  C CA  . LYS A 1 95  ? 8.041   -8.102  -15.310 1.00 20.91 ? 96  LYS A CA  1 
ATOM   709  C C   . LYS A 1 95  ? 8.910   -6.912  -15.685 1.00 20.83 ? 96  LYS A C   1 
ATOM   710  O O   . LYS A 1 95  ? 8.848   -6.431  -16.820 1.00 20.86 ? 96  LYS A O   1 
ATOM   711  C CB  . LYS A 1 95  ? 6.600   -7.656  -15.451 1.00 20.94 ? 96  LYS A CB  1 
ATOM   712  C CG  . LYS A 1 95  ? 5.612   -8.795  -15.477 1.00 22.28 ? 96  LYS A CG  1 
ATOM   713  C CD  . LYS A 1 95  ? 4.240   -8.292  -15.091 1.00 26.15 ? 96  LYS A CD  1 
ATOM   714  C CE  . LYS A 1 95  ? 3.555   -7.571  -16.223 1.00 27.43 ? 96  LYS A CE  1 
ATOM   715  N NZ  . LYS A 1 95  ? 2.439   -6.784  -15.614 1.00 31.85 ? 96  LYS A NZ  1 
ATOM   716  N N   . GLY A 1 96  ? 9.684   -6.419  -14.724 1.00 19.65 ? 97  GLY A N   1 
ATOM   717  C CA  . GLY A 1 96  ? 10.488  -5.214  -14.934 1.00 20.12 ? 97  GLY A CA  1 
ATOM   718  C C   . GLY A 1 96  ? 9.740   -3.885  -14.907 1.00 19.51 ? 97  GLY A C   1 
ATOM   719  O O   . GLY A 1 96  ? 10.285  -2.851  -15.297 1.00 19.45 ? 97  GLY A O   1 
ATOM   720  N N   . GLU A 1 97  ? 8.497   -3.887  -14.420 1.00 19.46 ? 98  GLU A N   1 
ATOM   721  C CA  . GLU A 1 97  ? 7.680   -2.678  -14.413 1.00 19.10 ? 98  GLU A CA  1 
ATOM   722  C C   . GLU A 1 97  ? 7.705   -1.941  -13.072 1.00 18.79 ? 98  GLU A C   1 
ATOM   723  O O   . GLU A 1 97  ? 7.337   -0.763  -13.015 1.00 18.52 ? 98  GLU A O   1 
ATOM   724  C CB  . GLU A 1 97  ? 6.239   -3.001  -14.803 1.00 20.17 ? 98  GLU A CB  1 
ATOM   725  C CG  . GLU A 1 97  ? 6.126   -3.651  -16.178 1.00 21.61 ? 98  GLU A CG  1 
ATOM   726  C CD  . GLU A 1 97  ? 4.707   -3.730  -16.684 1.00 25.98 ? 98  GLU A CD  1 
ATOM   727  O OE1 . GLU A 1 97  ? 3.774   -3.476  -15.897 1.00 25.35 ? 98  GLU A OE1 1 
ATOM   728  O OE2 . GLU A 1 97  ? 4.541   -4.049  -17.884 1.00 26.03 ? 98  GLU A OE2 1 
ATOM   729  N N   . LEU A 1 98  ? 8.160   -2.612  -12.010 1.00 18.32 ? 99  LEU A N   1 
ATOM   730  C CA  . LEU A 1 98  ? 8.088   -2.013  -10.663 1.00 18.44 ? 99  LEU A CA  1 
ATOM   731  C C   . LEU A 1 98  ? 9.063   -0.858  -10.446 1.00 18.72 ? 99  LEU A C   1 
ATOM   732  O O   . LEU A 1 98  ? 8.673   0.202   -9.957  1.00 17.86 ? 99  LEU A O   1 
ATOM   733  C CB  . LEU A 1 98  ? 8.260   -3.054  -9.562  1.00 17.66 ? 99  LEU A CB  1 
ATOM   734  C CG  . LEU A 1 98  ? 8.008   -2.591  -8.125  1.00 18.19 ? 99  LEU A CG  1 
ATOM   735  C CD1 . LEU A 1 98  ? 6.555   -2.125  -7.956  1.00 16.93 ? 99  LEU A CD1 1 
ATOM   736  C CD2 . LEU A 1 98  ? 8.348   -3.706  -7.139  1.00 17.64 ? 99  LEU A CD2 1 
ATOM   737  N N   . GLU A 1 99  ? 10.327  -1.056  -10.796 1.00 19.16 ? 100 GLU A N   1 
ATOM   738  C CA  . GLU A 1 99  ? 11.287  0.007   -10.555 1.00 20.51 ? 100 GLU A CA  1 
ATOM   739  C C   . GLU A 1 99  ? 10.939  1.282   -11.332 1.00 19.81 ? 100 GLU A C   1 
ATOM   740  O O   . GLU A 1 99  ? 10.974  2.376   -10.755 1.00 19.82 ? 100 GLU A O   1 
ATOM   741  C CB  . GLU A 1 99  ? 12.733  -0.465  -10.754 1.00 21.14 ? 100 GLU A CB  1 
ATOM   742  C CG  . GLU A 1 99  ? 13.269  -1.163  -9.497  1.00 25.99 ? 100 GLU A CG  1 
ATOM   743  C CD  . GLU A 1 99  ? 14.074  -2.419  -9.786  1.00 31.63 ? 100 GLU A CD  1 
ATOM   744  O OE1 . GLU A 1 99  ? 15.105  -2.636  -9.109  1.00 34.80 ? 100 GLU A OE1 1 
ATOM   745  O OE2 . GLU A 1 99  ? 13.679  -3.195  -10.674 1.00 34.02 ? 100 GLU A OE2 1 
ATOM   746  N N   . PRO A 1 100 ? 10.590  1.161   -12.629 1.00 19.25 ? 101 PRO A N   1 
ATOM   747  C CA  . PRO A 1 100 ? 10.182  2.396   -13.316 1.00 19.34 ? 101 PRO A CA  1 
ATOM   748  C C   . PRO A 1 100 ? 8.985   3.091   -12.641 1.00 18.83 ? 101 PRO A C   1 
ATOM   749  O O   . PRO A 1 100 ? 8.969   4.319   -12.536 1.00 18.69 ? 101 PRO A O   1 
ATOM   750  C CB  . PRO A 1 100 ? 9.828   1.914   -14.738 1.00 19.37 ? 101 PRO A CB  1 
ATOM   751  C CG  . PRO A 1 100 ? 10.648  0.684   -14.908 1.00 19.68 ? 101 PRO A CG  1 
ATOM   752  C CD  . PRO A 1 100 ? 10.603  0.017   -13.555 1.00 20.00 ? 101 PRO A CD  1 
ATOM   753  N N   . LEU A 1 101 ? 8.008   2.325   -12.146 1.00 17.76 ? 102 LEU A N   1 
ATOM   754  C CA  . LEU A 1 101 ? 6.916   2.943   -11.386 1.00 17.70 ? 102 LEU A CA  1 
ATOM   755  C C   . LEU A 1 101 ? 7.414   3.654   -10.121 1.00 17.76 ? 102 LEU A C   1 
ATOM   756  O O   . LEU A 1 101 ? 6.897   4.705   -9.766  1.00 17.89 ? 102 LEU A O   1 
ATOM   757  C CB  . LEU A 1 101 ? 5.880   1.904   -10.954 1.00 17.40 ? 102 LEU A CB  1 
ATOM   758  C CG  . LEU A 1 101 ? 5.013   1.332   -12.061 1.00 17.91 ? 102 LEU A CG  1 
ATOM   759  C CD1 . LEU A 1 101 ? 4.145   0.268   -11.405 1.00 19.52 ? 102 LEU A CD1 1 
ATOM   760  C CD2 . LEU A 1 101 ? 4.152   2.414   -12.758 1.00 17.75 ? 102 LEU A CD2 1 
ATOM   761  N N   . LEU A 1 102 ? 8.356   3.040   -9.409  1.00 17.79 ? 103 LEU A N   1 
ATOM   762  C CA  . LEU A 1 102 ? 8.862   3.662   -8.180  1.00 18.53 ? 103 LEU A CA  1 
ATOM   763  C C   . LEU A 1 102 ? 9.586   4.977   -8.505  1.00 19.79 ? 103 LEU A C   1 
ATOM   764  O O   . LEU A 1 102 ? 9.465   5.957   -7.756  1.00 19.07 ? 103 LEU A O   1 
ATOM   765  C CB  . LEU A 1 102 ? 9.747   2.702   -7.385  1.00 18.06 ? 103 LEU A CB  1 
ATOM   766  C CG  . LEU A 1 102 ? 9.037   1.498   -6.742  1.00 17.18 ? 103 LEU A CG  1 
ATOM   767  C CD1 . LEU A 1 102 ? 10.031  0.385   -6.397  1.00 16.14 ? 103 LEU A CD1 1 
ATOM   768  C CD2 . LEU A 1 102 ? 8.255   1.905   -5.535  1.00 17.06 ? 103 LEU A CD2 1 
ATOM   769  N N   . SER A 1 103 ? 10.312  4.975   -9.623  1.00 20.87 ? 104 SER A N   1 
ATOM   770  C CA  . SER A 1 103 ? 11.003  6.169   -10.145 1.00 23.43 ? 104 SER A CA  1 
ATOM   771  C C   . SER A 1 103 ? 10.032  7.277   -10.520 1.00 23.87 ? 104 SER A C   1 
ATOM   772  O O   . SER A 1 103 ? 10.220  8.430   -10.128 1.00 25.14 ? 104 SER A O   1 
ATOM   773  C CB  . SER A 1 103 ? 11.875  5.808   -11.373 1.00 23.29 ? 104 SER A CB  1 
ATOM   774  O OG  . SER A 1 103 ? 12.970  5.003   -10.983 1.00 26.18 ? 104 SER A OG  1 
ATOM   775  N N   . GLU A 1 104 ? 8.989   6.931   -11.270 1.00 25.05 ? 105 GLU A N   1 
ATOM   776  C CA  . GLU A 1 104 ? 7.971   7.885   -11.669 1.00 25.97 ? 105 GLU A CA  1 
ATOM   777  C C   . GLU A 1 104 ? 7.256   8.470   -10.443 1.00 25.81 ? 105 GLU A C   1 
ATOM   778  O O   . GLU A 1 104 ? 6.762   9.596   -10.498 1.00 25.77 ? 105 GLU A O   1 
ATOM   779  C CB  . GLU A 1 104 ? 6.946   7.227   -12.603 1.00 26.66 ? 105 GLU A CB  1 
ATOM   780  C CG  . GLU A 1 104 ? 7.464   6.920   -14.010 1.00 30.61 ? 105 GLU A CG  1 
ATOM   781  C CD  . GLU A 1 104 ? 7.429   8.137   -14.951 1.00 35.74 ? 105 GLU A CD  1 
ATOM   782  O OE1 . GLU A 1 104 ? 7.624   9.286   -14.483 1.00 38.30 ? 105 GLU A OE1 1 
ATOM   783  O OE2 . GLU A 1 104 ? 7.204   7.939   -16.173 1.00 38.89 ? 105 GLU A OE2 1 
ATOM   784  N N   . ALA A 1 105 ? 7.209   7.693   -9.351  1.00 25.16 ? 106 ALA A N   1 
ATOM   785  C CA  . ALA A 1 105 ? 6.555   8.096   -8.099  1.00 25.09 ? 106 ALA A CA  1 
ATOM   786  C C   . ALA A 1 105 ? 7.500   8.873   -7.199  1.00 25.48 ? 106 ALA A C   1 
ATOM   787  O O   . ALA A 1 105 ? 7.089   9.412   -6.163  1.00 23.90 ? 106 ALA A O   1 
ATOM   788  C CB  . ALA A 1 105 ? 6.041   6.888   -7.364  1.00 24.63 ? 106 ALA A CB  1 
ATOM   789  N N   . ASN A 1 106 ? 8.765   8.914   -7.604  1.00 27.34 ? 107 ASN A N   1 
ATOM   790  C CA  . ASN A 1 106 ? 9.814   9.562   -6.840  1.00 29.25 ? 107 ASN A CA  1 
ATOM   791  C C   . ASN A 1 106 ? 9.952   8.949   -5.451  1.00 30.33 ? 107 ASN A C   1 
ATOM   792  O O   . ASN A 1 106 ? 10.051  9.664   -4.440  1.00 30.25 ? 107 ASN A O   1 
ATOM   793  C CB  . ASN A 1 106 ? 9.554   11.065  -6.746  1.00 29.75 ? 107 ASN A CB  1 
ATOM   794  C CG  . ASN A 1 106 ? 10.831  11.866  -6.719  1.00 32.16 ? 107 ASN A CG  1 
ATOM   795  O OD1 . ASN A 1 106 ? 11.801  11.493  -6.053  1.00 35.15 ? 107 ASN A OD1 1 
ATOM   796  N ND2 . ASN A 1 106 ? 10.845  12.974  -7.453  1.00 32.98 ? 107 ASN A ND2 1 
ATOM   797  N N   . ALA A 1 107 ? 9.950   7.616   -5.405  1.00 31.28 ? 108 ALA A N   1 
ATOM   798  C CA  . ALA A 1 107 ? 10.091  6.902   -4.149  1.00 33.04 ? 108 ALA A CA  1 
ATOM   799  C C   . ALA A 1 107 ? 11.458  7.210   -3.542  1.00 34.89 ? 108 ALA A C   1 
ATOM   800  O O   . ALA A 1 107 ? 12.502  6.987   -4.172  1.00 35.05 ? 108 ALA A O   1 
ATOM   801  C CB  . ALA A 1 107 ? 9.881   5.402   -4.347  1.00 32.71 ? 108 ALA A CB  1 
ATOM   802  N N   . LYS A 1 108 ? 11.424  7.758   -2.331  1.00 36.37 ? 109 LYS A N   1 
ATOM   803  C CA  . LYS A 1 108 ? 12.606  8.253   -1.620  1.00 38.19 ? 109 LYS A CA  1 
ATOM   804  C C   . LYS A 1 108 ? 13.410  7.120   -0.964  1.00 38.73 ? 109 LYS A C   1 
ATOM   805  O O   . LYS A 1 108 ? 12.853  6.075   -0.613  1.00 38.96 ? 109 LYS A O   1 
ATOM   806  C CB  . LYS A 1 108 ? 12.159  9.264   -0.555  1.00 37.89 ? 109 LYS A CB  1 
ATOM   807  C CG  . LYS A 1 108 ? 13.173  10.347  -0.207  1.00 39.02 ? 109 LYS A CG  1 
ATOM   808  C CD  . LYS A 1 108 ? 12.796  11.084  1.092   1.00 39.27 ? 109 LYS A CD  1 
ATOM   809  C CE  . LYS A 1 108 ? 11.756  12.186  0.859   1.00 41.70 ? 109 LYS A CE  1 
ATOM   810  N NZ  . LYS A 1 108 ? 12.352  13.432  0.283   1.00 43.67 ? 109 LYS A NZ  1 
ATOM   811  N N   . LYS A 1 109 ? 14.711  7.374   -0.798  1.00 39.73 ? 110 LYS A N   1 
ATOM   812  C CA  . LYS A 1 109 ? 15.722  6.474   -0.207  1.00 40.36 ? 110 LYS A CA  1 
ATOM   813  C C   . LYS A 1 109 ? 16.688  5.979   -1.270  1.00 40.74 ? 110 LYS A C   1 
ATOM   814  O O   . LYS A 1 109 ? 17.420  6.779   -1.856  1.00 40.95 ? 110 LYS A O   1 
ATOM   815  C CB  . LYS A 1 109 ? 15.123  5.309   0.594   1.00 40.51 ? 110 LYS A CB  1 
ATOM   816  C CG  . LYS A 1 109 ? 15.285  5.438   2.094   1.00 40.70 ? 110 LYS A CG  1 
ATOM   817  C CD  . LYS A 1 109 ? 16.383  4.522   2.619   1.00 41.25 ? 110 LYS A CD  1 
ATOM   818  C CE  . LYS A 1 109 ? 15.824  3.150   2.977   1.00 41.84 ? 110 LYS A CE  1 
ATOM   819  N NZ  . LYS A 1 109 ? 15.010  3.175   4.227   1.00 39.99 ? 110 LYS A NZ  1 
HETATM 820  N N1  . GSH B 2 .   ? -2.666  -12.628 -2.665  1.00 22.91 ? 1   GSH A N1  1 
HETATM 821  C CA1 . GSH B 2 .   ? -2.613  -11.701 -1.541  1.00 17.36 ? 1   GSH A CA1 1 
HETATM 822  C C1  . GSH B 2 .   ? -1.289  -10.967 -1.489  1.00 18.20 ? 1   GSH A C1  1 
HETATM 823  O O11 . GSH B 2 .   ? -1.221  -9.876  -0.898  1.00 15.36 ? 1   GSH A O11 1 
HETATM 824  O O12 . GSH B 2 .   ? -0.218  -11.423 -1.971  1.00 17.27 ? 1   GSH A O12 1 
HETATM 825  C CB1 . GSH B 2 .   ? -2.825  -12.477 -0.246  1.00 17.01 ? 1   GSH A CB1 1 
HETATM 826  C CG1 . GSH B 2 .   ? -3.069  -11.564 0.957   1.00 13.34 ? 1   GSH A CG1 1 
HETATM 827  C CD1 . GSH B 2 .   ? -3.750  -12.218 2.146   1.00 12.77 ? 1   GSH A CD1 1 
HETATM 828  O OE1 . GSH B 2 .   ? -4.283  -13.500 2.012   1.00 16.50 ? 1   GSH A OE1 1 
HETATM 829  N N2  . GSH B 2 .   ? -3.809  -11.499 3.279   1.00 11.15 ? 1   GSH A N2  1 
HETATM 830  C CA2 . GSH B 2 .   ? -4.582  -11.946 4.435   1.00 9.99  ? 1   GSH A CA2 1 
HETATM 831  C C2  . GSH B 2 .   ? -5.929  -11.314 4.467   1.00 12.70 ? 1   GSH A C2  1 
HETATM 832  O O2  . GSH B 2 .   ? -6.025  -9.986  4.100   1.00 12.95 ? 1   GSH A O2  1 
HETATM 833  C CB2 . GSH B 2 .   ? -3.901  -11.495 5.714   1.00 12.42 ? 1   GSH A CB2 1 
HETATM 834  S SG2 . GSH B 2 .   ? -2.227  -12.184 5.785   1.00 15.96 ? 1   GSH A SG2 1 
HETATM 835  N N3  . GSH B 2 .   ? -6.968  -12.003 4.911   1.00 11.90 ? 1   GSH A N3  1 
HETATM 836  C CA3 . GSH B 2 .   ? -8.252  -11.357 5.084   1.00 12.96 ? 1   GSH A CA3 1 
HETATM 837  C C3  . GSH B 2 .   ? -9.357  -12.151 4.425   1.00 14.93 ? 1   GSH A C3  1 
HETATM 838  O O31 . GSH B 2 .   ? -10.532 -11.685 4.402   1.00 13.38 ? 1   GSH A O31 1 
HETATM 839  O O32 . GSH B 2 .   ? -9.090  -13.246 3.878   1.00 16.55 ? 1   GSH A O32 1 
HETATM 840  O O   . HOH C 3 .   ? -4.917  3.054   17.946  1.00 42.72 ? 114 HOH A O   1 
HETATM 841  O O   . HOH C 3 .   ? -5.675  -1.851  17.494  1.00 37.45 ? 115 HOH A O   1 
HETATM 842  O O   . HOH C 3 .   ? 0.488   2.824   -14.289 1.00 39.66 ? 116 HOH A O   1 
HETATM 843  O O   . HOH C 3 .   ? -14.064 -3.825  7.429   1.00 22.10 ? 117 HOH A O   1 
HETATM 844  O O   . HOH C 3 .   ? -6.547  -6.668  -5.613  1.00 30.43 ? 118 HOH A O   1 
HETATM 845  O O   . HOH C 3 .   ? -5.588  -2.552  -9.626  1.00 37.02 ? 119 HOH A O   1 
HETATM 846  O O   . HOH C 3 .   ? -8.194  -9.097  11.313  1.00 39.88 ? 120 HOH A O   1 
HETATM 847  O O   . HOH C 3 .   ? -1.469  -9.702  -4.503  1.00 21.68 ? 121 HOH A O   1 
HETATM 848  O O   . HOH C 3 .   ? 16.261  -4.974  -8.561  1.00 41.47 ? 122 HOH A O   1 
HETATM 849  O O   . HOH C 3 .   ? 15.032  -11.877 -7.210  1.00 43.44 ? 123 HOH A O   1 
HETATM 850  O O   . HOH C 3 .   ? 14.326  -8.199  -4.269  1.00 54.06 ? 124 HOH A O   1 
HETATM 851  O O   . HOH C 3 .   ? 12.906  9.637   -10.559 1.00 50.46 ? 125 HOH A O   1 
HETATM 852  O O   . HOH C 3 .   ? 13.382  2.540   -9.155  1.00 28.88 ? 126 HOH A O   1 
HETATM 853  O O   . HOH C 3 .   ? 16.027  -9.482  -8.930  1.00 32.94 ? 127 HOH A O   1 
HETATM 854  O O   . HOH C 3 .   ? -9.400  9.930   8.871   1.00 30.58 ? 128 HOH A O   1 
HETATM 855  O O   . HOH C 3 .   ? 8.533   4.915   -16.680 1.00 33.27 ? 129 HOH A O   1 
HETATM 856  O O   . HOH C 3 .   ? 4.032   4.768   -15.711 1.00 43.83 ? 130 HOH A O   1 
HETATM 857  O O   . HOH C 3 .   ? 14.789  -5.788  -11.851 1.00 37.08 ? 131 HOH A O   1 
HETATM 858  O O   . HOH C 3 .   ? 14.806  5.415   5.528   1.00 49.85 ? 132 HOH A O   1 
HETATM 859  O O   . HOH C 3 .   ? 16.973  7.330   4.377   1.00 40.86 ? 133 HOH A O   1 
HETATM 860  O O   . HOH C 3 .   ? 18.708  -2.997  3.696   1.00 37.15 ? 134 HOH A O   1 
HETATM 861  O O   . HOH C 3 .   ? 17.143  -0.878  2.416   1.00 33.71 ? 135 HOH A O   1 
HETATM 862  O O   . HOH C 3 .   ? 8.249   -0.774  5.845   1.00 26.39 ? 136 HOH A O   1 
HETATM 863  O O   . HOH C 3 .   ? 7.482   -1.960  7.998   1.00 34.07 ? 137 HOH A O   1 
HETATM 864  O O   . HOH C 3 .   ? -9.917  4.379   16.814  1.00 49.78 ? 138 HOH A O   1 
HETATM 865  O O   . HOH C 3 .   ? -4.875  0.084   19.081  1.00 55.61 ? 139 HOH A O   1 
HETATM 866  O O   . HOH C 3 .   ? -6.917  6.672   14.194  1.00 35.00 ? 140 HOH A O   1 
HETATM 867  O O   . HOH C 3 .   ? 13.342  -7.657  4.965   1.00 33.51 ? 141 HOH A O   1 
HETATM 868  O O   . HOH C 3 .   ? 1.256   -4.044  -16.113 1.00 31.46 ? 142 HOH A O   1 
HETATM 869  O O   . HOH C 3 .   ? -19.405 1.224   -1.992  1.00 35.56 ? 143 HOH A O   1 
HETATM 870  O O   . HOH C 3 .   ? -3.730  -12.801 -5.950  1.00 29.99 ? 144 HOH A O   1 
HETATM 871  O O   . HOH C 3 .   ? 9.358   12.246  -3.142  1.00 37.75 ? 145 HOH A O   1 
HETATM 872  O O   . HOH C 3 .   ? -12.312 -6.719  10.400  1.00 37.73 ? 146 HOH A O   1 
HETATM 873  O O   . HOH C 3 .   ? -7.233  4.668   15.512  1.00 42.05 ? 147 HOH A O   1 
HETATM 874  O O   . HOH C 3 .   ? 6.785   3.624   -15.275 1.00 37.89 ? 148 HOH A O   1 
HETATM 875  O O   . HOH C 3 .   ? 3.754   1.743   10.362  1.00 34.39 ? 149 HOH A O   1 
HETATM 876  O O   . HOH C 3 .   ? -13.992 -6.645  -5.993  1.00 33.30 ? 150 HOH A O   1 
HETATM 877  O O   . HOH C 3 .   ? 2.462   -13.692 11.517  1.00 38.57 ? 151 HOH A O   1 
HETATM 878  O O   . HOH C 3 .   ? 8.325   11.738  -0.313  1.00 33.89 ? 152 HOH A O   1 
HETATM 879  O O   . HOH C 3 .   ? -14.993 -0.212  13.560  1.00 35.89 ? 153 HOH A O   1 
HETATM 880  O O   . HOH C 3 .   ? -16.556 5.356   4.688   1.00 63.36 ? 154 HOH A O   1 
HETATM 881  O O   . HOH C 3 .   ? 1.553   -16.495 -2.205  1.00 38.51 ? 155 HOH A O   1 
HETATM 882  O O   . HOH C 3 .   ? -14.813 -2.543  14.702  1.00 37.20 ? 156 HOH A O   1 
HETATM 883  O O   . HOH C 3 .   ? 4.899   -6.397  -19.108 1.00 36.48 ? 157 HOH A O   1 
HETATM 884  O O   . HOH C 3 .   ? -1.538  3.636   15.471  1.00 40.31 ? 158 HOH A O   1 
HETATM 885  O O   . HOH C 3 .   ? -21.245 10.987  1.328   1.00 47.94 ? 159 HOH A O   1 
HETATM 886  O O   . HOH C 3 .   ? -1.556  9.641   -9.374  1.00 45.29 ? 160 HOH A O   1 
HETATM 887  O O   . HOH C 3 .   ? 4.054   -15.105 -0.848  1.00 47.45 ? 161 HOH A O   1 
HETATM 888  O O   . HOH C 3 .   ? -4.239  -5.162  -9.015  1.00 36.09 ? 162 HOH A O   1 
HETATM 889  O O   . HOH C 3 .   ? -15.147 6.722   10.781  1.00 33.76 ? 163 HOH A O   1 
HETATM 890  O O   . HOH C 3 .   ? -20.217 14.056  2.582   1.00 35.40 ? 164 HOH A O   1 
HETATM 891  O O   . HOH C 3 .   ? -4.189  15.357  -1.989  1.00 37.13 ? 165 HOH A O   1 
HETATM 892  O O   . HOH C 3 .   ? -10.942 -4.568  15.318  1.00 32.34 ? 166 HOH A O   1 
HETATM 893  O O   . HOH C 3 .   ? 12.690  8.047   3.227   1.00 45.17 ? 167 HOH A O   1 
HETATM 894  O O   . HOH C 3 .   ? 3.445   15.014  0.807   1.00 34.20 ? 168 HOH A O   1 
HETATM 895  O O   . HOH C 3 .   ? -24.576 13.926  1.668   1.00 40.28 ? 169 HOH A O   1 
HETATM 896  O O   . HOH C 3 .   ? -16.621 16.757  5.172   1.00 38.27 ? 170 HOH A O   1 
HETATM 897  O O   . HOH C 3 .   ? 9.559   2.759   -18.456 1.00 35.87 ? 171 HOH A O   1 
HETATM 898  O O   . HOH C 3 .   ? 0.094   16.942  2.794   1.00 46.65 ? 172 HOH A O   1 
HETATM 899  O O   . HOH C 3 .   ? 1.284   -3.817  17.186  1.00 41.35 ? 173 HOH A O   1 
HETATM 900  O O   . HOH C 3 .   ? 9.323   -11.426 4.966   1.00 49.08 ? 174 HOH A O   1 
HETATM 901  O O   . HOH C 3 .   ? -3.735  -15.611 -0.030  1.00 48.34 ? 175 HOH A O   1 
HETATM 902  O O   . HOH C 3 .   ? -12.411 10.727  9.179   1.00 53.16 ? 176 HOH A O   1 
HETATM 903  O O   . HOH C 3 .   ? -0.682  -10.012 16.246  1.00 45.44 ? 177 HOH A O   1 
HETATM 904  O O   . HOH C 3 .   ? -7.618  7.011   6.282   1.00 62.59 ? 178 HOH A O   1 
HETATM 905  O O   . HOH C 3 .   ? 19.060  -2.934  -1.052  1.00 35.20 ? 179 HOH A O   1 
HETATM 906  O O   . HOH C 3 .   ? -5.117  -7.437  -7.763  1.00 41.90 ? 180 HOH A O   1 
HETATM 907  O O   . HOH C 3 .   ? -16.180 -4.900  9.247   1.00 53.54 ? 181 HOH A O   1 
HETATM 908  O O   . HOH C 3 .   ? -17.622 12.302  6.498   1.00 42.37 ? 182 HOH A O   1 
HETATM 909  O O   . HOH C 3 .   ? 7.176   -7.973  10.579  1.00 40.57 ? 183 HOH A O   1 
HETATM 910  O O   . HOH C 3 .   ? 2.703   11.579  -7.974  1.00 46.94 ? 184 HOH A O   1 
HETATM 911  O O   . HOH C 3 .   ? 13.161  6.896   -6.786  1.00 34.28 ? 185 HOH A O   1 
HETATM 912  O O   . HOH C 3 .   ? 8.546   -5.766  8.892   1.00 29.44 ? 186 HOH A O   1 
HETATM 913  O O   . HOH C 3 .   ? -15.793 15.177  2.339   1.00 34.18 ? 187 HOH A O   1 
HETATM 914  O O   . HOH C 3 .   ? -15.656 3.505   6.406   1.00 28.93 ? 188 HOH A O   1 
HETATM 915  O O   . HOH C 3 .   ? -10.446 13.937  5.255   1.00 31.28 ? 189 HOH A O   1 
HETATM 916  O O   . HOH C 3 .   ? -8.883  13.844  -1.030  1.00 31.31 ? 190 HOH A O   1 
HETATM 917  O O   . HOH C 3 .   ? 13.174  -10.087 -10.685 1.00 28.81 ? 191 HOH A O   1 
HETATM 918  O O   . HOH C 3 .   ? -4.917  6.589   5.206   1.00 20.95 ? 192 HOH A O   1 
HETATM 919  O O   . HOH C 3 .   ? -7.658  8.169   8.599   1.00 32.78 ? 193 HOH A O   1 
HETATM 920  O O   . HOH C 3 .   ? 13.045  -7.506  -12.097 1.00 25.17 ? 194 HOH A O   1 
HETATM 921  O O   . HOH C 3 .   ? -5.443  10.122  -4.246  1.00 23.78 ? 195 HOH A O   1 
HETATM 922  O O   . HOH C 3 .   ? -4.128  9.222   -6.283  1.00 21.88 ? 196 HOH A O   1 
HETATM 923  O O   . HOH C 3 .   ? -10.562 -13.997 1.861   1.00 20.48 ? 197 HOH A O   1 
HETATM 924  O O   . HOH C 3 .   ? -6.992  -14.031 2.367   1.00 18.79 ? 198 HOH A O   1 
HETATM 925  O O   . HOH C 3 .   ? -5.332  -13.367 -2.570  1.00 24.84 ? 199 HOH A O   1 
HETATM 926  O O   . HOH C 3 .   ? -2.129  11.020  -6.920  1.00 27.03 ? 200 HOH A O   1 
HETATM 927  O O   . HOH C 3 .   ? -4.753  14.465  -6.266  1.00 41.84 ? 201 HOH A O   1 
HETATM 928  O O   . HOH C 3 .   ? -7.046  14.124  -2.785  1.00 34.40 ? 202 HOH A O   1 
HETATM 929  O O   . HOH C 3 .   ? -2.685  16.351  0.797   1.00 31.64 ? 203 HOH A O   1 
HETATM 930  O O   . HOH C 3 .   ? 0.949   6.295   -3.497  1.00 12.98 ? 204 HOH A O   1 
HETATM 931  O O   . HOH C 3 .   ? 0.754   11.008  -6.196  1.00 25.58 ? 205 HOH A O   1 
HETATM 932  O O   . HOH C 3 .   ? 4.583   10.457  -5.422  1.00 28.67 ? 206 HOH A O   1 
HETATM 933  O O   . HOH C 3 .   ? 1.330   11.633  4.525   1.00 16.61 ? 207 HOH A O   1 
HETATM 934  O O   . HOH C 3 .   ? 4.974   -14.008 -5.319  1.00 19.96 ? 208 HOH A O   1 
HETATM 935  O O   . HOH C 3 .   ? 3.969   -12.913 -7.589  1.00 19.63 ? 209 HOH A O   1 
HETATM 936  O O   . HOH C 3 .   ? 5.128   12.198  3.027   1.00 16.89 ? 210 HOH A O   1 
HETATM 937  O O   . HOH C 3 .   ? 6.283   8.285   2.384   1.00 17.30 ? 211 HOH A O   1 
HETATM 938  O O   . HOH C 3 .   ? 6.689   6.349   0.259   1.00 17.96 ? 212 HOH A O   1 
HETATM 939  O O   . HOH C 3 .   ? 7.590   6.851   4.546   1.00 21.72 ? 213 HOH A O   1 
HETATM 940  O O   . HOH C 3 .   ? 9.375   6.748   -0.447  1.00 37.36 ? 214 HOH A O   1 
HETATM 941  O O   . HOH C 3 .   ? 8.430   9.726   1.466   1.00 30.18 ? 215 HOH A O   1 
HETATM 942  O O   . HOH C 3 .   ? 3.957   8.125   -10.085 1.00 34.65 ? 216 HOH A O   1 
HETATM 943  O O   . HOH C 3 .   ? 4.348   5.436   -10.413 1.00 26.29 ? 217 HOH A O   1 
HETATM 944  O O   . HOH C 3 .   ? 2.218   3.318   -9.843  1.00 16.55 ? 218 HOH A O   1 
HETATM 945  O O   . HOH C 3 .   ? -7.363  -3.857  1.703   1.00 15.88 ? 219 HOH A O   1 
HETATM 946  O O   . HOH C 3 .   ? -7.964  -5.230  6.206   1.00 22.51 ? 220 HOH A O   1 
HETATM 947  O O   . HOH C 3 .   ? 3.851   0.005   -15.733 1.00 37.85 ? 221 HOH A O   1 
HETATM 948  O O   . HOH C 3 .   ? 3.199   -7.015  8.267   1.00 13.74 ? 222 HOH A O   1 
HETATM 949  O O   . HOH C 3 .   ? 5.015   -6.584  11.602  1.00 40.59 ? 223 HOH A O   1 
HETATM 950  O O   . HOH C 3 .   ? -8.783  -3.761  10.662  1.00 29.92 ? 224 HOH A O   1 
HETATM 951  O O   . HOH C 3 .   ? -6.138  -8.096  13.107  1.00 28.74 ? 225 HOH A O   1 
HETATM 952  O O   . HOH C 3 .   ? -7.991  -2.644  14.274  1.00 25.91 ? 226 HOH A O   1 
HETATM 953  O O   . HOH C 3 .   ? -6.956  -9.174  7.369   1.00 26.62 ? 227 HOH A O   1 
HETATM 954  O O   . HOH C 3 .   ? -8.373  -7.721  5.561   1.00 26.37 ? 228 HOH A O   1 
HETATM 955  O O   . HOH C 3 .   ? -8.239  -1.181  -8.080  1.00 22.03 ? 229 HOH A O   1 
HETATM 956  O O   . HOH C 3 .   ? -11.239 -9.850  5.916   1.00 31.21 ? 230 HOH A O   1 
HETATM 957  O O   . HOH C 3 .   ? -3.485  2.621   -12.468 1.00 34.56 ? 231 HOH A O   1 
HETATM 958  O O   . HOH C 3 .   ? -13.086 -5.249  2.903   1.00 21.41 ? 232 HOH A O   1 
HETATM 959  O O   . HOH C 3 .   ? -1.783  0.375   -11.005 1.00 22.40 ? 233 HOH A O   1 
HETATM 960  O O   . HOH C 3 .   ? 4.756   -1.174  11.021  1.00 26.55 ? 234 HOH A O   1 
HETATM 961  O O   . HOH C 3 .   ? -15.668 -5.362  -4.738  1.00 23.54 ? 235 HOH A O   1 
HETATM 962  O O   . HOH C 3 .   ? -15.582 -2.474  -4.497  1.00 19.99 ? 236 HOH A O   1 
HETATM 963  O O   . HOH C 3 .   ? -16.393 0.087   -5.436  1.00 18.78 ? 237 HOH A O   1 
HETATM 964  O O   . HOH C 3 .   ? -18.139 -0.588  -3.349  1.00 25.82 ? 238 HOH A O   1 
HETATM 965  O O   . HOH C 3 .   ? -17.001 -2.259  -1.625  1.00 23.60 ? 239 HOH A O   1 
HETATM 966  O O   . HOH C 3 .   ? 3.157   -15.311 3.238   1.00 33.74 ? 240 HOH A O   1 
HETATM 967  O O   . HOH C 3 .   ? 2.404   -17.738 1.822   1.00 26.70 ? 241 HOH A O   1 
HETATM 968  O O   . HOH C 3 .   ? -1.467  -15.534 -2.386  1.00 29.38 ? 242 HOH A O   1 
HETATM 969  O O   . HOH C 3 .   ? 4.168   -13.273 -2.584  1.00 39.51 ? 243 HOH A O   1 
HETATM 970  O O   . HOH C 3 .   ? 9.183   -7.312  6.720   1.00 26.16 ? 244 HOH A O   1 
HETATM 971  O O   . HOH C 3 .   ? 4.688   -11.297 9.603   1.00 36.98 ? 245 HOH A O   1 
HETATM 972  O O   . HOH C 3 .   ? -9.730  2.027   19.172  1.00 36.31 ? 246 HOH A O   1 
HETATM 973  O O   . HOH C 3 .   ? 9.916   -1.879  3.882   1.00 29.88 ? 247 HOH A O   1 
HETATM 974  O O   . HOH C 3 .   ? 11.083  -3.349  6.507   1.00 32.49 ? 248 HOH A O   1 
HETATM 975  O O   . HOH C 3 .   ? 16.973  -7.287  5.308   1.00 34.00 ? 249 HOH A O   1 
HETATM 976  O O   . HOH C 3 .   ? 14.502  -7.505  2.619   1.00 41.57 ? 250 HOH A O   1 
HETATM 977  O O   . HOH C 3 .   ? 18.278  -5.366  2.393   1.00 29.21 ? 251 HOH A O   1 
HETATM 978  O O   . HOH C 3 .   ? 11.673  -5.896  5.845   1.00 33.86 ? 252 HOH A O   1 
HETATM 979  O O   . HOH C 3 .   ? 12.187  -10.456 -3.881  1.00 27.37 ? 253 HOH A O   1 
HETATM 980  O O   . HOH C 3 .   ? 13.376  -2.729  -13.823 1.00 38.99 ? 254 HOH A O   1 
HETATM 981  O O   . HOH C 3 .   ? 16.068  0.406   4.815   1.00 42.61 ? 255 HOH A O   1 
HETATM 982  O O   . HOH C 3 .   ? 9.855   -10.486 0.158   1.00 28.06 ? 256 HOH A O   1 
HETATM 983  O O   . HOH C 3 .   ? 6.792   6.266   7.028   1.00 29.83 ? 257 HOH A O   1 
HETATM 984  O O   . HOH C 3 .   ? 5.547   4.017   7.907   1.00 21.09 ? 258 HOH A O   1 
HETATM 985  O O   . HOH C 3 .   ? 8.402   1.804   6.048   1.00 18.81 ? 259 HOH A O   1 
HETATM 986  O O   . HOH C 3 .   ? -16.193 0.436   16.507  1.00 20.82 ? 260 HOH A O   1 
HETATM 987  O O   . HOH C 3 .   ? -0.124  2.655   11.507  1.00 20.31 ? 261 HOH A O   1 
HETATM 988  O O   . HOH C 3 .   ? 0.516   2.316   14.480  1.00 28.02 ? 262 HOH A O   1 
HETATM 989  O O   . HOH C 3 .   ? -2.566  -7.441  16.000  1.00 29.77 ? 263 HOH A O   1 
HETATM 990  O O   . HOH C 3 .   ? 7.958   -0.042  -17.455 1.00 32.51 ? 264 HOH A O   1 
HETATM 991  O O   . HOH C 3 .   ? -0.746  -5.271  -14.671 1.00 39.04 ? 265 HOH A O   1 
HETATM 992  O O   . HOH C 3 .   ? -16.387 -0.768  10.604  1.00 38.60 ? 266 HOH A O   1 
HETATM 993  O O   . HOH C 3 .   ? -14.868 -4.137  4.769   1.00 25.23 ? 267 HOH A O   1 
HETATM 994  O O   . HOH C 3 .   ? -16.809 -1.121  1.111   1.00 19.45 ? 268 HOH A O   1 
HETATM 995  O O   . HOH C 3 .   ? -18.534 1.034   0.713   1.00 33.81 ? 269 HOH A O   1 
HETATM 996  O O   . HOH C 3 .   ? -17.247 3.158   4.070   1.00 29.86 ? 270 HOH A O   1 
HETATM 997  O O   . HOH C 3 .   ? -12.863 -8.140  -2.790  1.00 30.55 ? 271 HOH A O   1 
HETATM 998  O O   . HOH C 3 .   ? -9.257  -8.937  -2.342  1.00 21.35 ? 272 HOH A O   1 
HETATM 999  O O   . HOH C 3 .   ? -17.419 8.465   -1.113  1.00 53.53 ? 273 HOH A O   1 
HETATM 1000 O O   . HOH C 3 .   ? -9.109  -5.287  -7.089  1.00 32.92 ? 274 HOH A O   1 
HETATM 1001 O O   . HOH C 3 .   ? -7.953  -5.495  12.285  1.00 54.22 ? 275 HOH A O   1 
HETATM 1002 O O   . HOH C 3 .   ? -6.514  -10.337 -2.706  1.00 24.30 ? 276 HOH A O   1 
HETATM 1003 O O   . HOH C 3 .   ? -3.444  -8.289  -0.318  1.00 10.46 ? 277 HOH A O   1 
HETATM 1004 O O   . HOH C 3 .   ? -3.750  -10.503 -4.563  1.00 28.01 ? 278 HOH A O   1 
HETATM 1005 O O   . HOH C 3 .   ? -8.096  10.004  -8.094  1.00 35.38 ? 279 HOH A O   1 
HETATM 1006 O O   . HOH C 3 .   ? -6.428  12.510  -4.872  1.00 24.83 ? 280 HOH A O   1 
HETATM 1007 O O   . HOH C 3 .   ? 0.611   1.912   -11.566 1.00 23.31 ? 281 HOH A O   1 
HETATM 1008 O O   . HOH C 3 .   ? -0.588  -2.383  -11.805 1.00 29.86 ? 282 HOH A O   1 
HETATM 1009 O O   . HOH C 3 .   ? -0.716  -4.325  -10.334 1.00 23.45 ? 283 HOH A O   1 
HETATM 1010 O O   . HOH C 3 .   ? 0.555   -7.016  -10.890 1.00 16.62 ? 284 HOH A O   1 
HETATM 1011 O O   . HOH C 3 .   ? 3.381   5.771   -13.126 1.00 29.29 ? 285 HOH A O   1 
HETATM 1012 O O   . HOH C 3 .   ? 4.669   6.939   -17.754 1.00 35.13 ? 286 HOH A O   1 
HETATM 1013 O O   . HOH C 3 .   ? -12.109 -5.581  8.158   1.00 35.30 ? 287 HOH A O   1 
HETATM 1014 O O   . HOH C 3 .   ? -1.885  -8.379  -10.744 1.00 30.70 ? 288 HOH A O   1 
HETATM 1015 O O   . HOH C 3 .   ? 1.063   -7.857  -13.485 1.00 32.30 ? 289 HOH A O   1 
HETATM 1016 O O   . HOH C 3 .   ? -1.547  -11.921 -7.615  1.00 25.51 ? 290 HOH A O   1 
HETATM 1017 O O   . HOH C 3 .   ? 10.837  -4.108  -11.865 1.00 19.62 ? 291 HOH A O   1 
HETATM 1018 O O   . HOH C 3 .   ? 12.331  -10.199 -15.709 1.00 42.56 ? 292 HOH A O   1 
HETATM 1019 O O   . HOH C 3 .   ? 6.422   0.559   -15.326 1.00 21.38 ? 293 HOH A O   1 
HETATM 1020 O O   . HOH C 3 .   ? -6.903  -4.741  15.962  1.00 48.37 ? 294 HOH A O   1 
HETATM 1021 O O   . HOH C 3 .   ? 2.260   9.313   -4.842  1.00 20.74 ? 295 HOH A O   1 
HETATM 1022 O O   . HOH C 3 .   ? -9.503  -4.944  8.351   1.00 27.19 ? 296 HOH A O   1 
HETATM 1023 O O   . HOH C 3 .   ? -10.306 -8.547  7.671   1.00 42.16 ? 297 HOH A O   1 
HETATM 1024 O O   . HOH C 3 .   ? 12.570  -2.145  -16.516 1.00 28.67 ? 298 HOH A O   1 
HETATM 1025 O O   . HOH C 3 .   ? 11.871  -0.153  3.773   1.00 22.15 ? 299 HOH A O   1 
# 
loop_
_pdbx_poly_seq_scheme.asym_id 
_pdbx_poly_seq_scheme.entity_id 
_pdbx_poly_seq_scheme.seq_id 
_pdbx_poly_seq_scheme.mon_id 
_pdbx_poly_seq_scheme.ndb_seq_num 
_pdbx_poly_seq_scheme.pdb_seq_num 
_pdbx_poly_seq_scheme.auth_seq_num 
_pdbx_poly_seq_scheme.pdb_mon_id 
_pdbx_poly_seq_scheme.auth_mon_id 
_pdbx_poly_seq_scheme.pdb_strand_id 
_pdbx_poly_seq_scheme.pdb_ins_code 
_pdbx_poly_seq_scheme.hetero 
A 1 1   ALA 1   2   ?   ?   ?   A . n 
A 1 2   SER 2   3   ?   ?   ?   A . n 
A 1 3   PHE 3   4   ?   ?   ?   A . n 
A 1 4   GLY 4   5   5   GLY GLY A . n 
A 1 5   SER 5   6   6   SER SER A . n 
A 1 6   ARG 6   7   7   ARG ARG A . n 
A 1 7   LEU 7   8   8   LEU LEU A . n 
A 1 8   GLU 8   9   9   GLU GLU A . n 
A 1 9   ASP 9   10  10  ASP ASP A . n 
A 1 10  ALA 10  11  11  ALA ALA A . n 
A 1 11  VAL 11  12  12  VAL VAL A . n 
A 1 12  LYS 12  13  13  LYS LYS A . n 
A 1 13  LYS 13  14  14  LYS LYS A . n 
A 1 14  THR 14  15  15  THR THR A . n 
A 1 15  VAL 15  16  16  VAL VAL A . n 
A 1 16  ALA 16  17  17  ALA ALA A . n 
A 1 17  GLU 17  18  18  GLU GLU A . n 
A 1 18  ASN 18  19  19  ASN ASN A . n 
A 1 19  PRO 19  20  20  PRO PRO A . n 
A 1 20  VAL 20  21  21  VAL VAL A . n 
A 1 21  VAL 21  22  22  VAL VAL A . n 
A 1 22  VAL 22  23  23  VAL VAL A . n 
A 1 23  TYR 23  24  24  TYR TYR A . n 
A 1 24  SER 24  25  25  SER SER A . n 
A 1 25  LYS 25  26  26  LYS LYS A . n 
A 1 26  THR 26  27  27  THR THR A . n 
A 1 27  TRP 27  28  28  TRP TRP A . n 
A 1 28  CYS 28  29  29  CYS CYS A . n 
A 1 29  SER 29  30  30  SER SER A . n 
A 1 30  TYR 30  31  31  TYR TYR A . n 
A 1 31  SER 31  32  32  SER SER A . n 
A 1 32  SER 32  33  33  SER SER A . n 
A 1 33  GLU 33  34  34  GLU GLU A . n 
A 1 34  VAL 34  35  35  VAL VAL A . n 
A 1 35  LYS 35  36  36  LYS LYS A . n 
A 1 36  SER 36  37  37  SER SER A . n 
A 1 37  LEU 37  38  38  LEU LEU A . n 
A 1 38  PHE 38  39  39  PHE PHE A . n 
A 1 39  LYS 39  40  40  LYS LYS A . n 
A 1 40  ARG 40  41  41  ARG ARG A . n 
A 1 41  LEU 41  42  42  LEU LEU A . n 
A 1 42  ASN 42  43  43  ASN ASN A . n 
A 1 43  VAL 43  44  44  VAL VAL A . n 
A 1 44  ASP 44  45  45  ASP ASP A . n 
A 1 45  PRO 45  46  46  PRO PRO A . n 
A 1 46  LEU 46  47  47  LEU LEU A . n 
A 1 47  VAL 47  48  48  VAL VAL A . n 
A 1 48  VAL 48  49  49  VAL VAL A . n 
A 1 49  GLU 49  50  50  GLU GLU A . n 
A 1 50  LEU 50  51  51  LEU LEU A . n 
A 1 51  ASP 51  52  52  ASP ASP A . n 
A 1 52  GLU 52  53  53  GLU GLU A . n 
A 1 53  LEU 53  54  54  LEU LEU A . n 
A 1 54  GLY 54  55  55  GLY GLY A . n 
A 1 55  ALA 55  56  56  ALA ALA A . n 
A 1 56  GLN 56  57  57  GLN GLN A . n 
A 1 57  GLY 57  58  58  GLY GLY A . n 
A 1 58  PRO 58  59  59  PRO PRO A . n 
A 1 59  GLN 59  60  60  GLN GLN A . n 
A 1 60  ILE 60  61  61  ILE ILE A . n 
A 1 61  GLN 61  62  62  GLN GLN A . n 
A 1 62  LYS 62  63  63  LYS LYS A . n 
A 1 63  VAL 63  64  64  VAL VAL A . n 
A 1 64  LEU 64  65  65  LEU LEU A . n 
A 1 65  GLU 65  66  66  GLU GLU A . n 
A 1 66  ARG 66  67  67  ARG ARG A . n 
A 1 67  LEU 67  68  68  LEU LEU A . n 
A 1 68  THR 68  69  69  THR THR A . n 
A 1 69  GLY 69  70  70  GLY GLY A . n 
A 1 70  GLN 70  71  71  GLN GLN A . n 
A 1 71  HIS 71  72  72  HIS HIS A . n 
A 1 72  THR 72  73  73  THR THR A . n 
A 1 73  VAL 73  74  74  VAL VAL A . n 
A 1 74  PRO 74  75  75  PRO PRO A . n 
A 1 75  ASN 75  76  76  ASN ASN A . n 
A 1 76  VAL 76  77  77  VAL VAL A . n 
A 1 77  PHE 77  78  78  PHE PHE A . n 
A 1 78  ILE 78  79  79  ILE ILE A . n 
A 1 79  GLY 79  80  80  GLY GLY A . n 
A 1 80  GLY 80  81  81  GLY GLY A . n 
A 1 81  LYS 81  82  82  LYS LYS A . n 
A 1 82  HIS 82  83  83  HIS HIS A . n 
A 1 83  ILE 83  84  84  ILE ILE A . n 
A 1 84  GLY 84  85  85  GLY GLY A . n 
A 1 85  GLY 85  86  86  GLY GLY A . n 
A 1 86  CYS 86  87  87  CYS CYS A . n 
A 1 87  THR 87  88  88  THR THR A . n 
A 1 88  ASP 88  89  89  ASP ASP A . n 
A 1 89  THR 89  90  90  THR THR A . n 
A 1 90  VAL 90  91  91  VAL VAL A . n 
A 1 91  LYS 91  92  92  LYS LYS A . n 
A 1 92  LEU 92  93  93  LEU LEU A . n 
A 1 93  TYR 93  94  94  TYR TYR A . n 
A 1 94  ARG 94  95  95  ARG ARG A . n 
A 1 95  LYS 95  96  96  LYS LYS A . n 
A 1 96  GLY 96  97  97  GLY GLY A . n 
A 1 97  GLU 97  98  98  GLU GLU A . n 
A 1 98  LEU 98  99  99  LEU LEU A . n 
A 1 99  GLU 99  100 100 GLU GLU A . n 
A 1 100 PRO 100 101 101 PRO PRO A . n 
A 1 101 LEU 101 102 102 LEU LEU A . n 
A 1 102 LEU 102 103 103 LEU LEU A . n 
A 1 103 SER 103 104 104 SER SER A . n 
A 1 104 GLU 104 105 105 GLU GLU A . n 
A 1 105 ALA 105 106 106 ALA ALA A . n 
A 1 106 ASN 106 107 107 ASN ASN A . n 
A 1 107 ALA 107 108 108 ALA ALA A . n 
A 1 108 LYS 108 109 109 LYS LYS A . n 
A 1 109 LYS 109 110 110 LYS LYS A . n 
A 1 110 SER 110 111 ?   ?   ?   A . n 
A 1 111 GLN 111 112 ?   ?   ?   A . n 
A 1 112 GLY 112 113 ?   ?   ?   A . n 
# 
loop_
_pdbx_nonpoly_scheme.asym_id 
_pdbx_nonpoly_scheme.entity_id 
_pdbx_nonpoly_scheme.mon_id 
_pdbx_nonpoly_scheme.ndb_seq_num 
_pdbx_nonpoly_scheme.pdb_seq_num 
_pdbx_nonpoly_scheme.auth_seq_num 
_pdbx_nonpoly_scheme.pdb_mon_id 
_pdbx_nonpoly_scheme.auth_mon_id 
_pdbx_nonpoly_scheme.pdb_strand_id 
_pdbx_nonpoly_scheme.pdb_ins_code 
B 2 GSH 1   1   1   GSH GSH A . 
C 3 HOH 1   114 114 HOH HOH A . 
C 3 HOH 2   115 115 HOH HOH A . 
C 3 HOH 3   116 116 HOH HOH A . 
C 3 HOH 4   117 117 HOH HOH A . 
C 3 HOH 5   118 118 HOH HOH A . 
C 3 HOH 6   119 119 HOH HOH A . 
C 3 HOH 7   120 120 HOH HOH A . 
C 3 HOH 8   121 121 HOH HOH A . 
C 3 HOH 9   122 122 HOH HOH A . 
C 3 HOH 10  123 123 HOH HOH A . 
C 3 HOH 11  124 124 HOH HOH A . 
C 3 HOH 12  125 125 HOH HOH A . 
C 3 HOH 13  126 126 HOH HOH A . 
C 3 HOH 14  127 127 HOH HOH A . 
C 3 HOH 15  128 128 HOH HOH A . 
C 3 HOH 16  129 129 HOH HOH A . 
C 3 HOH 17  130 130 HOH HOH A . 
C 3 HOH 18  131 131 HOH HOH A . 
C 3 HOH 19  132 132 HOH HOH A . 
C 3 HOH 20  133 133 HOH HOH A . 
C 3 HOH 21  134 134 HOH HOH A . 
C 3 HOH 22  135 135 HOH HOH A . 
C 3 HOH 23  136 136 HOH HOH A . 
C 3 HOH 24  137 137 HOH HOH A . 
C 3 HOH 25  138 138 HOH HOH A . 
C 3 HOH 26  139 139 HOH HOH A . 
C 3 HOH 27  140 140 HOH HOH A . 
C 3 HOH 28  141 141 HOH HOH A . 
C 3 HOH 29  142 142 HOH HOH A . 
C 3 HOH 30  143 143 HOH HOH A . 
C 3 HOH 31  144 144 HOH HOH A . 
C 3 HOH 32  145 145 HOH HOH A . 
C 3 HOH 33  146 146 HOH HOH A . 
C 3 HOH 34  147 147 HOH HOH A . 
C 3 HOH 35  148 148 HOH HOH A . 
C 3 HOH 36  149 149 HOH HOH A . 
C 3 HOH 37  150 150 HOH HOH A . 
C 3 HOH 38  151 151 HOH HOH A . 
C 3 HOH 39  152 152 HOH HOH A . 
C 3 HOH 40  153 153 HOH HOH A . 
C 3 HOH 41  154 154 HOH HOH A . 
C 3 HOH 42  155 155 HOH HOH A . 
C 3 HOH 43  156 156 HOH HOH A . 
C 3 HOH 44  157 157 HOH HOH A . 
C 3 HOH 45  158 158 HOH HOH A . 
C 3 HOH 46  159 159 HOH HOH A . 
C 3 HOH 47  160 160 HOH HOH A . 
C 3 HOH 48  161 161 HOH HOH A . 
C 3 HOH 49  162 162 HOH HOH A . 
C 3 HOH 50  163 163 HOH HOH A . 
C 3 HOH 51  164 164 HOH HOH A . 
C 3 HOH 52  165 165 HOH HOH A . 
C 3 HOH 53  166 166 HOH HOH A . 
C 3 HOH 54  167 167 HOH HOH A . 
C 3 HOH 55  168 168 HOH HOH A . 
C 3 HOH 56  169 169 HOH HOH A . 
C 3 HOH 57  170 170 HOH HOH A . 
C 3 HOH 58  171 171 HOH HOH A . 
C 3 HOH 59  172 172 HOH HOH A . 
C 3 HOH 60  173 173 HOH HOH A . 
C 3 HOH 61  174 174 HOH HOH A . 
C 3 HOH 62  175 175 HOH HOH A . 
C 3 HOH 63  176 176 HOH HOH A . 
C 3 HOH 64  177 177 HOH HOH A . 
C 3 HOH 65  178 178 HOH HOH A . 
C 3 HOH 66  179 179 HOH HOH A . 
C 3 HOH 67  180 180 HOH HOH A . 
C 3 HOH 68  181 181 HOH HOH A . 
C 3 HOH 69  182 182 HOH HOH A . 
C 3 HOH 70  183 183 HOH HOH A . 
C 3 HOH 71  184 184 HOH HOH A . 
C 3 HOH 72  185 185 HOH HOH A . 
C 3 HOH 73  186 186 HOH HOH A . 
C 3 HOH 74  187 187 HOH HOH A . 
C 3 HOH 75  188 188 HOH HOH A . 
C 3 HOH 76  189 189 HOH HOH A . 
C 3 HOH 77  190 190 HOH HOH A . 
C 3 HOH 78  191 191 HOH HOH A . 
C 3 HOH 79  192 192 HOH HOH A . 
C 3 HOH 80  193 193 HOH HOH A . 
C 3 HOH 81  194 194 HOH HOH A . 
C 3 HOH 82  195 195 HOH HOH A . 
C 3 HOH 83  196 196 HOH HOH A . 
C 3 HOH 84  197 197 HOH HOH A . 
C 3 HOH 85  198 198 HOH HOH A . 
C 3 HOH 86  199 199 HOH HOH A . 
C 3 HOH 87  200 200 HOH HOH A . 
C 3 HOH 88  201 201 HOH HOH A . 
C 3 HOH 89  202 202 HOH HOH A . 
C 3 HOH 90  203 203 HOH HOH A . 
C 3 HOH 91  204 204 HOH HOH A . 
C 3 HOH 92  205 205 HOH HOH A . 
C 3 HOH 93  206 206 HOH HOH A . 
C 3 HOH 94  207 207 HOH HOH A . 
C 3 HOH 95  208 208 HOH HOH A . 
C 3 HOH 96  209 209 HOH HOH A . 
C 3 HOH 97  210 210 HOH HOH A . 
C 3 HOH 98  211 211 HOH HOH A . 
C 3 HOH 99  212 212 HOH HOH A . 
C 3 HOH 100 213 213 HOH HOH A . 
C 3 HOH 101 214 214 HOH HOH A . 
C 3 HOH 102 215 215 HOH HOH A . 
C 3 HOH 103 216 216 HOH HOH A . 
C 3 HOH 104 217 217 HOH HOH A . 
C 3 HOH 105 218 218 HOH HOH A . 
C 3 HOH 106 219 219 HOH HOH A . 
C 3 HOH 107 220 220 HOH HOH A . 
C 3 HOH 108 221 221 HOH HOH A . 
C 3 HOH 109 222 222 HOH HOH A . 
C 3 HOH 110 223 223 HOH HOH A . 
C 3 HOH 111 224 224 HOH HOH A . 
C 3 HOH 112 225 225 HOH HOH A . 
C 3 HOH 113 226 226 HOH HOH A . 
C 3 HOH 114 227 227 HOH HOH A . 
C 3 HOH 115 228 228 HOH HOH A . 
C 3 HOH 116 229 229 HOH HOH A . 
C 3 HOH 117 230 230 HOH HOH A . 
C 3 HOH 118 231 231 HOH HOH A . 
C 3 HOH 119 232 232 HOH HOH A . 
C 3 HOH 120 233 233 HOH HOH A . 
C 3 HOH 121 234 234 HOH HOH A . 
C 3 HOH 122 235 235 HOH HOH A . 
C 3 HOH 123 236 236 HOH HOH A . 
C 3 HOH 124 237 237 HOH HOH A . 
C 3 HOH 125 238 238 HOH HOH A . 
C 3 HOH 126 239 239 HOH HOH A . 
C 3 HOH 127 240 240 HOH HOH A . 
C 3 HOH 128 241 241 HOH HOH A . 
C 3 HOH 129 242 242 HOH HOH A . 
C 3 HOH 130 243 243 HOH HOH A . 
C 3 HOH 131 244 244 HOH HOH A . 
C 3 HOH 132 245 245 HOH HOH A . 
C 3 HOH 133 246 246 HOH HOH A . 
C 3 HOH 134 247 247 HOH HOH A . 
C 3 HOH 135 248 248 HOH HOH A . 
C 3 HOH 136 249 249 HOH HOH A . 
C 3 HOH 137 250 250 HOH HOH A . 
C 3 HOH 138 251 251 HOH HOH A . 
C 3 HOH 139 252 252 HOH HOH A . 
C 3 HOH 140 253 253 HOH HOH A . 
C 3 HOH 141 254 254 HOH HOH A . 
C 3 HOH 142 255 255 HOH HOH A . 
C 3 HOH 143 256 256 HOH HOH A . 
C 3 HOH 144 257 257 HOH HOH A . 
C 3 HOH 145 258 258 HOH HOH A . 
C 3 HOH 146 259 259 HOH HOH A . 
C 3 HOH 147 260 260 HOH HOH A . 
C 3 HOH 148 261 261 HOH HOH A . 
C 3 HOH 149 262 262 HOH HOH A . 
C 3 HOH 150 263 263 HOH HOH A . 
C 3 HOH 151 264 264 HOH HOH A . 
C 3 HOH 152 265 265 HOH HOH A . 
C 3 HOH 153 266 266 HOH HOH A . 
C 3 HOH 154 267 267 HOH HOH A . 
C 3 HOH 155 268 268 HOH HOH A . 
C 3 HOH 156 269 269 HOH HOH A . 
C 3 HOH 157 270 270 HOH HOH A . 
C 3 HOH 158 271 271 HOH HOH A . 
C 3 HOH 159 272 272 HOH HOH A . 
C 3 HOH 160 273 273 HOH HOH A . 
C 3 HOH 161 274 274 HOH HOH A . 
C 3 HOH 162 275 275 HOH HOH A . 
C 3 HOH 163 276 276 HOH HOH A . 
C 3 HOH 164 277 277 HOH HOH A . 
C 3 HOH 165 278 278 HOH HOH A . 
C 3 HOH 166 279 279 HOH HOH A . 
C 3 HOH 167 280 280 HOH HOH A . 
C 3 HOH 168 281 281 HOH HOH A . 
C 3 HOH 169 282 282 HOH HOH A . 
C 3 HOH 170 283 283 HOH HOH A . 
C 3 HOH 171 284 284 HOH HOH A . 
C 3 HOH 172 285 285 HOH HOH A . 
C 3 HOH 173 286 286 HOH HOH A . 
C 3 HOH 174 287 287 HOH HOH A . 
C 3 HOH 175 288 288 HOH HOH A . 
C 3 HOH 176 289 289 HOH HOH A . 
C 3 HOH 177 290 290 HOH HOH A . 
C 3 HOH 178 291 291 HOH HOH A . 
C 3 HOH 179 292 292 HOH HOH A . 
C 3 HOH 180 293 293 HOH HOH A . 
C 3 HOH 181 294 294 HOH HOH A . 
C 3 HOH 182 295 295 HOH HOH A . 
C 3 HOH 183 296 296 HOH HOH A . 
C 3 HOH 184 297 297 HOH HOH A . 
C 3 HOH 185 298 298 HOH HOH A . 
C 3 HOH 186 299 299 HOH HOH A . 
# 
_pdbx_struct_assembly.id                   1 
_pdbx_struct_assembly.details              author_and_software_defined_assembly 
_pdbx_struct_assembly.method_details       PISA 
_pdbx_struct_assembly.oligomeric_details   monomeric 
_pdbx_struct_assembly.oligomeric_count     1 
# 
_pdbx_struct_assembly_gen.assembly_id       1 
_pdbx_struct_assembly_gen.oper_expression   1 
_pdbx_struct_assembly_gen.asym_id_list      A,B,C 
# 
_pdbx_struct_oper_list.id                   1 
_pdbx_struct_oper_list.type                 'identity operation' 
_pdbx_struct_oper_list.name                 1_555 
_pdbx_struct_oper_list.symmetry_operation   x,y,z 
_pdbx_struct_oper_list.matrix[1][1]         1.0000000000 
_pdbx_struct_oper_list.matrix[1][2]         0.0000000000 
_pdbx_struct_oper_list.matrix[1][3]         0.0000000000 
_pdbx_struct_oper_list.vector[1]            0.0000000000 
_pdbx_struct_oper_list.matrix[2][1]         0.0000000000 
_pdbx_struct_oper_list.matrix[2][2]         1.0000000000 
_pdbx_struct_oper_list.matrix[2][3]         0.0000000000 
_pdbx_struct_oper_list.vector[2]            0.0000000000 
_pdbx_struct_oper_list.matrix[3][1]         0.0000000000 
_pdbx_struct_oper_list.matrix[3][2]         0.0000000000 
_pdbx_struct_oper_list.matrix[3][3]         1.0000000000 
_pdbx_struct_oper_list.vector[3]            0.0000000000 
# 
loop_
_pdbx_audit_revision_history.ordinal 
_pdbx_audit_revision_history.data_content_type 
_pdbx_audit_revision_history.major_revision 
_pdbx_audit_revision_history.minor_revision 
_pdbx_audit_revision_history.revision_date 
1 'Structure model' 1 0 2009-02-24 
2 'Structure model' 1 1 2011-07-13 
3 'Structure model' 1 2 2023-09-06 
# 
_pdbx_audit_revision_details.ordinal             1 
_pdbx_audit_revision_details.revision_ordinal    1 
_pdbx_audit_revision_details.data_content_type   'Structure model' 
_pdbx_audit_revision_details.provider            repository 
_pdbx_audit_revision_details.type                'Initial release' 
_pdbx_audit_revision_details.description         ? 
_pdbx_audit_revision_details.details             ? 
# 
loop_
_pdbx_audit_revision_group.ordinal 
_pdbx_audit_revision_group.revision_ordinal 
_pdbx_audit_revision_group.data_content_type 
_pdbx_audit_revision_group.group 
1 2 'Structure model' 'Version format compliance' 
2 3 'Structure model' 'Data collection'           
3 3 'Structure model' 'Database references'       
4 3 'Structure model' 'Derived calculations'      
5 3 'Structure model' 'Refinement description'    
# 
loop_
_pdbx_audit_revision_category.ordinal 
_pdbx_audit_revision_category.revision_ordinal 
_pdbx_audit_revision_category.data_content_type 
_pdbx_audit_revision_category.category 
1 3 'Structure model' chem_comp_atom                
2 3 'Structure model' chem_comp_bond                
3 3 'Structure model' database_2                    
4 3 'Structure model' diffrn_source                 
5 3 'Structure model' pdbx_initial_refinement_model 
6 3 'Structure model' struct_conn                   
7 3 'Structure model' struct_site                   
# 
loop_
_pdbx_audit_revision_item.ordinal 
_pdbx_audit_revision_item.revision_ordinal 
_pdbx_audit_revision_item.data_content_type 
_pdbx_audit_revision_item.item 
1 3 'Structure model' '_database_2.pdbx_DOI'                 
2 3 'Structure model' '_database_2.pdbx_database_accession'  
3 3 'Structure model' '_diffrn_source.pdbx_synchrotron_site' 
4 3 'Structure model' '_struct_conn.pdbx_leaving_atom_flag'  
5 3 'Structure model' '_struct_site.pdbx_auth_asym_id'       
6 3 'Structure model' '_struct_site.pdbx_auth_comp_id'       
7 3 'Structure model' '_struct_site.pdbx_auth_seq_id'        
# 
loop_
_software.name 
_software.classification 
_software.version 
_software.citation_id 
_software.pdbx_ordinal 
HKL-2000  'data collection' .        ? 1 
MOLREP    phasing           .        ? 2 
REFMAC    refinement        5.2.0019 ? 3 
DENZO     'data reduction'  .        ? 4 
SCALEPACK 'data scaling'    .        ? 5 
# 
loop_
_pdbx_unobs_or_zero_occ_residues.id 
_pdbx_unobs_or_zero_occ_residues.PDB_model_num 
_pdbx_unobs_or_zero_occ_residues.polymer_flag 
_pdbx_unobs_or_zero_occ_residues.occupancy_flag 
_pdbx_unobs_or_zero_occ_residues.auth_asym_id 
_pdbx_unobs_or_zero_occ_residues.auth_comp_id 
_pdbx_unobs_or_zero_occ_residues.auth_seq_id 
_pdbx_unobs_or_zero_occ_residues.PDB_ins_code 
_pdbx_unobs_or_zero_occ_residues.label_asym_id 
_pdbx_unobs_or_zero_occ_residues.label_comp_id 
_pdbx_unobs_or_zero_occ_residues.label_seq_id 
1 1 Y 1 A ALA 2   ? A ALA 1   
2 1 Y 1 A SER 3   ? A SER 2   
3 1 Y 1 A PHE 4   ? A PHE 3   
4 1 Y 1 A SER 111 ? A SER 110 
5 1 Y 1 A GLN 112 ? A GLN 111 
6 1 Y 1 A GLY 113 ? A GLY 112 
# 
loop_
_chem_comp_atom.comp_id 
_chem_comp_atom.atom_id 
_chem_comp_atom.type_symbol 
_chem_comp_atom.pdbx_aromatic_flag 
_chem_comp_atom.pdbx_stereo_config 
_chem_comp_atom.pdbx_ordinal 
ALA N    N N N 1   
ALA CA   C N S 2   
ALA C    C N N 3   
ALA O    O N N 4   
ALA CB   C N N 5   
ALA OXT  O N N 6   
ALA H    H N N 7   
ALA H2   H N N 8   
ALA HA   H N N 9   
ALA HB1  H N N 10  
ALA HB2  H N N 11  
ALA HB3  H N N 12  
ALA HXT  H N N 13  
ARG N    N N N 14  
ARG CA   C N S 15  
ARG C    C N N 16  
ARG O    O N N 17  
ARG CB   C N N 18  
ARG CG   C N N 19  
ARG CD   C N N 20  
ARG NE   N N N 21  
ARG CZ   C N N 22  
ARG NH1  N N N 23  
ARG NH2  N N N 24  
ARG OXT  O N N 25  
ARG H    H N N 26  
ARG H2   H N N 27  
ARG HA   H N N 28  
ARG HB2  H N N 29  
ARG HB3  H N N 30  
ARG HG2  H N N 31  
ARG HG3  H N N 32  
ARG HD2  H N N 33  
ARG HD3  H N N 34  
ARG HE   H N N 35  
ARG HH11 H N N 36  
ARG HH12 H N N 37  
ARG HH21 H N N 38  
ARG HH22 H N N 39  
ARG HXT  H N N 40  
ASN N    N N N 41  
ASN CA   C N S 42  
ASN C    C N N 43  
ASN O    O N N 44  
ASN CB   C N N 45  
ASN CG   C N N 46  
ASN OD1  O N N 47  
ASN ND2  N N N 48  
ASN OXT  O N N 49  
ASN H    H N N 50  
ASN H2   H N N 51  
ASN HA   H N N 52  
ASN HB2  H N N 53  
ASN HB3  H N N 54  
ASN HD21 H N N 55  
ASN HD22 H N N 56  
ASN HXT  H N N 57  
ASP N    N N N 58  
ASP CA   C N S 59  
ASP C    C N N 60  
ASP O    O N N 61  
ASP CB   C N N 62  
ASP CG   C N N 63  
ASP OD1  O N N 64  
ASP OD2  O N N 65  
ASP OXT  O N N 66  
ASP H    H N N 67  
ASP H2   H N N 68  
ASP HA   H N N 69  
ASP HB2  H N N 70  
ASP HB3  H N N 71  
ASP HD2  H N N 72  
ASP HXT  H N N 73  
CYS N    N N N 74  
CYS CA   C N R 75  
CYS C    C N N 76  
CYS O    O N N 77  
CYS CB   C N N 78  
CYS SG   S N N 79  
CYS OXT  O N N 80  
CYS H    H N N 81  
CYS H2   H N N 82  
CYS HA   H N N 83  
CYS HB2  H N N 84  
CYS HB3  H N N 85  
CYS HG   H N N 86  
CYS HXT  H N N 87  
GLN N    N N N 88  
GLN CA   C N S 89  
GLN C    C N N 90  
GLN O    O N N 91  
GLN CB   C N N 92  
GLN CG   C N N 93  
GLN CD   C N N 94  
GLN OE1  O N N 95  
GLN NE2  N N N 96  
GLN OXT  O N N 97  
GLN H    H N N 98  
GLN H2   H N N 99  
GLN HA   H N N 100 
GLN HB2  H N N 101 
GLN HB3  H N N 102 
GLN HG2  H N N 103 
GLN HG3  H N N 104 
GLN HE21 H N N 105 
GLN HE22 H N N 106 
GLN HXT  H N N 107 
GLU N    N N N 108 
GLU CA   C N S 109 
GLU C    C N N 110 
GLU O    O N N 111 
GLU CB   C N N 112 
GLU CG   C N N 113 
GLU CD   C N N 114 
GLU OE1  O N N 115 
GLU OE2  O N N 116 
GLU OXT  O N N 117 
GLU H    H N N 118 
GLU H2   H N N 119 
GLU HA   H N N 120 
GLU HB2  H N N 121 
GLU HB3  H N N 122 
GLU HG2  H N N 123 
GLU HG3  H N N 124 
GLU HE2  H N N 125 
GLU HXT  H N N 126 
GLY N    N N N 127 
GLY CA   C N N 128 
GLY C    C N N 129 
GLY O    O N N 130 
GLY OXT  O N N 131 
GLY H    H N N 132 
GLY H2   H N N 133 
GLY HA2  H N N 134 
GLY HA3  H N N 135 
GLY HXT  H N N 136 
GSH N1   N N N 137 
GSH CA1  C N S 138 
GSH C1   C N N 139 
GSH O11  O N N 140 
GSH O12  O N N 141 
GSH CB1  C N N 142 
GSH CG1  C N N 143 
GSH CD1  C N N 144 
GSH OE1  O N N 145 
GSH N2   N N N 146 
GSH CA2  C N R 147 
GSH C2   C N N 148 
GSH O2   O N N 149 
GSH CB2  C N N 150 
GSH SG2  S N N 151 
GSH N3   N N N 152 
GSH CA3  C N N 153 
GSH C3   C N N 154 
GSH O31  O N N 155 
GSH O32  O N N 156 
GSH HN11 H N N 157 
GSH HN12 H N N 158 
GSH HA1  H N N 159 
GSH H12  H N N 160 
GSH HB12 H N N 161 
GSH HB13 H N N 162 
GSH HG12 H N N 163 
GSH HG13 H N N 164 
GSH HN2  H N N 165 
GSH HA2  H N N 166 
GSH HB22 H N N 167 
GSH HB23 H N N 168 
GSH HSG  H N N 169 
GSH HN3  H N N 170 
GSH HA31 H N N 171 
GSH HA32 H N N 172 
GSH H32  H N N 173 
HIS N    N N N 174 
HIS CA   C N S 175 
HIS C    C N N 176 
HIS O    O N N 177 
HIS CB   C N N 178 
HIS CG   C Y N 179 
HIS ND1  N Y N 180 
HIS CD2  C Y N 181 
HIS CE1  C Y N 182 
HIS NE2  N Y N 183 
HIS OXT  O N N 184 
HIS H    H N N 185 
HIS H2   H N N 186 
HIS HA   H N N 187 
HIS HB2  H N N 188 
HIS HB3  H N N 189 
HIS HD1  H N N 190 
HIS HD2  H N N 191 
HIS HE1  H N N 192 
HIS HE2  H N N 193 
HIS HXT  H N N 194 
HOH O    O N N 195 
HOH H1   H N N 196 
HOH H2   H N N 197 
ILE N    N N N 198 
ILE CA   C N S 199 
ILE C    C N N 200 
ILE O    O N N 201 
ILE CB   C N S 202 
ILE CG1  C N N 203 
ILE CG2  C N N 204 
ILE CD1  C N N 205 
ILE OXT  O N N 206 
ILE H    H N N 207 
ILE H2   H N N 208 
ILE HA   H N N 209 
ILE HB   H N N 210 
ILE HG12 H N N 211 
ILE HG13 H N N 212 
ILE HG21 H N N 213 
ILE HG22 H N N 214 
ILE HG23 H N N 215 
ILE HD11 H N N 216 
ILE HD12 H N N 217 
ILE HD13 H N N 218 
ILE HXT  H N N 219 
LEU N    N N N 220 
LEU CA   C N S 221 
LEU C    C N N 222 
LEU O    O N N 223 
LEU CB   C N N 224 
LEU CG   C N N 225 
LEU CD1  C N N 226 
LEU CD2  C N N 227 
LEU OXT  O N N 228 
LEU H    H N N 229 
LEU H2   H N N 230 
LEU HA   H N N 231 
LEU HB2  H N N 232 
LEU HB3  H N N 233 
LEU HG   H N N 234 
LEU HD11 H N N 235 
LEU HD12 H N N 236 
LEU HD13 H N N 237 
LEU HD21 H N N 238 
LEU HD22 H N N 239 
LEU HD23 H N N 240 
LEU HXT  H N N 241 
LYS N    N N N 242 
LYS CA   C N S 243 
LYS C    C N N 244 
LYS O    O N N 245 
LYS CB   C N N 246 
LYS CG   C N N 247 
LYS CD   C N N 248 
LYS CE   C N N 249 
LYS NZ   N N N 250 
LYS OXT  O N N 251 
LYS H    H N N 252 
LYS H2   H N N 253 
LYS HA   H N N 254 
LYS HB2  H N N 255 
LYS HB3  H N N 256 
LYS HG2  H N N 257 
LYS HG3  H N N 258 
LYS HD2  H N N 259 
LYS HD3  H N N 260 
LYS HE2  H N N 261 
LYS HE3  H N N 262 
LYS HZ1  H N N 263 
LYS HZ2  H N N 264 
LYS HZ3  H N N 265 
LYS HXT  H N N 266 
PHE N    N N N 267 
PHE CA   C N S 268 
PHE C    C N N 269 
PHE O    O N N 270 
PHE CB   C N N 271 
PHE CG   C Y N 272 
PHE CD1  C Y N 273 
PHE CD2  C Y N 274 
PHE CE1  C Y N 275 
PHE CE2  C Y N 276 
PHE CZ   C Y N 277 
PHE OXT  O N N 278 
PHE H    H N N 279 
PHE H2   H N N 280 
PHE HA   H N N 281 
PHE HB2  H N N 282 
PHE HB3  H N N 283 
PHE HD1  H N N 284 
PHE HD2  H N N 285 
PHE HE1  H N N 286 
PHE HE2  H N N 287 
PHE HZ   H N N 288 
PHE HXT  H N N 289 
PRO N    N N N 290 
PRO CA   C N S 291 
PRO C    C N N 292 
PRO O    O N N 293 
PRO CB   C N N 294 
PRO CG   C N N 295 
PRO CD   C N N 296 
PRO OXT  O N N 297 
PRO H    H N N 298 
PRO HA   H N N 299 
PRO HB2  H N N 300 
PRO HB3  H N N 301 
PRO HG2  H N N 302 
PRO HG3  H N N 303 
PRO HD2  H N N 304 
PRO HD3  H N N 305 
PRO HXT  H N N 306 
SER N    N N N 307 
SER CA   C N S 308 
SER C    C N N 309 
SER O    O N N 310 
SER CB   C N N 311 
SER OG   O N N 312 
SER OXT  O N N 313 
SER H    H N N 314 
SER H2   H N N 315 
SER HA   H N N 316 
SER HB2  H N N 317 
SER HB3  H N N 318 
SER HG   H N N 319 
SER HXT  H N N 320 
THR N    N N N 321 
THR CA   C N S 322 
THR C    C N N 323 
THR O    O N N 324 
THR CB   C N R 325 
THR OG1  O N N 326 
THR CG2  C N N 327 
THR OXT  O N N 328 
THR H    H N N 329 
THR H2   H N N 330 
THR HA   H N N 331 
THR HB   H N N 332 
THR HG1  H N N 333 
THR HG21 H N N 334 
THR HG22 H N N 335 
THR HG23 H N N 336 
THR HXT  H N N 337 
TRP N    N N N 338 
TRP CA   C N S 339 
TRP C    C N N 340 
TRP O    O N N 341 
TRP CB   C N N 342 
TRP CG   C Y N 343 
TRP CD1  C Y N 344 
TRP CD2  C Y N 345 
TRP NE1  N Y N 346 
TRP CE2  C Y N 347 
TRP CE3  C Y N 348 
TRP CZ2  C Y N 349 
TRP CZ3  C Y N 350 
TRP CH2  C Y N 351 
TRP OXT  O N N 352 
TRP H    H N N 353 
TRP H2   H N N 354 
TRP HA   H N N 355 
TRP HB2  H N N 356 
TRP HB3  H N N 357 
TRP HD1  H N N 358 
TRP HE1  H N N 359 
TRP HE3  H N N 360 
TRP HZ2  H N N 361 
TRP HZ3  H N N 362 
TRP HH2  H N N 363 
TRP HXT  H N N 364 
TYR N    N N N 365 
TYR CA   C N S 366 
TYR C    C N N 367 
TYR O    O N N 368 
TYR CB   C N N 369 
TYR CG   C Y N 370 
TYR CD1  C Y N 371 
TYR CD2  C Y N 372 
TYR CE1  C Y N 373 
TYR CE2  C Y N 374 
TYR CZ   C Y N 375 
TYR OH   O N N 376 
TYR OXT  O N N 377 
TYR H    H N N 378 
TYR H2   H N N 379 
TYR HA   H N N 380 
TYR HB2  H N N 381 
TYR HB3  H N N 382 
TYR HD1  H N N 383 
TYR HD2  H N N 384 
TYR HE1  H N N 385 
TYR HE2  H N N 386 
TYR HH   H N N 387 
TYR HXT  H N N 388 
VAL N    N N N 389 
VAL CA   C N S 390 
VAL C    C N N 391 
VAL O    O N N 392 
VAL CB   C N N 393 
VAL CG1  C N N 394 
VAL CG2  C N N 395 
VAL OXT  O N N 396 
VAL H    H N N 397 
VAL H2   H N N 398 
VAL HA   H N N 399 
VAL HB   H N N 400 
VAL HG11 H N N 401 
VAL HG12 H N N 402 
VAL HG13 H N N 403 
VAL HG21 H N N 404 
VAL HG22 H N N 405 
VAL HG23 H N N 406 
VAL HXT  H N N 407 
# 
loop_
_chem_comp_bond.comp_id 
_chem_comp_bond.atom_id_1 
_chem_comp_bond.atom_id_2 
_chem_comp_bond.value_order 
_chem_comp_bond.pdbx_aromatic_flag 
_chem_comp_bond.pdbx_stereo_config 
_chem_comp_bond.pdbx_ordinal 
ALA N   CA   sing N N 1   
ALA N   H    sing N N 2   
ALA N   H2   sing N N 3   
ALA CA  C    sing N N 4   
ALA CA  CB   sing N N 5   
ALA CA  HA   sing N N 6   
ALA C   O    doub N N 7   
ALA C   OXT  sing N N 8   
ALA CB  HB1  sing N N 9   
ALA CB  HB2  sing N N 10  
ALA CB  HB3  sing N N 11  
ALA OXT HXT  sing N N 12  
ARG N   CA   sing N N 13  
ARG N   H    sing N N 14  
ARG N   H2   sing N N 15  
ARG CA  C    sing N N 16  
ARG CA  CB   sing N N 17  
ARG CA  HA   sing N N 18  
ARG C   O    doub N N 19  
ARG C   OXT  sing N N 20  
ARG CB  CG   sing N N 21  
ARG CB  HB2  sing N N 22  
ARG CB  HB3  sing N N 23  
ARG CG  CD   sing N N 24  
ARG CG  HG2  sing N N 25  
ARG CG  HG3  sing N N 26  
ARG CD  NE   sing N N 27  
ARG CD  HD2  sing N N 28  
ARG CD  HD3  sing N N 29  
ARG NE  CZ   sing N N 30  
ARG NE  HE   sing N N 31  
ARG CZ  NH1  sing N N 32  
ARG CZ  NH2  doub N N 33  
ARG NH1 HH11 sing N N 34  
ARG NH1 HH12 sing N N 35  
ARG NH2 HH21 sing N N 36  
ARG NH2 HH22 sing N N 37  
ARG OXT HXT  sing N N 38  
ASN N   CA   sing N N 39  
ASN N   H    sing N N 40  
ASN N   H2   sing N N 41  
ASN CA  C    sing N N 42  
ASN CA  CB   sing N N 43  
ASN CA  HA   sing N N 44  
ASN C   O    doub N N 45  
ASN C   OXT  sing N N 46  
ASN CB  CG   sing N N 47  
ASN CB  HB2  sing N N 48  
ASN CB  HB3  sing N N 49  
ASN CG  OD1  doub N N 50  
ASN CG  ND2  sing N N 51  
ASN ND2 HD21 sing N N 52  
ASN ND2 HD22 sing N N 53  
ASN OXT HXT  sing N N 54  
ASP N   CA   sing N N 55  
ASP N   H    sing N N 56  
ASP N   H2   sing N N 57  
ASP CA  C    sing N N 58  
ASP CA  CB   sing N N 59  
ASP CA  HA   sing N N 60  
ASP C   O    doub N N 61  
ASP C   OXT  sing N N 62  
ASP CB  CG   sing N N 63  
ASP CB  HB2  sing N N 64  
ASP CB  HB3  sing N N 65  
ASP CG  OD1  doub N N 66  
ASP CG  OD2  sing N N 67  
ASP OD2 HD2  sing N N 68  
ASP OXT HXT  sing N N 69  
CYS N   CA   sing N N 70  
CYS N   H    sing N N 71  
CYS N   H2   sing N N 72  
CYS CA  C    sing N N 73  
CYS CA  CB   sing N N 74  
CYS CA  HA   sing N N 75  
CYS C   O    doub N N 76  
CYS C   OXT  sing N N 77  
CYS CB  SG   sing N N 78  
CYS CB  HB2  sing N N 79  
CYS CB  HB3  sing N N 80  
CYS SG  HG   sing N N 81  
CYS OXT HXT  sing N N 82  
GLN N   CA   sing N N 83  
GLN N   H    sing N N 84  
GLN N   H2   sing N N 85  
GLN CA  C    sing N N 86  
GLN CA  CB   sing N N 87  
GLN CA  HA   sing N N 88  
GLN C   O    doub N N 89  
GLN C   OXT  sing N N 90  
GLN CB  CG   sing N N 91  
GLN CB  HB2  sing N N 92  
GLN CB  HB3  sing N N 93  
GLN CG  CD   sing N N 94  
GLN CG  HG2  sing N N 95  
GLN CG  HG3  sing N N 96  
GLN CD  OE1  doub N N 97  
GLN CD  NE2  sing N N 98  
GLN NE2 HE21 sing N N 99  
GLN NE2 HE22 sing N N 100 
GLN OXT HXT  sing N N 101 
GLU N   CA   sing N N 102 
GLU N   H    sing N N 103 
GLU N   H2   sing N N 104 
GLU CA  C    sing N N 105 
GLU CA  CB   sing N N 106 
GLU CA  HA   sing N N 107 
GLU C   O    doub N N 108 
GLU C   OXT  sing N N 109 
GLU CB  CG   sing N N 110 
GLU CB  HB2  sing N N 111 
GLU CB  HB3  sing N N 112 
GLU CG  CD   sing N N 113 
GLU CG  HG2  sing N N 114 
GLU CG  HG3  sing N N 115 
GLU CD  OE1  doub N N 116 
GLU CD  OE2  sing N N 117 
GLU OE2 HE2  sing N N 118 
GLU OXT HXT  sing N N 119 
GLY N   CA   sing N N 120 
GLY N   H    sing N N 121 
GLY N   H2   sing N N 122 
GLY CA  C    sing N N 123 
GLY CA  HA2  sing N N 124 
GLY CA  HA3  sing N N 125 
GLY C   O    doub N N 126 
GLY C   OXT  sing N N 127 
GLY OXT HXT  sing N N 128 
GSH N1  CA1  sing N N 129 
GSH N1  HN11 sing N N 130 
GSH N1  HN12 sing N N 131 
GSH CA1 C1   sing N N 132 
GSH CA1 CB1  sing N N 133 
GSH CA1 HA1  sing N N 134 
GSH C1  O11  doub N N 135 
GSH C1  O12  sing N N 136 
GSH O12 H12  sing N N 137 
GSH CB1 CG1  sing N N 138 
GSH CB1 HB12 sing N N 139 
GSH CB1 HB13 sing N N 140 
GSH CG1 CD1  sing N N 141 
GSH CG1 HG12 sing N N 142 
GSH CG1 HG13 sing N N 143 
GSH CD1 OE1  doub N N 144 
GSH CD1 N2   sing N N 145 
GSH N2  CA2  sing N N 146 
GSH N2  HN2  sing N N 147 
GSH CA2 C2   sing N N 148 
GSH CA2 CB2  sing N N 149 
GSH CA2 HA2  sing N N 150 
GSH C2  O2   doub N N 151 
GSH C2  N3   sing N N 152 
GSH CB2 SG2  sing N N 153 
GSH CB2 HB22 sing N N 154 
GSH CB2 HB23 sing N N 155 
GSH SG2 HSG  sing N N 156 
GSH N3  CA3  sing N N 157 
GSH N3  HN3  sing N N 158 
GSH CA3 C3   sing N N 159 
GSH CA3 HA31 sing N N 160 
GSH CA3 HA32 sing N N 161 
GSH C3  O31  doub N N 162 
GSH C3  O32  sing N N 163 
GSH O32 H32  sing N N 164 
HIS N   CA   sing N N 165 
HIS N   H    sing N N 166 
HIS N   H2   sing N N 167 
HIS CA  C    sing N N 168 
HIS CA  CB   sing N N 169 
HIS CA  HA   sing N N 170 
HIS C   O    doub N N 171 
HIS C   OXT  sing N N 172 
HIS CB  CG   sing N N 173 
HIS CB  HB2  sing N N 174 
HIS CB  HB3  sing N N 175 
HIS CG  ND1  sing Y N 176 
HIS CG  CD2  doub Y N 177 
HIS ND1 CE1  doub Y N 178 
HIS ND1 HD1  sing N N 179 
HIS CD2 NE2  sing Y N 180 
HIS CD2 HD2  sing N N 181 
HIS CE1 NE2  sing Y N 182 
HIS CE1 HE1  sing N N 183 
HIS NE2 HE2  sing N N 184 
HIS OXT HXT  sing N N 185 
HOH O   H1   sing N N 186 
HOH O   H2   sing N N 187 
ILE N   CA   sing N N 188 
ILE N   H    sing N N 189 
ILE N   H2   sing N N 190 
ILE CA  C    sing N N 191 
ILE CA  CB   sing N N 192 
ILE CA  HA   sing N N 193 
ILE C   O    doub N N 194 
ILE C   OXT  sing N N 195 
ILE CB  CG1  sing N N 196 
ILE CB  CG2  sing N N 197 
ILE CB  HB   sing N N 198 
ILE CG1 CD1  sing N N 199 
ILE CG1 HG12 sing N N 200 
ILE CG1 HG13 sing N N 201 
ILE CG2 HG21 sing N N 202 
ILE CG2 HG22 sing N N 203 
ILE CG2 HG23 sing N N 204 
ILE CD1 HD11 sing N N 205 
ILE CD1 HD12 sing N N 206 
ILE CD1 HD13 sing N N 207 
ILE OXT HXT  sing N N 208 
LEU N   CA   sing N N 209 
LEU N   H    sing N N 210 
LEU N   H2   sing N N 211 
LEU CA  C    sing N N 212 
LEU CA  CB   sing N N 213 
LEU CA  HA   sing N N 214 
LEU C   O    doub N N 215 
LEU C   OXT  sing N N 216 
LEU CB  CG   sing N N 217 
LEU CB  HB2  sing N N 218 
LEU CB  HB3  sing N N 219 
LEU CG  CD1  sing N N 220 
LEU CG  CD2  sing N N 221 
LEU CG  HG   sing N N 222 
LEU CD1 HD11 sing N N 223 
LEU CD1 HD12 sing N N 224 
LEU CD1 HD13 sing N N 225 
LEU CD2 HD21 sing N N 226 
LEU CD2 HD22 sing N N 227 
LEU CD2 HD23 sing N N 228 
LEU OXT HXT  sing N N 229 
LYS N   CA   sing N N 230 
LYS N   H    sing N N 231 
LYS N   H2   sing N N 232 
LYS CA  C    sing N N 233 
LYS CA  CB   sing N N 234 
LYS CA  HA   sing N N 235 
LYS C   O    doub N N 236 
LYS C   OXT  sing N N 237 
LYS CB  CG   sing N N 238 
LYS CB  HB2  sing N N 239 
LYS CB  HB3  sing N N 240 
LYS CG  CD   sing N N 241 
LYS CG  HG2  sing N N 242 
LYS CG  HG3  sing N N 243 
LYS CD  CE   sing N N 244 
LYS CD  HD2  sing N N 245 
LYS CD  HD3  sing N N 246 
LYS CE  NZ   sing N N 247 
LYS CE  HE2  sing N N 248 
LYS CE  HE3  sing N N 249 
LYS NZ  HZ1  sing N N 250 
LYS NZ  HZ2  sing N N 251 
LYS NZ  HZ3  sing N N 252 
LYS OXT HXT  sing N N 253 
PHE N   CA   sing N N 254 
PHE N   H    sing N N 255 
PHE N   H2   sing N N 256 
PHE CA  C    sing N N 257 
PHE CA  CB   sing N N 258 
PHE CA  HA   sing N N 259 
PHE C   O    doub N N 260 
PHE C   OXT  sing N N 261 
PHE CB  CG   sing N N 262 
PHE CB  HB2  sing N N 263 
PHE CB  HB3  sing N N 264 
PHE CG  CD1  doub Y N 265 
PHE CG  CD2  sing Y N 266 
PHE CD1 CE1  sing Y N 267 
PHE CD1 HD1  sing N N 268 
PHE CD2 CE2  doub Y N 269 
PHE CD2 HD2  sing N N 270 
PHE CE1 CZ   doub Y N 271 
PHE CE1 HE1  sing N N 272 
PHE CE2 CZ   sing Y N 273 
PHE CE2 HE2  sing N N 274 
PHE CZ  HZ   sing N N 275 
PHE OXT HXT  sing N N 276 
PRO N   CA   sing N N 277 
PRO N   CD   sing N N 278 
PRO N   H    sing N N 279 
PRO CA  C    sing N N 280 
PRO CA  CB   sing N N 281 
PRO CA  HA   sing N N 282 
PRO C   O    doub N N 283 
PRO C   OXT  sing N N 284 
PRO CB  CG   sing N N 285 
PRO CB  HB2  sing N N 286 
PRO CB  HB3  sing N N 287 
PRO CG  CD   sing N N 288 
PRO CG  HG2  sing N N 289 
PRO CG  HG3  sing N N 290 
PRO CD  HD2  sing N N 291 
PRO CD  HD3  sing N N 292 
PRO OXT HXT  sing N N 293 
SER N   CA   sing N N 294 
SER N   H    sing N N 295 
SER N   H2   sing N N 296 
SER CA  C    sing N N 297 
SER CA  CB   sing N N 298 
SER CA  HA   sing N N 299 
SER C   O    doub N N 300 
SER C   OXT  sing N N 301 
SER CB  OG   sing N N 302 
SER CB  HB2  sing N N 303 
SER CB  HB3  sing N N 304 
SER OG  HG   sing N N 305 
SER OXT HXT  sing N N 306 
THR N   CA   sing N N 307 
THR N   H    sing N N 308 
THR N   H2   sing N N 309 
THR CA  C    sing N N 310 
THR CA  CB   sing N N 311 
THR CA  HA   sing N N 312 
THR C   O    doub N N 313 
THR C   OXT  sing N N 314 
THR CB  OG1  sing N N 315 
THR CB  CG2  sing N N 316 
THR CB  HB   sing N N 317 
THR OG1 HG1  sing N N 318 
THR CG2 HG21 sing N N 319 
THR CG2 HG22 sing N N 320 
THR CG2 HG23 sing N N 321 
THR OXT HXT  sing N N 322 
TRP N   CA   sing N N 323 
TRP N   H    sing N N 324 
TRP N   H2   sing N N 325 
TRP CA  C    sing N N 326 
TRP CA  CB   sing N N 327 
TRP CA  HA   sing N N 328 
TRP C   O    doub N N 329 
TRP C   OXT  sing N N 330 
TRP CB  CG   sing N N 331 
TRP CB  HB2  sing N N 332 
TRP CB  HB3  sing N N 333 
TRP CG  CD1  doub Y N 334 
TRP CG  CD2  sing Y N 335 
TRP CD1 NE1  sing Y N 336 
TRP CD1 HD1  sing N N 337 
TRP CD2 CE2  doub Y N 338 
TRP CD2 CE3  sing Y N 339 
TRP NE1 CE2  sing Y N 340 
TRP NE1 HE1  sing N N 341 
TRP CE2 CZ2  sing Y N 342 
TRP CE3 CZ3  doub Y N 343 
TRP CE3 HE3  sing N N 344 
TRP CZ2 CH2  doub Y N 345 
TRP CZ2 HZ2  sing N N 346 
TRP CZ3 CH2  sing Y N 347 
TRP CZ3 HZ3  sing N N 348 
TRP CH2 HH2  sing N N 349 
TRP OXT HXT  sing N N 350 
TYR N   CA   sing N N 351 
TYR N   H    sing N N 352 
TYR N   H2   sing N N 353 
TYR CA  C    sing N N 354 
TYR CA  CB   sing N N 355 
TYR CA  HA   sing N N 356 
TYR C   O    doub N N 357 
TYR C   OXT  sing N N 358 
TYR CB  CG   sing N N 359 
TYR CB  HB2  sing N N 360 
TYR CB  HB3  sing N N 361 
TYR CG  CD1  doub Y N 362 
TYR CG  CD2  sing Y N 363 
TYR CD1 CE1  sing Y N 364 
TYR CD1 HD1  sing N N 365 
TYR CD2 CE2  doub Y N 366 
TYR CD2 HD2  sing N N 367 
TYR CE1 CZ   doub Y N 368 
TYR CE1 HE1  sing N N 369 
TYR CE2 CZ   sing Y N 370 
TYR CE2 HE2  sing N N 371 
TYR CZ  OH   sing N N 372 
TYR OH  HH   sing N N 373 
TYR OXT HXT  sing N N 374 
VAL N   CA   sing N N 375 
VAL N   H    sing N N 376 
VAL N   H2   sing N N 377 
VAL CA  C    sing N N 378 
VAL CA  CB   sing N N 379 
VAL CA  HA   sing N N 380 
VAL C   O    doub N N 381 
VAL C   OXT  sing N N 382 
VAL CB  CG1  sing N N 383 
VAL CB  CG2  sing N N 384 
VAL CB  HB   sing N N 385 
VAL CG1 HG11 sing N N 386 
VAL CG1 HG12 sing N N 387 
VAL CG1 HG13 sing N N 388 
VAL CG2 HG21 sing N N 389 
VAL CG2 HG22 sing N N 390 
VAL CG2 HG23 sing N N 391 
VAL OXT HXT  sing N N 392 
# 
loop_
_pdbx_entity_nonpoly.entity_id 
_pdbx_entity_nonpoly.name 
_pdbx_entity_nonpoly.comp_id 
2 GLUTATHIONE GSH 
3 water       HOH 
# 
_pdbx_initial_refinement_model.id               1 
_pdbx_initial_refinement_model.entity_id_list   ? 
_pdbx_initial_refinement_model.type             'experimental model' 
_pdbx_initial_refinement_model.source_name      PDB 
_pdbx_initial_refinement_model.accession_code   2FLS 
_pdbx_initial_refinement_model.details          'PDB ENTRY 2FLS' 
# 
